data_4E89
# 
_entry.id   4E89 
# 
_audit_conform.dict_name       mmcif_pdbx.dic 
_audit_conform.dict_version    5.388 
_audit_conform.dict_location   http://mmcif.pdb.org/dictionaries/ascii/mmcif_pdbx.dic 
# 
loop_
_database_2.database_id 
_database_2.database_code 
_database_2.pdbx_database_accession 
_database_2.pdbx_DOI 
PDB   4E89         pdb_00004e89 10.2210/pdb4e89/pdb 
RCSB  RCSB071293   ?            ?                   
WWPDB D_1000071293 ?            ?                   
# 
loop_
_pdbx_audit_revision_history.ordinal 
_pdbx_audit_revision_history.data_content_type 
_pdbx_audit_revision_history.major_revision 
_pdbx_audit_revision_history.minor_revision 
_pdbx_audit_revision_history.revision_date 
1 'Structure model' 1 0 2012-10-17 
2 'Structure model' 1 1 2024-03-20 
# 
_pdbx_audit_revision_details.ordinal             1 
_pdbx_audit_revision_details.revision_ordinal    1 
_pdbx_audit_revision_details.data_content_type   'Structure model' 
_pdbx_audit_revision_details.provider            repository 
_pdbx_audit_revision_details.type                'Initial release' 
_pdbx_audit_revision_details.description         ? 
_pdbx_audit_revision_details.details             ? 
# 
loop_
_pdbx_audit_revision_group.ordinal 
_pdbx_audit_revision_group.revision_ordinal 
_pdbx_audit_revision_group.data_content_type 
_pdbx_audit_revision_group.group 
1 2 'Structure model' 'Data collection'      
2 2 'Structure model' 'Database references'  
3 2 'Structure model' 'Derived calculations' 
# 
loop_
_pdbx_audit_revision_category.ordinal 
_pdbx_audit_revision_category.revision_ordinal 
_pdbx_audit_revision_category.data_content_type 
_pdbx_audit_revision_category.category 
1 2 'Structure model' chem_comp_atom         
2 2 'Structure model' chem_comp_bond         
3 2 'Structure model' database_2             
4 2 'Structure model' pdbx_struct_conn_angle 
5 2 'Structure model' struct_conn            
6 2 'Structure model' struct_site            
# 
loop_
_pdbx_audit_revision_item.ordinal 
_pdbx_audit_revision_item.revision_ordinal 
_pdbx_audit_revision_item.data_content_type 
_pdbx_audit_revision_item.item 
1  2 'Structure model' '_database_2.pdbx_DOI'                        
2  2 'Structure model' '_database_2.pdbx_database_accession'         
3  2 'Structure model' '_pdbx_struct_conn_angle.ptnr1_auth_comp_id'  
4  2 'Structure model' '_pdbx_struct_conn_angle.ptnr1_auth_seq_id'   
5  2 'Structure model' '_pdbx_struct_conn_angle.ptnr1_label_atom_id' 
6  2 'Structure model' '_pdbx_struct_conn_angle.ptnr1_label_comp_id' 
7  2 'Structure model' '_pdbx_struct_conn_angle.ptnr1_label_seq_id'  
8  2 'Structure model' '_pdbx_struct_conn_angle.ptnr2_auth_comp_id'  
9  2 'Structure model' '_pdbx_struct_conn_angle.ptnr2_auth_seq_id'   
10 2 'Structure model' '_pdbx_struct_conn_angle.ptnr2_label_asym_id' 
11 2 'Structure model' '_pdbx_struct_conn_angle.ptnr2_label_atom_id' 
12 2 'Structure model' '_pdbx_struct_conn_angle.ptnr2_label_comp_id' 
13 2 'Structure model' '_pdbx_struct_conn_angle.ptnr3_auth_comp_id'  
14 2 'Structure model' '_pdbx_struct_conn_angle.ptnr3_auth_seq_id'   
15 2 'Structure model' '_pdbx_struct_conn_angle.ptnr3_label_atom_id' 
16 2 'Structure model' '_pdbx_struct_conn_angle.ptnr3_label_comp_id' 
17 2 'Structure model' '_pdbx_struct_conn_angle.ptnr3_label_seq_id'  
18 2 'Structure model' '_pdbx_struct_conn_angle.value'               
19 2 'Structure model' '_struct_conn.pdbx_dist_value'                
20 2 'Structure model' '_struct_conn.ptnr1_auth_comp_id'             
21 2 'Structure model' '_struct_conn.ptnr1_auth_seq_id'              
22 2 'Structure model' '_struct_conn.ptnr1_label_atom_id'            
23 2 'Structure model' '_struct_conn.ptnr1_label_comp_id'            
24 2 'Structure model' '_struct_conn.ptnr1_label_seq_id'             
25 2 'Structure model' '_struct_conn.ptnr2_auth_comp_id'             
26 2 'Structure model' '_struct_conn.ptnr2_auth_seq_id'              
27 2 'Structure model' '_struct_conn.ptnr2_label_asym_id'            
28 2 'Structure model' '_struct_conn.ptnr2_label_atom_id'            
29 2 'Structure model' '_struct_conn.ptnr2_label_comp_id'            
30 2 'Structure model' '_struct_site.pdbx_auth_asym_id'              
31 2 'Structure model' '_struct_site.pdbx_auth_comp_id'              
32 2 'Structure model' '_struct_site.pdbx_auth_seq_id'               
# 
_pdbx_database_status.status_code                     REL 
_pdbx_database_status.entry_id                        4E89 
_pdbx_database_status.recvd_initial_deposition_date   2012-03-19 
_pdbx_database_status.deposit_site                    RCSB 
_pdbx_database_status.process_site                    PDBJ 
_pdbx_database_status.methods_development_category    ? 
_pdbx_database_status.status_code_sf                  REL 
_pdbx_database_status.status_code_mr                  ? 
_pdbx_database_status.SG_entry                        ? 
_pdbx_database_status.status_code_cs                  ? 
_pdbx_database_status.pdb_format_compatible           Y 
_pdbx_database_status.status_code_nmr_data            ? 
# 
loop_
_audit_author.name 
_audit_author.pdbx_ordinal 
'Kim, J.H.' 1 
'Kim, S.J.' 2 
# 
_citation.id                        primary 
_citation.title                     'Crystal structure of xenotropic murine leukaemia virus-related virus (XMRV) ribonuclease H' 
_citation.journal_abbrev            Biosci.Rep. 
_citation.journal_volume            32 
_citation.page_first                455 
_citation.page_last                 463 
_citation.year                      2012 
_citation.journal_id_ASTM           ? 
_citation.country                   US 
_citation.journal_id_ISSN           0144-8463 
_citation.journal_id_CSD            ? 
_citation.book_publisher            ? 
_citation.pdbx_database_id_PubMed   22724525 
_citation.pdbx_database_id_DOI      10.1042/BSR20120028 
# 
loop_
_citation_author.citation_id 
_citation_author.name 
_citation_author.ordinal 
_citation_author.identifier_ORCID 
primary 'Kim, J.H.'     1 ? 
primary 'Kang, S.'      2 ? 
primary 'Jung, S.K.'    3 ? 
primary 'Yu, K.R.'      4 ? 
primary 'Chung, S.J.'   5 ? 
primary 'Chung, B.H.'   6 ? 
primary 'Erikson, R.L.' 7 ? 
primary 'Kim, B.Y.'     8 ? 
primary 'Kim, S.J.'     9 ? 
# 
loop_
_entity.id 
_entity.type 
_entity.src_method 
_entity.pdbx_description 
_entity.formula_weight 
_entity.pdbx_number_of_molecules 
_entity.pdbx_ec 
_entity.pdbx_mutation 
_entity.pdbx_fragment 
_entity.details 
1 polymer     man 'RNase H'       17304.611 1 3.1.26.4 ? ? ? 
2 non-polymer syn 'CADMIUM ION'   112.411   4 ?        ? ? ? 
3 non-polymer syn 'MAGNESIUM ION' 24.305    1 ?        ? ? ? 
# 
_entity_name_com.entity_id   1 
_entity_name_com.name        Ribonulease 
# 
_entity_poly.entity_id                      1 
_entity_poly.type                           'polypeptide(L)' 
_entity_poly.nstd_linkage                   no 
_entity_poly.nstd_monomer                   no 
_entity_poly.pdbx_seq_one_letter_code       
;PDLTDQPIPDADYTWYTDGSSFLQEGQRRAGAAVTTETEVIWARALPAGTSAQRAELIALTQALKMAEGKKLNVYTDSRY
AFATAHVHGEIYRRRGLLTSEGREIKNKNEILALLKALFLPKRLSIIHCPGHQKGNSAEARGNRMADQAAREAAMKA
;
_entity_poly.pdbx_seq_one_letter_code_can   
;PDLTDQPIPDADYTWYTDGSSFLQEGQRRAGAAVTTETEVIWARALPAGTSAQRAELIALTQALKMAEGKKLNVYTDSRY
AFATAHVHGEIYRRRGLLTSEGREIKNKNEILALLKALFLPKRLSIIHCPGHQKGNSAEARGNRMADQAAREAAMKA
;
_entity_poly.pdbx_strand_id                 A 
_entity_poly.pdbx_target_identifier         ? 
# 
loop_
_pdbx_entity_nonpoly.entity_id 
_pdbx_entity_nonpoly.name 
_pdbx_entity_nonpoly.comp_id 
2 'CADMIUM ION'   CD 
3 'MAGNESIUM ION' MG 
# 
loop_
_entity_poly_seq.entity_id 
_entity_poly_seq.num 
_entity_poly_seq.mon_id 
_entity_poly_seq.hetero 
1 1   PRO n 
1 2   ASP n 
1 3   LEU n 
1 4   THR n 
1 5   ASP n 
1 6   GLN n 
1 7   PRO n 
1 8   ILE n 
1 9   PRO n 
1 10  ASP n 
1 11  ALA n 
1 12  ASP n 
1 13  TYR n 
1 14  THR n 
1 15  TRP n 
1 16  TYR n 
1 17  THR n 
1 18  ASP n 
1 19  GLY n 
1 20  SER n 
1 21  SER n 
1 22  PHE n 
1 23  LEU n 
1 24  GLN n 
1 25  GLU n 
1 26  GLY n 
1 27  GLN n 
1 28  ARG n 
1 29  ARG n 
1 30  ALA n 
1 31  GLY n 
1 32  ALA n 
1 33  ALA n 
1 34  VAL n 
1 35  THR n 
1 36  THR n 
1 37  GLU n 
1 38  THR n 
1 39  GLU n 
1 40  VAL n 
1 41  ILE n 
1 42  TRP n 
1 43  ALA n 
1 44  ARG n 
1 45  ALA n 
1 46  LEU n 
1 47  PRO n 
1 48  ALA n 
1 49  GLY n 
1 50  THR n 
1 51  SER n 
1 52  ALA n 
1 53  GLN n 
1 54  ARG n 
1 55  ALA n 
1 56  GLU n 
1 57  LEU n 
1 58  ILE n 
1 59  ALA n 
1 60  LEU n 
1 61  THR n 
1 62  GLN n 
1 63  ALA n 
1 64  LEU n 
1 65  LYS n 
1 66  MET n 
1 67  ALA n 
1 68  GLU n 
1 69  GLY n 
1 70  LYS n 
1 71  LYS n 
1 72  LEU n 
1 73  ASN n 
1 74  VAL n 
1 75  TYR n 
1 76  THR n 
1 77  ASP n 
1 78  SER n 
1 79  ARG n 
1 80  TYR n 
1 81  ALA n 
1 82  PHE n 
1 83  ALA n 
1 84  THR n 
1 85  ALA n 
1 86  HIS n 
1 87  VAL n 
1 88  HIS n 
1 89  GLY n 
1 90  GLU n 
1 91  ILE n 
1 92  TYR n 
1 93  ARG n 
1 94  ARG n 
1 95  ARG n 
1 96  GLY n 
1 97  LEU n 
1 98  LEU n 
1 99  THR n 
1 100 SER n 
1 101 GLU n 
1 102 GLY n 
1 103 ARG n 
1 104 GLU n 
1 105 ILE n 
1 106 LYS n 
1 107 ASN n 
1 108 LYS n 
1 109 ASN n 
1 110 GLU n 
1 111 ILE n 
1 112 LEU n 
1 113 ALA n 
1 114 LEU n 
1 115 LEU n 
1 116 LYS n 
1 117 ALA n 
1 118 LEU n 
1 119 PHE n 
1 120 LEU n 
1 121 PRO n 
1 122 LYS n 
1 123 ARG n 
1 124 LEU n 
1 125 SER n 
1 126 ILE n 
1 127 ILE n 
1 128 HIS n 
1 129 CYS n 
1 130 PRO n 
1 131 GLY n 
1 132 HIS n 
1 133 GLN n 
1 134 LYS n 
1 135 GLY n 
1 136 ASN n 
1 137 SER n 
1 138 ALA n 
1 139 GLU n 
1 140 ALA n 
1 141 ARG n 
1 142 GLY n 
1 143 ASN n 
1 144 ARG n 
1 145 MET n 
1 146 ALA n 
1 147 ASP n 
1 148 GLN n 
1 149 ALA n 
1 150 ALA n 
1 151 ARG n 
1 152 GLU n 
1 153 ALA n 
1 154 ALA n 
1 155 MET n 
1 156 LYS n 
1 157 ALA n 
# 
_entity_src_gen.entity_id                          1 
_entity_src_gen.pdbx_src_id                        1 
_entity_src_gen.pdbx_alt_source_flag               sample 
_entity_src_gen.pdbx_seq_type                      ? 
_entity_src_gen.pdbx_beg_seq_num                   ? 
_entity_src_gen.pdbx_end_seq_num                   ? 
_entity_src_gen.gene_src_common_name               XMRV 
_entity_src_gen.gene_src_genus                     ? 
_entity_src_gen.pdbx_gene_src_gene                 ? 
_entity_src_gen.gene_src_species                   ? 
_entity_src_gen.gene_src_strain                    VP62 
_entity_src_gen.gene_src_tissue                    ? 
_entity_src_gen.gene_src_tissue_fraction           ? 
_entity_src_gen.gene_src_details                   ? 
_entity_src_gen.pdbx_gene_src_fragment             ? 
_entity_src_gen.pdbx_gene_src_scientific_name      'Xenotropic MuLV-related virus' 
_entity_src_gen.pdbx_gene_src_ncbi_taxonomy_id     373193 
_entity_src_gen.pdbx_gene_src_variant              ? 
_entity_src_gen.pdbx_gene_src_cell_line            ? 
_entity_src_gen.pdbx_gene_src_atcc                 ? 
_entity_src_gen.pdbx_gene_src_organ                ? 
_entity_src_gen.pdbx_gene_src_organelle            ? 
_entity_src_gen.pdbx_gene_src_cell                 ? 
_entity_src_gen.pdbx_gene_src_cellular_location    ? 
_entity_src_gen.host_org_common_name               ? 
_entity_src_gen.pdbx_host_org_scientific_name      'Escherichia coli' 
_entity_src_gen.pdbx_host_org_ncbi_taxonomy_id     562 
_entity_src_gen.host_org_genus                     ? 
_entity_src_gen.pdbx_host_org_gene                 ? 
_entity_src_gen.pdbx_host_org_organ                ? 
_entity_src_gen.host_org_species                   ? 
_entity_src_gen.pdbx_host_org_tissue               ? 
_entity_src_gen.pdbx_host_org_tissue_fraction      ? 
_entity_src_gen.pdbx_host_org_strain               ? 
_entity_src_gen.pdbx_host_org_variant              ? 
_entity_src_gen.pdbx_host_org_cell_line            ? 
_entity_src_gen.pdbx_host_org_atcc                 ? 
_entity_src_gen.pdbx_host_org_culture_collection   ? 
_entity_src_gen.pdbx_host_org_cell                 ? 
_entity_src_gen.pdbx_host_org_organelle            ? 
_entity_src_gen.pdbx_host_org_cellular_location    ? 
_entity_src_gen.pdbx_host_org_vector_type          ? 
_entity_src_gen.pdbx_host_org_vector               ? 
_entity_src_gen.host_org_details                   ? 
_entity_src_gen.expression_system_id               ? 
_entity_src_gen.plasmid_name                       ? 
_entity_src_gen.plasmid_details                    ? 
_entity_src_gen.pdbx_description                   ? 
# 
loop_
_chem_comp.id 
_chem_comp.type 
_chem_comp.mon_nstd_flag 
_chem_comp.name 
_chem_comp.pdbx_synonyms 
_chem_comp.formula 
_chem_comp.formula_weight 
ALA 'L-peptide linking' y ALANINE         ? 'C3 H7 N O2'     89.093  
ARG 'L-peptide linking' y ARGININE        ? 'C6 H15 N4 O2 1' 175.209 
ASN 'L-peptide linking' y ASPARAGINE      ? 'C4 H8 N2 O3'    132.118 
ASP 'L-peptide linking' y 'ASPARTIC ACID' ? 'C4 H7 N O4'     133.103 
CD  non-polymer         . 'CADMIUM ION'   ? 'Cd 2'           112.411 
CYS 'L-peptide linking' y CYSTEINE        ? 'C3 H7 N O2 S'   121.158 
GLN 'L-peptide linking' y GLUTAMINE       ? 'C5 H10 N2 O3'   146.144 
GLU 'L-peptide linking' y 'GLUTAMIC ACID' ? 'C5 H9 N O4'     147.129 
GLY 'peptide linking'   y GLYCINE         ? 'C2 H5 N O2'     75.067  
HIS 'L-peptide linking' y HISTIDINE       ? 'C6 H10 N3 O2 1' 156.162 
ILE 'L-peptide linking' y ISOLEUCINE      ? 'C6 H13 N O2'    131.173 
LEU 'L-peptide linking' y LEUCINE         ? 'C6 H13 N O2'    131.173 
LYS 'L-peptide linking' y LYSINE          ? 'C6 H15 N2 O2 1' 147.195 
MET 'L-peptide linking' y METHIONINE      ? 'C5 H11 N O2 S'  149.211 
MG  non-polymer         . 'MAGNESIUM ION' ? 'Mg 2'           24.305  
PHE 'L-peptide linking' y PHENYLALANINE   ? 'C9 H11 N O2'    165.189 
PRO 'L-peptide linking' y PROLINE         ? 'C5 H9 N O2'     115.130 
SER 'L-peptide linking' y SERINE          ? 'C3 H7 N O3'     105.093 
THR 'L-peptide linking' y THREONINE       ? 'C4 H9 N O3'     119.119 
TRP 'L-peptide linking' y TRYPTOPHAN      ? 'C11 H12 N2 O2'  204.225 
TYR 'L-peptide linking' y TYROSINE        ? 'C9 H11 N O3'    181.189 
VAL 'L-peptide linking' y VALINE          ? 'C5 H11 N O2'    117.146 
# 
loop_
_pdbx_poly_seq_scheme.asym_id 
_pdbx_poly_seq_scheme.entity_id 
_pdbx_poly_seq_scheme.seq_id 
_pdbx_poly_seq_scheme.mon_id 
_pdbx_poly_seq_scheme.ndb_seq_num 
_pdbx_poly_seq_scheme.pdb_seq_num 
_pdbx_poly_seq_scheme.auth_seq_num 
_pdbx_poly_seq_scheme.pdb_mon_id 
_pdbx_poly_seq_scheme.auth_mon_id 
_pdbx_poly_seq_scheme.pdb_strand_id 
_pdbx_poly_seq_scheme.pdb_ins_code 
_pdbx_poly_seq_scheme.hetero 
A 1 1   PRO 1   507 507 PRO PRO A . n 
A 1 2   ASP 2   508 508 ASP ASP A . n 
A 1 3   LEU 3   509 509 LEU LEU A . n 
A 1 4   THR 4   510 510 THR THR A . n 
A 1 5   ASP 5   511 511 ASP ASP A . n 
A 1 6   GLN 6   512 512 GLN GLN A . n 
A 1 7   PRO 7   513 513 PRO PRO A . n 
A 1 8   ILE 8   514 514 ILE ILE A . n 
A 1 9   PRO 9   515 515 PRO PRO A . n 
A 1 10  ASP 10  516 516 ASP ASP A . n 
A 1 11  ALA 11  517 517 ALA ALA A . n 
A 1 12  ASP 12  518 518 ASP ASP A . n 
A 1 13  TYR 13  519 519 TYR TYR A . n 
A 1 14  THR 14  520 520 THR THR A . n 
A 1 15  TRP 15  521 521 TRP TRP A . n 
A 1 16  TYR 16  522 522 TYR TYR A . n 
A 1 17  THR 17  523 523 THR THR A . n 
A 1 18  ASP 18  524 524 ASP ASP A . n 
A 1 19  GLY 19  525 525 GLY GLY A . n 
A 1 20  SER 20  526 526 SER SER A . n 
A 1 21  SER 21  527 527 SER SER A . n 
A 1 22  PHE 22  528 528 PHE PHE A . n 
A 1 23  LEU 23  529 529 LEU LEU A . n 
A 1 24  GLN 24  530 530 GLN GLN A . n 
A 1 25  GLU 25  531 531 GLU GLU A . n 
A 1 26  GLY 26  532 532 GLY GLY A . n 
A 1 27  GLN 27  533 533 GLN GLN A . n 
A 1 28  ARG 28  534 534 ARG ARG A . n 
A 1 29  ARG 29  535 535 ARG ARG A . n 
A 1 30  ALA 30  536 536 ALA ALA A . n 
A 1 31  GLY 31  537 537 GLY GLY A . n 
A 1 32  ALA 32  538 538 ALA ALA A . n 
A 1 33  ALA 33  539 539 ALA ALA A . n 
A 1 34  VAL 34  540 540 VAL VAL A . n 
A 1 35  THR 35  541 541 THR THR A . n 
A 1 36  THR 36  542 542 THR THR A . n 
A 1 37  GLU 37  543 543 GLU GLU A . n 
A 1 38  THR 38  544 544 THR THR A . n 
A 1 39  GLU 39  545 545 GLU GLU A . n 
A 1 40  VAL 40  546 546 VAL VAL A . n 
A 1 41  ILE 41  547 547 ILE ILE A . n 
A 1 42  TRP 42  548 548 TRP TRP A . n 
A 1 43  ALA 43  549 549 ALA ALA A . n 
A 1 44  ARG 44  550 550 ARG ARG A . n 
A 1 45  ALA 45  551 551 ALA ALA A . n 
A 1 46  LEU 46  552 552 LEU LEU A . n 
A 1 47  PRO 47  553 553 PRO PRO A . n 
A 1 48  ALA 48  554 554 ALA ALA A . n 
A 1 49  GLY 49  555 555 GLY GLY A . n 
A 1 50  THR 50  556 556 THR THR A . n 
A 1 51  SER 51  557 557 SER SER A . n 
A 1 52  ALA 52  558 558 ALA ALA A . n 
A 1 53  GLN 53  559 559 GLN GLN A . n 
A 1 54  ARG 54  560 560 ARG ARG A . n 
A 1 55  ALA 55  561 561 ALA ALA A . n 
A 1 56  GLU 56  562 562 GLU GLU A . n 
A 1 57  LEU 57  563 563 LEU LEU A . n 
A 1 58  ILE 58  564 564 ILE ILE A . n 
A 1 59  ALA 59  565 565 ALA ALA A . n 
A 1 60  LEU 60  566 566 LEU LEU A . n 
A 1 61  THR 61  567 567 THR THR A . n 
A 1 62  GLN 62  568 568 GLN GLN A . n 
A 1 63  ALA 63  569 569 ALA ALA A . n 
A 1 64  LEU 64  570 570 LEU LEU A . n 
A 1 65  LYS 65  571 571 LYS LYS A . n 
A 1 66  MET 66  572 572 MET MET A . n 
A 1 67  ALA 67  573 573 ALA ALA A . n 
A 1 68  GLU 68  574 574 GLU GLU A . n 
A 1 69  GLY 69  575 575 GLY GLY A . n 
A 1 70  LYS 70  576 576 LYS LYS A . n 
A 1 71  LYS 71  577 577 LYS LYS A . n 
A 1 72  LEU 72  578 578 LEU LEU A . n 
A 1 73  ASN 73  579 579 ASN ASN A . n 
A 1 74  VAL 74  580 580 VAL VAL A . n 
A 1 75  TYR 75  581 581 TYR TYR A . n 
A 1 76  THR 76  582 582 THR THR A . n 
A 1 77  ASP 77  583 583 ASP ASP A . n 
A 1 78  SER 78  584 584 SER SER A . n 
A 1 79  ARG 79  585 585 ARG ARG A . n 
A 1 80  TYR 80  586 586 TYR TYR A . n 
A 1 81  ALA 81  587 587 ALA ALA A . n 
A 1 82  PHE 82  588 588 PHE PHE A . n 
A 1 83  ALA 83  589 589 ALA ALA A . n 
A 1 84  THR 84  590 590 THR THR A . n 
A 1 85  ALA 85  591 591 ALA ALA A . n 
A 1 86  HIS 86  592 592 HIS HIS A . n 
A 1 87  VAL 87  593 593 VAL VAL A . n 
A 1 88  HIS 88  594 594 HIS HIS A . n 
A 1 89  GLY 89  595 595 GLY GLY A . n 
A 1 90  GLU 90  596 596 GLU GLU A . n 
A 1 91  ILE 91  597 597 ILE ILE A . n 
A 1 92  TYR 92  598 598 TYR TYR A . n 
A 1 93  ARG 93  599 599 ARG ARG A . n 
A 1 94  ARG 94  600 600 ARG ARG A . n 
A 1 95  ARG 95  601 601 ARG ARG A . n 
A 1 96  GLY 96  602 602 GLY GLY A . n 
A 1 97  LEU 97  603 603 LEU LEU A . n 
A 1 98  LEU 98  604 604 LEU LEU A . n 
A 1 99  THR 99  605 605 THR THR A . n 
A 1 100 SER 100 606 606 SER SER A . n 
A 1 101 GLU 101 607 607 GLU GLU A . n 
A 1 102 GLY 102 608 608 GLY GLY A . n 
A 1 103 ARG 103 609 609 ARG ARG A . n 
A 1 104 GLU 104 610 610 GLU GLU A . n 
A 1 105 ILE 105 611 611 ILE ILE A . n 
A 1 106 LYS 106 612 612 LYS LYS A . n 
A 1 107 ASN 107 613 613 ASN ASN A . n 
A 1 108 LYS 108 614 614 LYS LYS A . n 
A 1 109 ASN 109 615 615 ASN ASN A . n 
A 1 110 GLU 110 616 616 GLU GLU A . n 
A 1 111 ILE 111 617 617 ILE ILE A . n 
A 1 112 LEU 112 618 618 LEU LEU A . n 
A 1 113 ALA 113 619 619 ALA ALA A . n 
A 1 114 LEU 114 620 620 LEU LEU A . n 
A 1 115 LEU 115 621 621 LEU LEU A . n 
A 1 116 LYS 116 622 622 LYS LYS A . n 
A 1 117 ALA 117 623 623 ALA ALA A . n 
A 1 118 LEU 118 624 624 LEU LEU A . n 
A 1 119 PHE 119 625 625 PHE PHE A . n 
A 1 120 LEU 120 626 626 LEU LEU A . n 
A 1 121 PRO 121 627 627 PRO PRO A . n 
A 1 122 LYS 122 628 628 LYS LYS A . n 
A 1 123 ARG 123 629 629 ARG ARG A . n 
A 1 124 LEU 124 630 630 LEU LEU A . n 
A 1 125 SER 125 631 631 SER SER A . n 
A 1 126 ILE 126 632 632 ILE ILE A . n 
A 1 127 ILE 127 633 633 ILE ILE A . n 
A 1 128 HIS 128 634 634 HIS HIS A . n 
A 1 129 CYS 129 635 635 CYS CYS A . n 
A 1 130 PRO 130 636 636 PRO PRO A . n 
A 1 131 GLY 131 637 637 GLY GLY A . n 
A 1 132 HIS 132 638 638 HIS HIS A . n 
A 1 133 GLN 133 639 639 GLN GLN A . n 
A 1 134 LYS 134 640 640 LYS LYS A . n 
A 1 135 GLY 135 641 641 GLY GLY A . n 
A 1 136 ASN 136 642 642 ASN ASN A . n 
A 1 137 SER 137 643 643 SER SER A . n 
A 1 138 ALA 138 644 644 ALA ALA A . n 
A 1 139 GLU 139 645 645 GLU GLU A . n 
A 1 140 ALA 140 646 646 ALA ALA A . n 
A 1 141 ARG 141 647 647 ARG ARG A . n 
A 1 142 GLY 142 648 648 GLY GLY A . n 
A 1 143 ASN 143 649 649 ASN ASN A . n 
A 1 144 ARG 144 650 650 ARG ARG A . n 
A 1 145 MET 145 651 651 MET MET A . n 
A 1 146 ALA 146 652 652 ALA ALA A . n 
A 1 147 ASP 147 653 653 ASP ASP A . n 
A 1 148 GLN 148 654 654 GLN GLN A . n 
A 1 149 ALA 149 655 655 ALA ALA A . n 
A 1 150 ALA 150 656 656 ALA ALA A . n 
A 1 151 ARG 151 657 657 ARG ARG A . n 
A 1 152 GLU 152 658 658 GLU GLU A . n 
A 1 153 ALA 153 659 659 ALA ALA A . n 
A 1 154 ALA 154 660 660 ALA ALA A . n 
A 1 155 MET 155 661 661 MET MET A . n 
A 1 156 LYS 156 662 662 LYS LYS A . n 
A 1 157 ALA 157 663 663 ALA ALA A . n 
# 
loop_
_pdbx_nonpoly_scheme.asym_id 
_pdbx_nonpoly_scheme.entity_id 
_pdbx_nonpoly_scheme.mon_id 
_pdbx_nonpoly_scheme.ndb_seq_num 
_pdbx_nonpoly_scheme.pdb_seq_num 
_pdbx_nonpoly_scheme.auth_seq_num 
_pdbx_nonpoly_scheme.pdb_mon_id 
_pdbx_nonpoly_scheme.auth_mon_id 
_pdbx_nonpoly_scheme.pdb_strand_id 
_pdbx_nonpoly_scheme.pdb_ins_code 
B 2 CD 1 701 664 CD CD2 A . 
C 2 CD 1 702 665 CD CD2 A . 
D 2 CD 1 703 666 CD CD2 A . 
E 2 CD 1 704 667 CD CD2 A . 
F 3 MG 1 705 668 MG MG2 A . 
# 
loop_
_software.name 
_software.classification 
_software.version 
_software.citation_id 
_software.pdbx_ordinal 
ADSC   'data collection' Quantum ? 1 
PHASER phasing           .       ? 2 
CNS    refinement        1.1     ? 3 
MOSFLM 'data reduction'  .       ? 4 
SCALA  'data scaling'    .       ? 5 
# 
_cell.entry_id           4E89 
_cell.length_a           63.700 
_cell.length_b           63.700 
_cell.length_c           163.920 
_cell.angle_alpha        90.00 
_cell.angle_beta         90.00 
_cell.angle_gamma        90.00 
_cell.Z_PDB              8 
_cell.pdbx_unique_axis   ? 
_cell.length_a_esd       ? 
_cell.length_b_esd       ? 
_cell.length_c_esd       ? 
_cell.angle_alpha_esd    ? 
_cell.angle_beta_esd     ? 
_cell.angle_gamma_esd    ? 
# 
_symmetry.entry_id                         4E89 
_symmetry.space_group_name_H-M             'P 43 21 2' 
_symmetry.pdbx_full_space_group_name_H-M   ? 
_symmetry.cell_setting                     ? 
_symmetry.Int_Tables_number                96 
_symmetry.space_group_name_Hall            ? 
# 
_exptl.entry_id          4E89 
_exptl.method            'X-RAY DIFFRACTION' 
_exptl.crystals_number   1 
# 
_exptl_crystal.id                    1 
_exptl_crystal.density_meas          ? 
_exptl_crystal.density_Matthews      4.80 
_exptl_crystal.density_percent_sol   74.40 
_exptl_crystal.description           ? 
_exptl_crystal.F_000                 ? 
_exptl_crystal.preparation           ? 
# 
_exptl_crystal_grow.crystal_id      1 
_exptl_crystal_grow.method          'VAPOR DIFFUSION, SITTING DROP' 
_exptl_crystal_grow.temp            291 
_exptl_crystal_grow.temp_details    ? 
_exptl_crystal_grow.pH              7.0 
_exptl_crystal_grow.pdbx_details    '0.3M NaOAc, 0.05M CdSO4, pH 7.0, VAPOR DIFFUSION, SITTING DROP, temperature 291K' 
_exptl_crystal_grow.pdbx_pH_range   . 
# 
_diffrn.id                     1 
_diffrn.ambient_temp           100 
_diffrn.ambient_temp_details   ? 
_diffrn.crystal_id             1 
# 
_diffrn_detector.diffrn_id              1 
_diffrn_detector.detector               CCD 
_diffrn_detector.type                   'ADSC QUANTUM 315' 
_diffrn_detector.pdbx_collection_date   2011-10-22 
_diffrn_detector.details                ? 
# 
_diffrn_radiation.diffrn_id                        1 
_diffrn_radiation.wavelength_id                    1 
_diffrn_radiation.pdbx_monochromatic_or_laue_m_l   M 
_diffrn_radiation.monochromator                    Mirrors 
_diffrn_radiation.pdbx_diffrn_protocol             'SINGLE WAVELENGTH' 
_diffrn_radiation.pdbx_scattering_type             x-ray 
# 
_diffrn_radiation_wavelength.id           1 
_diffrn_radiation_wavelength.wavelength   1.0 
_diffrn_radiation_wavelength.wt           1.0 
# 
_diffrn_source.diffrn_id                   1 
_diffrn_source.source                      SYNCHROTRON 
_diffrn_source.type                        'PHOTON FACTORY BEAMLINE BL-17A' 
_diffrn_source.pdbx_synchrotron_site       'Photon Factory' 
_diffrn_source.pdbx_synchrotron_beamline   BL-17A 
_diffrn_source.pdbx_wavelength             ? 
_diffrn_source.pdbx_wavelength_list        1.0 
# 
_reflns.entry_id                     4E89 
_reflns.observed_criterion_sigma_I   0 
_reflns.observed_criterion_sigma_F   0 
_reflns.d_resolution_low             50 
_reflns.d_resolution_high            2.6 
_reflns.number_obs                   11092 
_reflns.number_all                   11127 
_reflns.percent_possible_obs         99.9 
_reflns.pdbx_Rmerge_I_obs            ? 
_reflns.pdbx_Rsym_value              ? 
_reflns.pdbx_netI_over_sigmaI        ? 
_reflns.B_iso_Wilson_estimate        47.5 
_reflns.pdbx_redundancy              ? 
_reflns.R_free_details               ? 
_reflns.limit_h_max                  ? 
_reflns.limit_h_min                  ? 
_reflns.limit_k_max                  ? 
_reflns.limit_k_min                  ? 
_reflns.limit_l_max                  ? 
_reflns.limit_l_min                  ? 
_reflns.observed_criterion_F_max     ? 
_reflns.observed_criterion_F_min     ? 
_reflns.pdbx_chi_squared             ? 
_reflns.pdbx_scaling_rejects         ? 
_reflns.pdbx_ordinal                 1 
_reflns.pdbx_diffrn_id               1 
# 
_reflns_shell.d_res_high                  2.6 
_reflns_shell.d_res_low                   2.74 
_reflns_shell.percent_possible_all        100 
_reflns_shell.Rmerge_I_obs                ? 
_reflns_shell.pdbx_Rsym_value             ? 
_reflns_shell.meanI_over_sigI_obs         ? 
_reflns_shell.pdbx_redundancy             ? 
_reflns_shell.percent_possible_obs        ? 
_reflns_shell.number_unique_all           ? 
_reflns_shell.number_measured_all         ? 
_reflns_shell.number_measured_obs         ? 
_reflns_shell.number_unique_obs           ? 
_reflns_shell.pdbx_chi_squared            ? 
_reflns_shell.pdbx_rejects                ? 
_reflns_shell.pdbx_netI_over_sigmaI_obs   ? 
_reflns_shell.number_possible             ? 
_reflns_shell.Rmerge_F_all                ? 
_reflns_shell.Rmerge_F_obs                ? 
_reflns_shell.Rmerge_I_all                ? 
_reflns_shell.meanI_over_sigI_all         ? 
_reflns_shell.pdbx_Rrim_I_all             ? 
_reflns_shell.pdbx_Rpim_I_all             ? 
_reflns_shell.pdbx_ordinal                1 
_reflns_shell.pdbx_diffrn_id              1 
# 
_refine.entry_id                                 4E89 
_refine.ls_number_reflns_obs                     11022 
_refine.ls_number_reflns_all                     11127 
_refine.pdbx_ls_sigma_I                          ? 
_refine.pdbx_ls_sigma_F                          0.0 
_refine.pdbx_data_cutoff_high_absF               1631876.06 
_refine.pdbx_data_cutoff_low_absF                0.000000 
_refine.pdbx_data_cutoff_high_rms_absF           ? 
_refine.ls_d_res_low                             45.04 
_refine.ls_d_res_high                            2.60 
_refine.ls_percent_reflns_obs                    99.7 
_refine.ls_R_factor_obs                          0.239 
_refine.ls_R_factor_all                          ? 
_refine.ls_R_factor_R_work                       0.239 
_refine.ls_R_factor_R_free                       0.260 
_refine.ls_R_factor_R_free_error                 0.011 
_refine.ls_R_factor_R_free_error_details         ? 
_refine.ls_percent_reflns_R_free                 5.2 
_refine.ls_number_reflns_R_free                  570 
_refine.ls_number_parameters                     ? 
_refine.ls_number_restraints                     ? 
_refine.occupancy_min                            ? 
_refine.occupancy_max                            ? 
_refine.correlation_coeff_Fo_to_Fc               ? 
_refine.correlation_coeff_Fo_to_Fc_free          ? 
_refine.B_iso_mean                               64.4 
_refine.aniso_B[1][1]                            4.18 
_refine.aniso_B[2][2]                            4.18 
_refine.aniso_B[3][3]                            -8.35 
_refine.aniso_B[1][2]                            0.00 
_refine.aniso_B[1][3]                            0.00 
_refine.aniso_B[2][3]                            0.00 
_refine.solvent_model_details                    'FLAT MODEL' 
_refine.solvent_model_param_ksol                 0.35 
_refine.solvent_model_param_bsol                 34.1514 
_refine.pdbx_solvent_vdw_probe_radii             ? 
_refine.pdbx_solvent_ion_probe_radii             ? 
_refine.pdbx_solvent_shrinkage_radii             ? 
_refine.pdbx_ls_cross_valid_method               THROUGHOUT 
_refine.details                                  'BULK SOLVENT MODEL USED' 
_refine.pdbx_starting_model                      ? 
_refine.pdbx_method_to_determine_struct          'MOLECULAR REPLACEMENT' 
_refine.pdbx_isotropic_thermal_model             RESTRAINED 
_refine.pdbx_stereochemistry_target_values       'Engh & Huber' 
_refine.pdbx_stereochem_target_val_spec_case     ? 
_refine.pdbx_R_Free_selection_details            RANDOM 
_refine.pdbx_overall_ESU_R                       ? 
_refine.pdbx_overall_ESU_R_Free                  ? 
_refine.overall_SU_ML                            ? 
_refine.pdbx_overall_phase_error                 ? 
_refine.overall_SU_B                             ? 
_refine.overall_SU_R_Cruickshank_DPI             ? 
_refine.ls_redundancy_reflns_obs                 ? 
_refine.B_iso_min                                ? 
_refine.B_iso_max                                ? 
_refine.overall_SU_R_free                        ? 
_refine.ls_wR_factor_R_free                      ? 
_refine.ls_wR_factor_R_work                      ? 
_refine.overall_FOM_free_R_set                   ? 
_refine.overall_FOM_work_R_set                   ? 
_refine.pdbx_diffrn_id                           1 
_refine.pdbx_refine_id                           'X-RAY DIFFRACTION' 
_refine.pdbx_TLS_residual_ADP_flag               ? 
_refine.pdbx_overall_SU_R_free_Cruickshank_DPI   ? 
_refine.pdbx_overall_SU_R_Blow_DPI               ? 
_refine.pdbx_overall_SU_R_free_Blow_DPI          ? 
# 
_refine_analyze.entry_id                        4E89 
_refine_analyze.Luzzati_coordinate_error_obs    0.36 
_refine_analyze.Luzzati_sigma_a_obs             0.44 
_refine_analyze.Luzzati_d_res_low_obs           5.00 
_refine_analyze.Luzzati_coordinate_error_free   0.42 
_refine_analyze.Luzzati_sigma_a_free            0.52 
_refine_analyze.Luzzati_d_res_low_free          ? 
_refine_analyze.number_disordered_residues      ? 
_refine_analyze.occupancy_sum_hydrogen          ? 
_refine_analyze.occupancy_sum_non_hydrogen      ? 
_refine_analyze.pdbx_Luzzati_d_res_high_obs     ? 
_refine_analyze.pdbx_refine_id                  'X-RAY DIFFRACTION' 
# 
_refine_hist.pdbx_refine_id                   'X-RAY DIFFRACTION' 
_refine_hist.cycle_id                         LAST 
_refine_hist.pdbx_number_atoms_protein        1215 
_refine_hist.pdbx_number_atoms_nucleic_acid   0 
_refine_hist.pdbx_number_atoms_ligand         5 
_refine_hist.number_atoms_solvent             0 
_refine_hist.number_atoms_total               1220 
_refine_hist.d_res_high                       2.60 
_refine_hist.d_res_low                        45.04 
# 
loop_
_refine_ls_restr.type 
_refine_ls_restr.dev_ideal 
_refine_ls_restr.dev_ideal_target 
_refine_ls_restr.weight 
_refine_ls_restr.number 
_refine_ls_restr.pdbx_restraint_function 
_refine_ls_restr.pdbx_refine_id 
c_bond_d           0.008 ?    ? ? ? 'X-RAY DIFFRACTION' 
c_angle_deg        1.4   ?    ? ? ? 'X-RAY DIFFRACTION' 
c_dihedral_angle_d 23.5  ?    ? ? ? 'X-RAY DIFFRACTION' 
c_improper_angle_d 0.84  ?    ? ? ? 'X-RAY DIFFRACTION' 
c_mcbond_it        1.57  1.50 ? ? ? 'X-RAY DIFFRACTION' 
c_mcangle_it       2.82  2.00 ? ? ? 'X-RAY DIFFRACTION' 
c_scbond_it        2.07  2.00 ? ? ? 'X-RAY DIFFRACTION' 
c_scangle_it       3.31  2.50 ? ? ? 'X-RAY DIFFRACTION' 
# 
_refine_ls_shell.pdbx_refine_id                   'X-RAY DIFFRACTION' 
_refine_ls_shell.pdbx_total_number_of_bins_used   6 
_refine_ls_shell.d_res_high                       2.60 
_refine_ls_shell.d_res_low                        2.76 
_refine_ls_shell.number_reflns_R_work             1721 
_refine_ls_shell.R_factor_R_work                  0.328 
_refine_ls_shell.percent_reflns_obs               99.9 
_refine_ls_shell.R_factor_R_free                  0.384 
_refine_ls_shell.R_factor_R_free_error            0.045 
_refine_ls_shell.percent_reflns_R_free            4.1 
_refine_ls_shell.number_reflns_R_free             73 
_refine_ls_shell.number_reflns_all                ? 
_refine_ls_shell.R_factor_all                     ? 
_refine_ls_shell.number_reflns_obs                ? 
_refine_ls_shell.redundancy_reflns_obs            ? 
# 
loop_
_pdbx_xplor_file.pdbx_refine_id 
_pdbx_xplor_file.serial_no 
_pdbx_xplor_file.param_file 
_pdbx_xplor_file.topol_file 
'X-RAY DIFFRACTION' 1 protein_rep.param protein.top 
'X-RAY DIFFRACTION' 2 ion.param         ion.top     
# 
_struct.entry_id                  4E89 
_struct.title                     'Crystal Structure of RnaseH from gammaretrovirus' 
_struct.pdbx_model_details        ? 
_struct.pdbx_CASP_flag            ? 
_struct.pdbx_model_type_details   ? 
# 
_struct_keywords.entry_id        4E89 
_struct_keywords.pdbx_keywords   HYDROLASE 
_struct_keywords.text            'Rossmann Fold, Hydrolase' 
# 
loop_
_struct_asym.id 
_struct_asym.pdbx_blank_PDB_chainid_flag 
_struct_asym.pdbx_modified 
_struct_asym.entity_id 
_struct_asym.details 
A N N 1 ? 
B N N 2 ? 
C N N 2 ? 
D N N 2 ? 
E N N 2 ? 
F N N 3 ? 
# 
_struct_ref.id                         1 
_struct_ref.db_name                    UNP 
_struct_ref.db_code                    POL_XMRV6 
_struct_ref.pdbx_db_accession          A1Z651 
_struct_ref.entity_id                  1 
_struct_ref.pdbx_seq_one_letter_code   
;PDLTDQPIPDADYTWYTDGSSFLQEGQRRAGAAVTTETEVIWARALPAGTSAQRAELIALTQALKMAEGKKLNVYTDSRY
AFATAHVHGEIYRRRGLLTSEGREIKNKNEILALLKALFLPKRLSIIHCPGHQKGNSAEARGNRMADQAAREAAMKA
;
_struct_ref.pdbx_align_begin           1164 
_struct_ref.pdbx_db_isoform            ? 
# 
_struct_ref_seq.align_id                      1 
_struct_ref_seq.ref_id                        1 
_struct_ref_seq.pdbx_PDB_id_code              4E89 
_struct_ref_seq.pdbx_strand_id                A 
_struct_ref_seq.seq_align_beg                 1 
_struct_ref_seq.pdbx_seq_align_beg_ins_code   ? 
_struct_ref_seq.seq_align_end                 157 
_struct_ref_seq.pdbx_seq_align_end_ins_code   ? 
_struct_ref_seq.pdbx_db_accession             A1Z651 
_struct_ref_seq.db_align_beg                  1164 
_struct_ref_seq.pdbx_db_align_beg_ins_code    ? 
_struct_ref_seq.db_align_end                  1320 
_struct_ref_seq.pdbx_db_align_end_ins_code    ? 
_struct_ref_seq.pdbx_auth_seq_align_beg       507 
_struct_ref_seq.pdbx_auth_seq_align_end       663 
# 
loop_
_pdbx_struct_assembly.id 
_pdbx_struct_assembly.details 
_pdbx_struct_assembly.method_details 
_pdbx_struct_assembly.oligomeric_details 
_pdbx_struct_assembly.oligomeric_count 
1 author_defined_assembly   ?    monomeric 1 
2 software_defined_assembly PISA dimeric   2 
# 
loop_
_pdbx_struct_assembly_prop.biol_id 
_pdbx_struct_assembly_prop.type 
_pdbx_struct_assembly_prop.value 
_pdbx_struct_assembly_prop.details 
2 'ABSA (A^2)' 2230  ? 
2 MORE         -8    ? 
2 'SSA (A^2)'  15670 ? 
# 
loop_
_pdbx_struct_assembly_gen.assembly_id 
_pdbx_struct_assembly_gen.oper_expression 
_pdbx_struct_assembly_gen.asym_id_list 
1 1   A,B,C,D,E,F 
2 1,2 A,B,C,D,E,F 
# 
loop_
_pdbx_struct_oper_list.id 
_pdbx_struct_oper_list.type 
_pdbx_struct_oper_list.name 
_pdbx_struct_oper_list.symmetry_operation 
_pdbx_struct_oper_list.matrix[1][1] 
_pdbx_struct_oper_list.matrix[1][2] 
_pdbx_struct_oper_list.matrix[1][3] 
_pdbx_struct_oper_list.vector[1] 
_pdbx_struct_oper_list.matrix[2][1] 
_pdbx_struct_oper_list.matrix[2][2] 
_pdbx_struct_oper_list.matrix[2][3] 
_pdbx_struct_oper_list.vector[2] 
_pdbx_struct_oper_list.matrix[3][1] 
_pdbx_struct_oper_list.matrix[3][2] 
_pdbx_struct_oper_list.matrix[3][3] 
_pdbx_struct_oper_list.vector[3] 
1 'identity operation'         1_555 x,y,z  1.0000000000  0.0000000000 0.0000000000  0.0000000000  0.0000000000 1.0000000000 0.0000000000  0.0000000000   0.0000000000  0.0000000000  1.0000000000  0.0000000000   
2 'crystal symmetry operation' 7_555 y,x,-z -0.6597209089 0.6708085600 -0.3387981673 -5.7580430500 0.6708085600 0.3223972202 -0.6678891436 -10.2544658272 -0.3387981673 -0.6678891436 -0.6626763113 -26.0866969278 
# 
_struct_biol.id        1 
_struct_biol.details   ? 
# 
loop_
_struct_conf.conf_type_id 
_struct_conf.id 
_struct_conf.pdbx_PDB_helix_id 
_struct_conf.beg_label_comp_id 
_struct_conf.beg_label_asym_id 
_struct_conf.beg_label_seq_id 
_struct_conf.pdbx_beg_PDB_ins_code 
_struct_conf.end_label_comp_id 
_struct_conf.end_label_asym_id 
_struct_conf.end_label_seq_id 
_struct_conf.pdbx_end_PDB_ins_code 
_struct_conf.beg_auth_comp_id 
_struct_conf.beg_auth_asym_id 
_struct_conf.beg_auth_seq_id 
_struct_conf.end_auth_comp_id 
_struct_conf.end_auth_asym_id 
_struct_conf.end_auth_seq_id 
_struct_conf.pdbx_PDB_helix_class 
_struct_conf.details 
_struct_conf.pdbx_PDB_helix_length 
HELX_P HELX_P1 1 SER A 51  ? ALA A 67  ? SER A 557 ALA A 573 1 ? 17 
HELX_P HELX_P2 2 SER A 78  ? ALA A 85  ? SER A 584 ALA A 591 1 ? 8  
HELX_P HELX_P3 3 HIS A 88  ? ARG A 93  ? HIS A 594 ARG A 599 1 ? 6  
HELX_P HELX_P4 4 ASN A 107 ? LEU A 118 ? ASN A 613 LEU A 624 1 ? 12 
HELX_P HELX_P5 5 CYS A 129 ? GLN A 133 ? CYS A 635 GLN A 639 5 ? 5  
HELX_P HELX_P6 6 SER A 137 ? LYS A 156 ? SER A 643 LYS A 662 1 ? 20 
# 
_struct_conf_type.id          HELX_P 
_struct_conf_type.criteria    ? 
_struct_conf_type.reference   ? 
# 
loop_
_struct_conn.id 
_struct_conn.conn_type_id 
_struct_conn.pdbx_leaving_atom_flag 
_struct_conn.pdbx_PDB_id 
_struct_conn.ptnr1_label_asym_id 
_struct_conn.ptnr1_label_comp_id 
_struct_conn.ptnr1_label_seq_id 
_struct_conn.ptnr1_label_atom_id 
_struct_conn.pdbx_ptnr1_label_alt_id 
_struct_conn.pdbx_ptnr1_PDB_ins_code 
_struct_conn.pdbx_ptnr1_standard_comp_id 
_struct_conn.ptnr1_symmetry 
_struct_conn.ptnr2_label_asym_id 
_struct_conn.ptnr2_label_comp_id 
_struct_conn.ptnr2_label_seq_id 
_struct_conn.ptnr2_label_atom_id 
_struct_conn.pdbx_ptnr2_label_alt_id 
_struct_conn.pdbx_ptnr2_PDB_ins_code 
_struct_conn.ptnr1_auth_asym_id 
_struct_conn.ptnr1_auth_comp_id 
_struct_conn.ptnr1_auth_seq_id 
_struct_conn.ptnr2_auth_asym_id 
_struct_conn.ptnr2_auth_comp_id 
_struct_conn.ptnr2_auth_seq_id 
_struct_conn.ptnr2_symmetry 
_struct_conn.pdbx_ptnr3_label_atom_id 
_struct_conn.pdbx_ptnr3_label_seq_id 
_struct_conn.pdbx_ptnr3_label_comp_id 
_struct_conn.pdbx_ptnr3_label_asym_id 
_struct_conn.pdbx_ptnr3_label_alt_id 
_struct_conn.pdbx_ptnr3_PDB_ins_code 
_struct_conn.details 
_struct_conn.pdbx_dist_value 
_struct_conn.pdbx_value_order 
_struct_conn.pdbx_role 
metalc1  metalc ? ? A ASP 5   OD2 ? ? ? 1_555 B CD . CD ? ? A ASP 511 A CD 701 1_555 ? ? ? ? ? ? ? 2.265 ? ? 
metalc2  metalc ? ? A ASP 18  OD1 ? ? ? 1_555 F MG . MG ? ? A ASP 524 A MG 705 1_555 ? ? ? ? ? ? ? 2.358 ? ? 
metalc3  metalc ? ? A GLU 39  OE1 ? ? ? 1_555 E CD . CD ? ? A GLU 545 A CD 704 1_555 ? ? ? ? ? ? ? 2.117 ? ? 
metalc4  metalc ? ? A GLU 39  OE2 ? ? ? 1_555 E CD . CD ? ? A GLU 545 A CD 704 1_555 ? ? ? ? ? ? ? 2.180 ? ? 
metalc5  metalc ? ? A GLU 56  OE2 ? ? ? 1_555 F MG . MG ? ? A GLU 562 A MG 705 1_555 ? ? ? ? ? ? ? 1.757 ? ? 
metalc6  metalc ? ? A ASP 77  OD2 ? ? ? 1_555 F MG . MG ? ? A ASP 583 A MG 705 1_555 ? ? ? ? ? ? ? 1.991 ? ? 
metalc7  metalc ? ? A HIS 86  NE2 ? ? ? 1_555 B CD . CD ? ? A HIS 592 A CD 701 1_555 ? ? ? ? ? ? ? 2.084 ? ? 
metalc8  metalc ? ? A CYS 129 SG  ? ? ? 1_555 C CD . CD ? ? A CYS 635 A CD 702 1_555 ? ? ? ? ? ? ? 2.645 ? ? 
metalc9  metalc ? ? A CYS 129 SG  ? ? ? 1_555 D CD . CD ? ? A CYS 635 A CD 703 1_555 ? ? ? ? ? ? ? 2.479 ? ? 
metalc10 metalc ? ? A HIS 132 ND1 ? ? ? 1_555 D CD . CD ? ? A HIS 638 A CD 703 1_555 ? ? ? ? ? ? ? 2.416 ? ? 
metalc11 metalc ? ? A GLU 139 OE1 ? ? ? 1_555 D CD . CD ? ? A GLU 645 A CD 703 1_555 ? ? ? ? ? ? ? 2.408 ? ? 
# 
_struct_conn_type.id          metalc 
_struct_conn_type.criteria    ? 
_struct_conn_type.reference   ? 
# 
loop_
_pdbx_struct_conn_angle.id 
_pdbx_struct_conn_angle.ptnr1_label_atom_id 
_pdbx_struct_conn_angle.ptnr1_label_alt_id 
_pdbx_struct_conn_angle.ptnr1_label_asym_id 
_pdbx_struct_conn_angle.ptnr1_label_comp_id 
_pdbx_struct_conn_angle.ptnr1_label_seq_id 
_pdbx_struct_conn_angle.ptnr1_auth_atom_id 
_pdbx_struct_conn_angle.ptnr1_auth_asym_id 
_pdbx_struct_conn_angle.ptnr1_auth_comp_id 
_pdbx_struct_conn_angle.ptnr1_auth_seq_id 
_pdbx_struct_conn_angle.ptnr1_PDB_ins_code 
_pdbx_struct_conn_angle.ptnr1_symmetry 
_pdbx_struct_conn_angle.ptnr2_label_atom_id 
_pdbx_struct_conn_angle.ptnr2_label_alt_id 
_pdbx_struct_conn_angle.ptnr2_label_asym_id 
_pdbx_struct_conn_angle.ptnr2_label_comp_id 
_pdbx_struct_conn_angle.ptnr2_label_seq_id 
_pdbx_struct_conn_angle.ptnr2_auth_atom_id 
_pdbx_struct_conn_angle.ptnr2_auth_asym_id 
_pdbx_struct_conn_angle.ptnr2_auth_comp_id 
_pdbx_struct_conn_angle.ptnr2_auth_seq_id 
_pdbx_struct_conn_angle.ptnr2_PDB_ins_code 
_pdbx_struct_conn_angle.ptnr2_symmetry 
_pdbx_struct_conn_angle.ptnr3_label_atom_id 
_pdbx_struct_conn_angle.ptnr3_label_alt_id 
_pdbx_struct_conn_angle.ptnr3_label_asym_id 
_pdbx_struct_conn_angle.ptnr3_label_comp_id 
_pdbx_struct_conn_angle.ptnr3_label_seq_id 
_pdbx_struct_conn_angle.ptnr3_auth_atom_id 
_pdbx_struct_conn_angle.ptnr3_auth_asym_id 
_pdbx_struct_conn_angle.ptnr3_auth_comp_id 
_pdbx_struct_conn_angle.ptnr3_auth_seq_id 
_pdbx_struct_conn_angle.ptnr3_PDB_ins_code 
_pdbx_struct_conn_angle.ptnr3_symmetry 
_pdbx_struct_conn_angle.value 
_pdbx_struct_conn_angle.value_esd 
1 OD2 ? A ASP 5   ? A ASP 511 ? 1_555 CD ? B CD . ? A CD 701 ? 1_555 NE2 ? A HIS 86  ? A HIS 592 ? 1_555 95.2  ? 
2 OD1 ? A ASP 18  ? A ASP 524 ? 1_555 MG ? F MG . ? A MG 705 ? 1_555 OE2 ? A GLU 56  ? A GLU 562 ? 1_555 81.4  ? 
3 OD1 ? A ASP 18  ? A ASP 524 ? 1_555 MG ? F MG . ? A MG 705 ? 1_555 OD2 ? A ASP 77  ? A ASP 583 ? 1_555 107.0 ? 
4 OE2 ? A GLU 56  ? A GLU 562 ? 1_555 MG ? F MG . ? A MG 705 ? 1_555 OD2 ? A ASP 77  ? A ASP 583 ? 1_555 115.1 ? 
5 OE1 ? A GLU 39  ? A GLU 545 ? 1_555 CD ? E CD . ? A CD 704 ? 1_555 OE2 ? A GLU 39  ? A GLU 545 ? 1_555 62.2  ? 
6 SG  ? A CYS 129 ? A CYS 635 ? 1_555 CD ? D CD . ? A CD 703 ? 1_555 ND1 ? A HIS 132 ? A HIS 638 ? 1_555 98.9  ? 
7 SG  ? A CYS 129 ? A CYS 635 ? 1_555 CD ? D CD . ? A CD 703 ? 1_555 OE1 ? A GLU 139 ? A GLU 645 ? 1_555 139.0 ? 
8 ND1 ? A HIS 132 ? A HIS 638 ? 1_555 CD ? D CD . ? A CD 703 ? 1_555 OE1 ? A GLU 139 ? A GLU 645 ? 1_555 88.6  ? 
# 
_struct_sheet.id               A 
_struct_sheet.type             ? 
_struct_sheet.number_strands   5 
_struct_sheet.details          ? 
# 
loop_
_struct_sheet_order.sheet_id 
_struct_sheet_order.range_id_1 
_struct_sheet_order.range_id_2 
_struct_sheet_order.offset 
_struct_sheet_order.sense 
A 1 2 ? anti-parallel 
A 2 3 ? anti-parallel 
A 3 4 ? parallel      
A 4 5 ? parallel      
# 
loop_
_struct_sheet_range.sheet_id 
_struct_sheet_range.id 
_struct_sheet_range.beg_label_comp_id 
_struct_sheet_range.beg_label_asym_id 
_struct_sheet_range.beg_label_seq_id 
_struct_sheet_range.pdbx_beg_PDB_ins_code 
_struct_sheet_range.end_label_comp_id 
_struct_sheet_range.end_label_asym_id 
_struct_sheet_range.end_label_seq_id 
_struct_sheet_range.pdbx_end_PDB_ins_code 
_struct_sheet_range.beg_auth_comp_id 
_struct_sheet_range.beg_auth_asym_id 
_struct_sheet_range.beg_auth_seq_id 
_struct_sheet_range.end_auth_comp_id 
_struct_sheet_range.end_auth_asym_id 
_struct_sheet_range.end_auth_seq_id 
A 1 VAL A 40  ? LEU A 46  ? VAL A 546 LEU A 552 
A 2 ARG A 28  ? THR A 35  ? ARG A 534 THR A 541 
A 3 TYR A 13  ? LEU A 23  ? TYR A 519 LEU A 529 
A 4 LYS A 71  ? THR A 76  ? LYS A 577 THR A 582 
A 5 ARG A 123 ? ILE A 127 ? ARG A 629 ILE A 633 
# 
loop_
_pdbx_struct_sheet_hbond.sheet_id 
_pdbx_struct_sheet_hbond.range_id_1 
_pdbx_struct_sheet_hbond.range_id_2 
_pdbx_struct_sheet_hbond.range_1_label_atom_id 
_pdbx_struct_sheet_hbond.range_1_label_comp_id 
_pdbx_struct_sheet_hbond.range_1_label_asym_id 
_pdbx_struct_sheet_hbond.range_1_label_seq_id 
_pdbx_struct_sheet_hbond.range_1_PDB_ins_code 
_pdbx_struct_sheet_hbond.range_1_auth_atom_id 
_pdbx_struct_sheet_hbond.range_1_auth_comp_id 
_pdbx_struct_sheet_hbond.range_1_auth_asym_id 
_pdbx_struct_sheet_hbond.range_1_auth_seq_id 
_pdbx_struct_sheet_hbond.range_2_label_atom_id 
_pdbx_struct_sheet_hbond.range_2_label_comp_id 
_pdbx_struct_sheet_hbond.range_2_label_asym_id 
_pdbx_struct_sheet_hbond.range_2_label_seq_id 
_pdbx_struct_sheet_hbond.range_2_PDB_ins_code 
_pdbx_struct_sheet_hbond.range_2_auth_atom_id 
_pdbx_struct_sheet_hbond.range_2_auth_comp_id 
_pdbx_struct_sheet_hbond.range_2_auth_asym_id 
_pdbx_struct_sheet_hbond.range_2_auth_seq_id 
A 1 2 O TRP A 42 ? O TRP A 548 N VAL A 34  ? N VAL A 540 
A 2 3 O ARG A 29 ? O ARG A 535 N PHE A 22  ? N PHE A 528 
A 3 4 N TRP A 15 ? N TRP A 521 O TYR A 75  ? O TYR A 581 
A 4 5 N LEU A 72 ? N LEU A 578 O ARG A 123 ? O ARG A 629 
# 
loop_
_struct_site.id 
_struct_site.pdbx_evidence_code 
_struct_site.pdbx_auth_asym_id 
_struct_site.pdbx_auth_comp_id 
_struct_site.pdbx_auth_seq_id 
_struct_site.pdbx_auth_ins_code 
_struct_site.pdbx_num_residues 
_struct_site.details 
AC1 Software A CD 701 ? 4 'BINDING SITE FOR RESIDUE CD A 701' 
AC2 Software A CD 702 ? 4 'BINDING SITE FOR RESIDUE CD A 702' 
AC3 Software A CD 703 ? 5 'BINDING SITE FOR RESIDUE CD A 703' 
AC4 Software A CD 704 ? 3 'BINDING SITE FOR RESIDUE CD A 704' 
AC5 Software A MG 705 ? 4 'BINDING SITE FOR RESIDUE MG A 705' 
# 
loop_
_struct_site_gen.id 
_struct_site_gen.site_id 
_struct_site_gen.pdbx_num_res 
_struct_site_gen.label_comp_id 
_struct_site_gen.label_asym_id 
_struct_site_gen.label_seq_id 
_struct_site_gen.pdbx_auth_ins_code 
_struct_site_gen.auth_comp_id 
_struct_site_gen.auth_asym_id 
_struct_site_gen.auth_seq_id 
_struct_site_gen.label_atom_id 
_struct_site_gen.label_alt_id 
_struct_site_gen.symmetry 
_struct_site_gen.details 
1  AC1 4 ASP A 5   ? ASP A 511 . ? 1_555 ? 
2  AC1 4 ASP A 5   ? ASP A 511 . ? 7_555 ? 
3  AC1 4 HIS A 86  ? HIS A 592 . ? 1_555 ? 
4  AC1 4 HIS A 86  ? HIS A 592 . ? 7_555 ? 
5  AC2 4 HIS A 88  ? HIS A 594 . ? 7_555 ? 
6  AC2 4 GLU A 90  ? GLU A 596 . ? 7_555 ? 
7  AC2 4 CYS A 129 ? CYS A 635 . ? 1_555 ? 
8  AC2 4 CD  D .   ? CD  A 703 . ? 1_555 ? 
9  AC3 5 GLU A 90  ? GLU A 596 . ? 7_555 ? 
10 AC3 5 CYS A 129 ? CYS A 635 . ? 1_555 ? 
11 AC3 5 HIS A 132 ? HIS A 638 . ? 1_555 ? 
12 AC3 5 GLU A 139 ? GLU A 645 . ? 1_555 ? 
13 AC3 5 CD  C .   ? CD  A 702 . ? 1_555 ? 
14 AC4 3 GLU A 39  ? GLU A 545 . ? 1_555 ? 
15 AC4 3 ARG A 54  ? ARG A 560 . ? 5_444 ? 
16 AC4 3 GLU A 110 ? GLU A 616 . ? 5_444 ? 
17 AC5 4 ASP A 18  ? ASP A 524 . ? 1_555 ? 
18 AC5 4 GLY A 19  ? GLY A 525 . ? 1_555 ? 
19 AC5 4 GLU A 56  ? GLU A 562 . ? 1_555 ? 
20 AC5 4 ASP A 77  ? ASP A 583 . ? 1_555 ? 
# 
loop_
_pdbx_validate_torsion.id 
_pdbx_validate_torsion.PDB_model_num 
_pdbx_validate_torsion.auth_comp_id 
_pdbx_validate_torsion.auth_asym_id 
_pdbx_validate_torsion.auth_seq_id 
_pdbx_validate_torsion.PDB_ins_code 
_pdbx_validate_torsion.label_alt_id 
_pdbx_validate_torsion.phi 
_pdbx_validate_torsion.psi 
1 1 ASP A 516 ? ? -106.24 57.99   
2 1 GLN A 530 ? ? -86.48  47.51   
3 1 GLU A 531 ? ? 74.72   88.25   
4 1 THR A 542 ? ? -101.03 -156.44 
# 
_pdbx_struct_special_symmetry.id              1 
_pdbx_struct_special_symmetry.PDB_model_num   1 
_pdbx_struct_special_symmetry.auth_asym_id    A 
_pdbx_struct_special_symmetry.auth_comp_id    CD 
_pdbx_struct_special_symmetry.auth_seq_id     701 
_pdbx_struct_special_symmetry.PDB_ins_code    ? 
_pdbx_struct_special_symmetry.label_asym_id   B 
_pdbx_struct_special_symmetry.label_comp_id   CD 
_pdbx_struct_special_symmetry.label_seq_id    . 
# 
loop_
_chem_comp_atom.comp_id 
_chem_comp_atom.atom_id 
_chem_comp_atom.type_symbol 
_chem_comp_atom.pdbx_aromatic_flag 
_chem_comp_atom.pdbx_stereo_config 
_chem_comp_atom.pdbx_ordinal 
ALA N    N  N N 1   
ALA CA   C  N S 2   
ALA C    C  N N 3   
ALA O    O  N N 4   
ALA CB   C  N N 5   
ALA OXT  O  N N 6   
ALA H    H  N N 7   
ALA H2   H  N N 8   
ALA HA   H  N N 9   
ALA HB1  H  N N 10  
ALA HB2  H  N N 11  
ALA HB3  H  N N 12  
ALA HXT  H  N N 13  
ARG N    N  N N 14  
ARG CA   C  N S 15  
ARG C    C  N N 16  
ARG O    O  N N 17  
ARG CB   C  N N 18  
ARG CG   C  N N 19  
ARG CD   C  N N 20  
ARG NE   N  N N 21  
ARG CZ   C  N N 22  
ARG NH1  N  N N 23  
ARG NH2  N  N N 24  
ARG OXT  O  N N 25  
ARG H    H  N N 26  
ARG H2   H  N N 27  
ARG HA   H  N N 28  
ARG HB2  H  N N 29  
ARG HB3  H  N N 30  
ARG HG2  H  N N 31  
ARG HG3  H  N N 32  
ARG HD2  H  N N 33  
ARG HD3  H  N N 34  
ARG HE   H  N N 35  
ARG HH11 H  N N 36  
ARG HH12 H  N N 37  
ARG HH21 H  N N 38  
ARG HH22 H  N N 39  
ARG HXT  H  N N 40  
ASN N    N  N N 41  
ASN CA   C  N S 42  
ASN C    C  N N 43  
ASN O    O  N N 44  
ASN CB   C  N N 45  
ASN CG   C  N N 46  
ASN OD1  O  N N 47  
ASN ND2  N  N N 48  
ASN OXT  O  N N 49  
ASN H    H  N N 50  
ASN H2   H  N N 51  
ASN HA   H  N N 52  
ASN HB2  H  N N 53  
ASN HB3  H  N N 54  
ASN HD21 H  N N 55  
ASN HD22 H  N N 56  
ASN HXT  H  N N 57  
ASP N    N  N N 58  
ASP CA   C  N S 59  
ASP C    C  N N 60  
ASP O    O  N N 61  
ASP CB   C  N N 62  
ASP CG   C  N N 63  
ASP OD1  O  N N 64  
ASP OD2  O  N N 65  
ASP OXT  O  N N 66  
ASP H    H  N N 67  
ASP H2   H  N N 68  
ASP HA   H  N N 69  
ASP HB2  H  N N 70  
ASP HB3  H  N N 71  
ASP HD2  H  N N 72  
ASP HXT  H  N N 73  
CD  CD   CD N N 74  
CYS N    N  N N 75  
CYS CA   C  N R 76  
CYS C    C  N N 77  
CYS O    O  N N 78  
CYS CB   C  N N 79  
CYS SG   S  N N 80  
CYS OXT  O  N N 81  
CYS H    H  N N 82  
CYS H2   H  N N 83  
CYS HA   H  N N 84  
CYS HB2  H  N N 85  
CYS HB3  H  N N 86  
CYS HG   H  N N 87  
CYS HXT  H  N N 88  
GLN N    N  N N 89  
GLN CA   C  N S 90  
GLN C    C  N N 91  
GLN O    O  N N 92  
GLN CB   C  N N 93  
GLN CG   C  N N 94  
GLN CD   C  N N 95  
GLN OE1  O  N N 96  
GLN NE2  N  N N 97  
GLN OXT  O  N N 98  
GLN H    H  N N 99  
GLN H2   H  N N 100 
GLN HA   H  N N 101 
GLN HB2  H  N N 102 
GLN HB3  H  N N 103 
GLN HG2  H  N N 104 
GLN HG3  H  N N 105 
GLN HE21 H  N N 106 
GLN HE22 H  N N 107 
GLN HXT  H  N N 108 
GLU N    N  N N 109 
GLU CA   C  N S 110 
GLU C    C  N N 111 
GLU O    O  N N 112 
GLU CB   C  N N 113 
GLU CG   C  N N 114 
GLU CD   C  N N 115 
GLU OE1  O  N N 116 
GLU OE2  O  N N 117 
GLU OXT  O  N N 118 
GLU H    H  N N 119 
GLU H2   H  N N 120 
GLU HA   H  N N 121 
GLU HB2  H  N N 122 
GLU HB3  H  N N 123 
GLU HG2  H  N N 124 
GLU HG3  H  N N 125 
GLU HE2  H  N N 126 
GLU HXT  H  N N 127 
GLY N    N  N N 128 
GLY CA   C  N N 129 
GLY C    C  N N 130 
GLY O    O  N N 131 
GLY OXT  O  N N 132 
GLY H    H  N N 133 
GLY H2   H  N N 134 
GLY HA2  H  N N 135 
GLY HA3  H  N N 136 
GLY HXT  H  N N 137 
HIS N    N  N N 138 
HIS CA   C  N S 139 
HIS C    C  N N 140 
HIS O    O  N N 141 
HIS CB   C  N N 142 
HIS CG   C  Y N 143 
HIS ND1  N  Y N 144 
HIS CD2  C  Y N 145 
HIS CE1  C  Y N 146 
HIS NE2  N  Y N 147 
HIS OXT  O  N N 148 
HIS H    H  N N 149 
HIS H2   H  N N 150 
HIS HA   H  N N 151 
HIS HB2  H  N N 152 
HIS HB3  H  N N 153 
HIS HD1  H  N N 154 
HIS HD2  H  N N 155 
HIS HE1  H  N N 156 
HIS HE2  H  N N 157 
HIS HXT  H  N N 158 
ILE N    N  N N 159 
ILE CA   C  N S 160 
ILE C    C  N N 161 
ILE O    O  N N 162 
ILE CB   C  N S 163 
ILE CG1  C  N N 164 
ILE CG2  C  N N 165 
ILE CD1  C  N N 166 
ILE OXT  O  N N 167 
ILE H    H  N N 168 
ILE H2   H  N N 169 
ILE HA   H  N N 170 
ILE HB   H  N N 171 
ILE HG12 H  N N 172 
ILE HG13 H  N N 173 
ILE HG21 H  N N 174 
ILE HG22 H  N N 175 
ILE HG23 H  N N 176 
ILE HD11 H  N N 177 
ILE HD12 H  N N 178 
ILE HD13 H  N N 179 
ILE HXT  H  N N 180 
LEU N    N  N N 181 
LEU CA   C  N S 182 
LEU C    C  N N 183 
LEU O    O  N N 184 
LEU CB   C  N N 185 
LEU CG   C  N N 186 
LEU CD1  C  N N 187 
LEU CD2  C  N N 188 
LEU OXT  O  N N 189 
LEU H    H  N N 190 
LEU H2   H  N N 191 
LEU HA   H  N N 192 
LEU HB2  H  N N 193 
LEU HB3  H  N N 194 
LEU HG   H  N N 195 
LEU HD11 H  N N 196 
LEU HD12 H  N N 197 
LEU HD13 H  N N 198 
LEU HD21 H  N N 199 
LEU HD22 H  N N 200 
LEU HD23 H  N N 201 
LEU HXT  H  N N 202 
LYS N    N  N N 203 
LYS CA   C  N S 204 
LYS C    C  N N 205 
LYS O    O  N N 206 
LYS CB   C  N N 207 
LYS CG   C  N N 208 
LYS CD   C  N N 209 
LYS CE   C  N N 210 
LYS NZ   N  N N 211 
LYS OXT  O  N N 212 
LYS H    H  N N 213 
LYS H2   H  N N 214 
LYS HA   H  N N 215 
LYS HB2  H  N N 216 
LYS HB3  H  N N 217 
LYS HG2  H  N N 218 
LYS HG3  H  N N 219 
LYS HD2  H  N N 220 
LYS HD3  H  N N 221 
LYS HE2  H  N N 222 
LYS HE3  H  N N 223 
LYS HZ1  H  N N 224 
LYS HZ2  H  N N 225 
LYS HZ3  H  N N 226 
LYS HXT  H  N N 227 
MET N    N  N N 228 
MET CA   C  N S 229 
MET C    C  N N 230 
MET O    O  N N 231 
MET CB   C  N N 232 
MET CG   C  N N 233 
MET SD   S  N N 234 
MET CE   C  N N 235 
MET OXT  O  N N 236 
MET H    H  N N 237 
MET H2   H  N N 238 
MET HA   H  N N 239 
MET HB2  H  N N 240 
MET HB3  H  N N 241 
MET HG2  H  N N 242 
MET HG3  H  N N 243 
MET HE1  H  N N 244 
MET HE2  H  N N 245 
MET HE3  H  N N 246 
MET HXT  H  N N 247 
MG  MG   MG N N 248 
PHE N    N  N N 249 
PHE CA   C  N S 250 
PHE C    C  N N 251 
PHE O    O  N N 252 
PHE CB   C  N N 253 
PHE CG   C  Y N 254 
PHE CD1  C  Y N 255 
PHE CD2  C  Y N 256 
PHE CE1  C  Y N 257 
PHE CE2  C  Y N 258 
PHE CZ   C  Y N 259 
PHE OXT  O  N N 260 
PHE H    H  N N 261 
PHE H2   H  N N 262 
PHE HA   H  N N 263 
PHE HB2  H  N N 264 
PHE HB3  H  N N 265 
PHE HD1  H  N N 266 
PHE HD2  H  N N 267 
PHE HE1  H  N N 268 
PHE HE2  H  N N 269 
PHE HZ   H  N N 270 
PHE HXT  H  N N 271 
PRO N    N  N N 272 
PRO CA   C  N S 273 
PRO C    C  N N 274 
PRO O    O  N N 275 
PRO CB   C  N N 276 
PRO CG   C  N N 277 
PRO CD   C  N N 278 
PRO OXT  O  N N 279 
PRO H    H  N N 280 
PRO HA   H  N N 281 
PRO HB2  H  N N 282 
PRO HB3  H  N N 283 
PRO HG2  H  N N 284 
PRO HG3  H  N N 285 
PRO HD2  H  N N 286 
PRO HD3  H  N N 287 
PRO HXT  H  N N 288 
SER N    N  N N 289 
SER CA   C  N S 290 
SER C    C  N N 291 
SER O    O  N N 292 
SER CB   C  N N 293 
SER OG   O  N N 294 
SER OXT  O  N N 295 
SER H    H  N N 296 
SER H2   H  N N 297 
SER HA   H  N N 298 
SER HB2  H  N N 299 
SER HB3  H  N N 300 
SER HG   H  N N 301 
SER HXT  H  N N 302 
THR N    N  N N 303 
THR CA   C  N S 304 
THR C    C  N N 305 
THR O    O  N N 306 
THR CB   C  N R 307 
THR OG1  O  N N 308 
THR CG2  C  N N 309 
THR OXT  O  N N 310 
THR H    H  N N 311 
THR H2   H  N N 312 
THR HA   H  N N 313 
THR HB   H  N N 314 
THR HG1  H  N N 315 
THR HG21 H  N N 316 
THR HG22 H  N N 317 
THR HG23 H  N N 318 
THR HXT  H  N N 319 
TRP N    N  N N 320 
TRP CA   C  N S 321 
TRP C    C  N N 322 
TRP O    O  N N 323 
TRP CB   C  N N 324 
TRP CG   C  Y N 325 
TRP CD1  C  Y N 326 
TRP CD2  C  Y N 327 
TRP NE1  N  Y N 328 
TRP CE2  C  Y N 329 
TRP CE3  C  Y N 330 
TRP CZ2  C  Y N 331 
TRP CZ3  C  Y N 332 
TRP CH2  C  Y N 333 
TRP OXT  O  N N 334 
TRP H    H  N N 335 
TRP H2   H  N N 336 
TRP HA   H  N N 337 
TRP HB2  H  N N 338 
TRP HB3  H  N N 339 
TRP HD1  H  N N 340 
TRP HE1  H  N N 341 
TRP HE3  H  N N 342 
TRP HZ2  H  N N 343 
TRP HZ3  H  N N 344 
TRP HH2  H  N N 345 
TRP HXT  H  N N 346 
TYR N    N  N N 347 
TYR CA   C  N S 348 
TYR C    C  N N 349 
TYR O    O  N N 350 
TYR CB   C  N N 351 
TYR CG   C  Y N 352 
TYR CD1  C  Y N 353 
TYR CD2  C  Y N 354 
TYR CE1  C  Y N 355 
TYR CE2  C  Y N 356 
TYR CZ   C  Y N 357 
TYR OH   O  N N 358 
TYR OXT  O  N N 359 
TYR H    H  N N 360 
TYR H2   H  N N 361 
TYR HA   H  N N 362 
TYR HB2  H  N N 363 
TYR HB3  H  N N 364 
TYR HD1  H  N N 365 
TYR HD2  H  N N 366 
TYR HE1  H  N N 367 
TYR HE2  H  N N 368 
TYR HH   H  N N 369 
TYR HXT  H  N N 370 
VAL N    N  N N 371 
VAL CA   C  N S 372 
VAL C    C  N N 373 
VAL O    O  N N 374 
VAL CB   C  N N 375 
VAL CG1  C  N N 376 
VAL CG2  C  N N 377 
VAL OXT  O  N N 378 
VAL H    H  N N 379 
VAL H2   H  N N 380 
VAL HA   H  N N 381 
VAL HB   H  N N 382 
VAL HG11 H  N N 383 
VAL HG12 H  N N 384 
VAL HG13 H  N N 385 
VAL HG21 H  N N 386 
VAL HG22 H  N N 387 
VAL HG23 H  N N 388 
VAL HXT  H  N N 389 
# 
loop_
_chem_comp_bond.comp_id 
_chem_comp_bond.atom_id_1 
_chem_comp_bond.atom_id_2 
_chem_comp_bond.value_order 
_chem_comp_bond.pdbx_aromatic_flag 
_chem_comp_bond.pdbx_stereo_config 
_chem_comp_bond.pdbx_ordinal 
ALA N   CA   sing N N 1   
ALA N   H    sing N N 2   
ALA N   H2   sing N N 3   
ALA CA  C    sing N N 4   
ALA CA  CB   sing N N 5   
ALA CA  HA   sing N N 6   
ALA C   O    doub N N 7   
ALA C   OXT  sing N N 8   
ALA CB  HB1  sing N N 9   
ALA CB  HB2  sing N N 10  
ALA CB  HB3  sing N N 11  
ALA OXT HXT  sing N N 12  
ARG N   CA   sing N N 13  
ARG N   H    sing N N 14  
ARG N   H2   sing N N 15  
ARG CA  C    sing N N 16  
ARG CA  CB   sing N N 17  
ARG CA  HA   sing N N 18  
ARG C   O    doub N N 19  
ARG C   OXT  sing N N 20  
ARG CB  CG   sing N N 21  
ARG CB  HB2  sing N N 22  
ARG CB  HB3  sing N N 23  
ARG CG  CD   sing N N 24  
ARG CG  HG2  sing N N 25  
ARG CG  HG3  sing N N 26  
ARG CD  NE   sing N N 27  
ARG CD  HD2  sing N N 28  
ARG CD  HD3  sing N N 29  
ARG NE  CZ   sing N N 30  
ARG NE  HE   sing N N 31  
ARG CZ  NH1  sing N N 32  
ARG CZ  NH2  doub N N 33  
ARG NH1 HH11 sing N N 34  
ARG NH1 HH12 sing N N 35  
ARG NH2 HH21 sing N N 36  
ARG NH2 HH22 sing N N 37  
ARG OXT HXT  sing N N 38  
ASN N   CA   sing N N 39  
ASN N   H    sing N N 40  
ASN N   H2   sing N N 41  
ASN CA  C    sing N N 42  
ASN CA  CB   sing N N 43  
ASN CA  HA   sing N N 44  
ASN C   O    doub N N 45  
ASN C   OXT  sing N N 46  
ASN CB  CG   sing N N 47  
ASN CB  HB2  sing N N 48  
ASN CB  HB3  sing N N 49  
ASN CG  OD1  doub N N 50  
ASN CG  ND2  sing N N 51  
ASN ND2 HD21 sing N N 52  
ASN ND2 HD22 sing N N 53  
ASN OXT HXT  sing N N 54  
ASP N   CA   sing N N 55  
ASP N   H    sing N N 56  
ASP N   H2   sing N N 57  
ASP CA  C    sing N N 58  
ASP CA  CB   sing N N 59  
ASP CA  HA   sing N N 60  
ASP C   O    doub N N 61  
ASP C   OXT  sing N N 62  
ASP CB  CG   sing N N 63  
ASP CB  HB2  sing N N 64  
ASP CB  HB3  sing N N 65  
ASP CG  OD1  doub N N 66  
ASP CG  OD2  sing N N 67  
ASP OD2 HD2  sing N N 68  
ASP OXT HXT  sing N N 69  
CYS N   CA   sing N N 70  
CYS N   H    sing N N 71  
CYS N   H2   sing N N 72  
CYS CA  C    sing N N 73  
CYS CA  CB   sing N N 74  
CYS CA  HA   sing N N 75  
CYS C   O    doub N N 76  
CYS C   OXT  sing N N 77  
CYS CB  SG   sing N N 78  
CYS CB  HB2  sing N N 79  
CYS CB  HB3  sing N N 80  
CYS SG  HG   sing N N 81  
CYS OXT HXT  sing N N 82  
GLN N   CA   sing N N 83  
GLN N   H    sing N N 84  
GLN N   H2   sing N N 85  
GLN CA  C    sing N N 86  
GLN CA  CB   sing N N 87  
GLN CA  HA   sing N N 88  
GLN C   O    doub N N 89  
GLN C   OXT  sing N N 90  
GLN CB  CG   sing N N 91  
GLN CB  HB2  sing N N 92  
GLN CB  HB3  sing N N 93  
GLN CG  CD   sing N N 94  
GLN CG  HG2  sing N N 95  
GLN CG  HG3  sing N N 96  
GLN CD  OE1  doub N N 97  
GLN CD  NE2  sing N N 98  
GLN NE2 HE21 sing N N 99  
GLN NE2 HE22 sing N N 100 
GLN OXT HXT  sing N N 101 
GLU N   CA   sing N N 102 
GLU N   H    sing N N 103 
GLU N   H2   sing N N 104 
GLU CA  C    sing N N 105 
GLU CA  CB   sing N N 106 
GLU CA  HA   sing N N 107 
GLU C   O    doub N N 108 
GLU C   OXT  sing N N 109 
GLU CB  CG   sing N N 110 
GLU CB  HB2  sing N N 111 
GLU CB  HB3  sing N N 112 
GLU CG  CD   sing N N 113 
GLU CG  HG2  sing N N 114 
GLU CG  HG3  sing N N 115 
GLU CD  OE1  doub N N 116 
GLU CD  OE2  sing N N 117 
GLU OE2 HE2  sing N N 118 
GLU OXT HXT  sing N N 119 
GLY N   CA   sing N N 120 
GLY N   H    sing N N 121 
GLY N   H2   sing N N 122 
GLY CA  C    sing N N 123 
GLY CA  HA2  sing N N 124 
GLY CA  HA3  sing N N 125 
GLY C   O    doub N N 126 
GLY C   OXT  sing N N 127 
GLY OXT HXT  sing N N 128 
HIS N   CA   sing N N 129 
HIS N   H    sing N N 130 
HIS N   H2   sing N N 131 
HIS CA  C    sing N N 132 
HIS CA  CB   sing N N 133 
HIS CA  HA   sing N N 134 
HIS C   O    doub N N 135 
HIS C   OXT  sing N N 136 
HIS CB  CG   sing N N 137 
HIS CB  HB2  sing N N 138 
HIS CB  HB3  sing N N 139 
HIS CG  ND1  sing Y N 140 
HIS CG  CD2  doub Y N 141 
HIS ND1 CE1  doub Y N 142 
HIS ND1 HD1  sing N N 143 
HIS CD2 NE2  sing Y N 144 
HIS CD2 HD2  sing N N 145 
HIS CE1 NE2  sing Y N 146 
HIS CE1 HE1  sing N N 147 
HIS NE2 HE2  sing N N 148 
HIS OXT HXT  sing N N 149 
ILE N   CA   sing N N 150 
ILE N   H    sing N N 151 
ILE N   H2   sing N N 152 
ILE CA  C    sing N N 153 
ILE CA  CB   sing N N 154 
ILE CA  HA   sing N N 155 
ILE C   O    doub N N 156 
ILE C   OXT  sing N N 157 
ILE CB  CG1  sing N N 158 
ILE CB  CG2  sing N N 159 
ILE CB  HB   sing N N 160 
ILE CG1 CD1  sing N N 161 
ILE CG1 HG12 sing N N 162 
ILE CG1 HG13 sing N N 163 
ILE CG2 HG21 sing N N 164 
ILE CG2 HG22 sing N N 165 
ILE CG2 HG23 sing N N 166 
ILE CD1 HD11 sing N N 167 
ILE CD1 HD12 sing N N 168 
ILE CD1 HD13 sing N N 169 
ILE OXT HXT  sing N N 170 
LEU N   CA   sing N N 171 
LEU N   H    sing N N 172 
LEU N   H2   sing N N 173 
LEU CA  C    sing N N 174 
LEU CA  CB   sing N N 175 
LEU CA  HA   sing N N 176 
LEU C   O    doub N N 177 
LEU C   OXT  sing N N 178 
LEU CB  CG   sing N N 179 
LEU CB  HB2  sing N N 180 
LEU CB  HB3  sing N N 181 
LEU CG  CD1  sing N N 182 
LEU CG  CD2  sing N N 183 
LEU CG  HG   sing N N 184 
LEU CD1 HD11 sing N N 185 
LEU CD1 HD12 sing N N 186 
LEU CD1 HD13 sing N N 187 
LEU CD2 HD21 sing N N 188 
LEU CD2 HD22 sing N N 189 
LEU CD2 HD23 sing N N 190 
LEU OXT HXT  sing N N 191 
LYS N   CA   sing N N 192 
LYS N   H    sing N N 193 
LYS N   H2   sing N N 194 
LYS CA  C    sing N N 195 
LYS CA  CB   sing N N 196 
LYS CA  HA   sing N N 197 
LYS C   O    doub N N 198 
LYS C   OXT  sing N N 199 
LYS CB  CG   sing N N 200 
LYS CB  HB2  sing N N 201 
LYS CB  HB3  sing N N 202 
LYS CG  CD   sing N N 203 
LYS CG  HG2  sing N N 204 
LYS CG  HG3  sing N N 205 
LYS CD  CE   sing N N 206 
LYS CD  HD2  sing N N 207 
LYS CD  HD3  sing N N 208 
LYS CE  NZ   sing N N 209 
LYS CE  HE2  sing N N 210 
LYS CE  HE3  sing N N 211 
LYS NZ  HZ1  sing N N 212 
LYS NZ  HZ2  sing N N 213 
LYS NZ  HZ3  sing N N 214 
LYS OXT HXT  sing N N 215 
MET N   CA   sing N N 216 
MET N   H    sing N N 217 
MET N   H2   sing N N 218 
MET CA  C    sing N N 219 
MET CA  CB   sing N N 220 
MET CA  HA   sing N N 221 
MET C   O    doub N N 222 
MET C   OXT  sing N N 223 
MET CB  CG   sing N N 224 
MET CB  HB2  sing N N 225 
MET CB  HB3  sing N N 226 
MET CG  SD   sing N N 227 
MET CG  HG2  sing N N 228 
MET CG  HG3  sing N N 229 
MET SD  CE   sing N N 230 
MET CE  HE1  sing N N 231 
MET CE  HE2  sing N N 232 
MET CE  HE3  sing N N 233 
MET OXT HXT  sing N N 234 
PHE N   CA   sing N N 235 
PHE N   H    sing N N 236 
PHE N   H2   sing N N 237 
PHE CA  C    sing N N 238 
PHE CA  CB   sing N N 239 
PHE CA  HA   sing N N 240 
PHE C   O    doub N N 241 
PHE C   OXT  sing N N 242 
PHE CB  CG   sing N N 243 
PHE CB  HB2  sing N N 244 
PHE CB  HB3  sing N N 245 
PHE CG  CD1  doub Y N 246 
PHE CG  CD2  sing Y N 247 
PHE CD1 CE1  sing Y N 248 
PHE CD1 HD1  sing N N 249 
PHE CD2 CE2  doub Y N 250 
PHE CD2 HD2  sing N N 251 
PHE CE1 CZ   doub Y N 252 
PHE CE1 HE1  sing N N 253 
PHE CE2 CZ   sing Y N 254 
PHE CE2 HE2  sing N N 255 
PHE CZ  HZ   sing N N 256 
PHE OXT HXT  sing N N 257 
PRO N   CA   sing N N 258 
PRO N   CD   sing N N 259 
PRO N   H    sing N N 260 
PRO CA  C    sing N N 261 
PRO CA  CB   sing N N 262 
PRO CA  HA   sing N N 263 
PRO C   O    doub N N 264 
PRO C   OXT  sing N N 265 
PRO CB  CG   sing N N 266 
PRO CB  HB2  sing N N 267 
PRO CB  HB3  sing N N 268 
PRO CG  CD   sing N N 269 
PRO CG  HG2  sing N N 270 
PRO CG  HG3  sing N N 271 
PRO CD  HD2  sing N N 272 
PRO CD  HD3  sing N N 273 
PRO OXT HXT  sing N N 274 
SER N   CA   sing N N 275 
SER N   H    sing N N 276 
SER N   H2   sing N N 277 
SER CA  C    sing N N 278 
SER CA  CB   sing N N 279 
SER CA  HA   sing N N 280 
SER C   O    doub N N 281 
SER C   OXT  sing N N 282 
SER CB  OG   sing N N 283 
SER CB  HB2  sing N N 284 
SER CB  HB3  sing N N 285 
SER OG  HG   sing N N 286 
SER OXT HXT  sing N N 287 
THR N   CA   sing N N 288 
THR N   H    sing N N 289 
THR N   H2   sing N N 290 
THR CA  C    sing N N 291 
THR CA  CB   sing N N 292 
THR CA  HA   sing N N 293 
THR C   O    doub N N 294 
THR C   OXT  sing N N 295 
THR CB  OG1  sing N N 296 
THR CB  CG2  sing N N 297 
THR CB  HB   sing N N 298 
THR OG1 HG1  sing N N 299 
THR CG2 HG21 sing N N 300 
THR CG2 HG22 sing N N 301 
THR CG2 HG23 sing N N 302 
THR OXT HXT  sing N N 303 
TRP N   CA   sing N N 304 
TRP N   H    sing N N 305 
TRP N   H2   sing N N 306 
TRP CA  C    sing N N 307 
TRP CA  CB   sing N N 308 
TRP CA  HA   sing N N 309 
TRP C   O    doub N N 310 
TRP C   OXT  sing N N 311 
TRP CB  CG   sing N N 312 
TRP CB  HB2  sing N N 313 
TRP CB  HB3  sing N N 314 
TRP CG  CD1  doub Y N 315 
TRP CG  CD2  sing Y N 316 
TRP CD1 NE1  sing Y N 317 
TRP CD1 HD1  sing N N 318 
TRP CD2 CE2  doub Y N 319 
TRP CD2 CE3  sing Y N 320 
TRP NE1 CE2  sing Y N 321 
TRP NE1 HE1  sing N N 322 
TRP CE2 CZ2  sing Y N 323 
TRP CE3 CZ3  doub Y N 324 
TRP CE3 HE3  sing N N 325 
TRP CZ2 CH2  doub Y N 326 
TRP CZ2 HZ2  sing N N 327 
TRP CZ3 CH2  sing Y N 328 
TRP CZ3 HZ3  sing N N 329 
TRP CH2 HH2  sing N N 330 
TRP OXT HXT  sing N N 331 
TYR N   CA   sing N N 332 
TYR N   H    sing N N 333 
TYR N   H2   sing N N 334 
TYR CA  C    sing N N 335 
TYR CA  CB   sing N N 336 
TYR CA  HA   sing N N 337 
TYR C   O    doub N N 338 
TYR C   OXT  sing N N 339 
TYR CB  CG   sing N N 340 
TYR CB  HB2  sing N N 341 
TYR CB  HB3  sing N N 342 
TYR CG  CD1  doub Y N 343 
TYR CG  CD2  sing Y N 344 
TYR CD1 CE1  sing Y N 345 
TYR CD1 HD1  sing N N 346 
TYR CD2 CE2  doub Y N 347 
TYR CD2 HD2  sing N N 348 
TYR CE1 CZ   doub Y N 349 
TYR CE1 HE1  sing N N 350 
TYR CE2 CZ   sing Y N 351 
TYR CE2 HE2  sing N N 352 
TYR CZ  OH   sing N N 353 
TYR OH  HH   sing N N 354 
TYR OXT HXT  sing N N 355 
VAL N   CA   sing N N 356 
VAL N   H    sing N N 357 
VAL N   H2   sing N N 358 
VAL CA  C    sing N N 359 
VAL CA  CB   sing N N 360 
VAL CA  HA   sing N N 361 
VAL C   O    doub N N 362 
VAL C   OXT  sing N N 363 
VAL CB  CG1  sing N N 364 
VAL CB  CG2  sing N N 365 
VAL CB  HB   sing N N 366 
VAL CG1 HG11 sing N N 367 
VAL CG1 HG12 sing N N 368 
VAL CG1 HG13 sing N N 369 
VAL CG2 HG21 sing N N 370 
VAL CG2 HG22 sing N N 371 
VAL CG2 HG23 sing N N 372 
VAL OXT HXT  sing N N 373 
# 
_atom_sites.entry_id                    4E89 
_atom_sites.fract_transf_matrix[1][1]   0.00539622 
_atom_sites.fract_transf_matrix[1][2]   -0.01388044 
_atom_sites.fract_transf_matrix[1][3]   0.00496717 
_atom_sites.fract_transf_matrix[2][1]   -0.01455398 
_atom_sites.fract_transf_matrix[2][2]   -0.00417270 
_atom_sites.fract_transf_matrix[2][3]   0.00415075 
_atom_sites.fract_transf_matrix[3][1]   -0.00091314 
_atom_sites.fract_transf_matrix[3][2]   -0.00234403 
_atom_sites.fract_transf_matrix[3][3]   -0.00555823 
_atom_sites.fract_transf_vector[1]      -0.188971 
_atom_sites.fract_transf_vector[2]      -0.207283 
_atom_sites.fract_transf_vector[3]      -0.087145 
# 
loop_
_atom_type.symbol 
C  
CD 
MG 
N  
O  
S  
# 
loop_
_atom_site.group_PDB 
_atom_site.id 
_atom_site.type_symbol 
_atom_site.label_atom_id 
_atom_site.label_alt_id 
_atom_site.label_comp_id 
_atom_site.label_asym_id 
_atom_site.label_entity_id 
_atom_site.label_seq_id 
_atom_site.pdbx_PDB_ins_code 
_atom_site.Cartn_x 
_atom_site.Cartn_y 
_atom_site.Cartn_z 
_atom_site.occupancy 
_atom_site.B_iso_or_equiv 
_atom_site.pdbx_formal_charge 
_atom_site.auth_seq_id 
_atom_site.auth_comp_id 
_atom_site.auth_asym_id 
_atom_site.auth_atom_id 
_atom_site.pdbx_PDB_model_num 
ATOM   1    N  N   . PRO A 1 1   ? -5.314  -16.004 -8.494  1.00 91.19 ? 507 PRO A N   1 
ATOM   2    C  CA  . PRO A 1 1   ? -4.227  -16.448 -7.581  1.00 90.13 ? 507 PRO A CA  1 
ATOM   3    C  C   . PRO A 1 1   ? -2.835  -16.237 -8.189  1.00 88.14 ? 507 PRO A C   1 
ATOM   4    O  O   . PRO A 1 1   ? -2.574  -16.665 -9.319  1.00 88.24 ? 507 PRO A O   1 
ATOM   5    C  CB  . PRO A 1 1   ? -4.476  -17.925 -7.286  1.00 91.61 ? 507 PRO A CB  1 
ATOM   6    C  CG  . PRO A 1 1   ? -6.006  -18.011 -7.456  1.00 92.54 ? 507 PRO A CG  1 
ATOM   7    C  CD  . PRO A 1 1   ? -6.308  -17.084 -8.658  1.00 92.35 ? 507 PRO A CD  1 
ATOM   8    N  N   . ASP A 1 2   ? -1.953  -15.578 -7.431  1.00 84.30 ? 508 ASP A N   1 
ATOM   9    C  CA  . ASP A 1 2   ? -0.580  -15.300 -7.865  1.00 79.37 ? 508 ASP A CA  1 
ATOM   10   C  C   . ASP A 1 2   ? -0.478  -14.283 -8.998  1.00 73.18 ? 508 ASP A C   1 
ATOM   11   O  O   . ASP A 1 2   ? 0.207   -14.524 -9.989  1.00 72.43 ? 508 ASP A O   1 
ATOM   12   C  CB  . ASP A 1 2   ? 0.125   -16.592 -8.308  1.00 83.88 ? 508 ASP A CB  1 
ATOM   13   C  CG  . ASP A 1 2   ? 0.762   -17.350 -7.150  1.00 88.37 ? 508 ASP A CG  1 
ATOM   14   O  OD1 . ASP A 1 2   ? 0.027   -18.009 -6.368  1.00 90.16 ? 508 ASP A OD1 1 
ATOM   15   O  OD2 . ASP A 1 2   ? 2.010   -17.282 -7.028  1.00 90.05 ? 508 ASP A OD2 1 
ATOM   16   N  N   . LEU A 1 3   ? -1.152  -13.149 -8.865  1.00 66.31 ? 509 LEU A N   1 
ATOM   17   C  CA  . LEU A 1 3   ? -1.086  -12.129 -9.907  1.00 60.39 ? 509 LEU A CA  1 
ATOM   18   C  C   . LEU A 1 3   ? -0.232  -10.930 -9.511  1.00 56.84 ? 509 LEU A C   1 
ATOM   19   O  O   . LEU A 1 3   ? -0.084  -10.616 -8.323  1.00 57.70 ? 509 LEU A O   1 
ATOM   20   C  CB  . LEU A 1 3   ? -2.487  -11.643 -10.282 1.00 58.73 ? 509 LEU A CB  1 
ATOM   21   C  CG  . LEU A 1 3   ? -3.402  -12.636 -10.995 1.00 56.89 ? 509 LEU A CG  1 
ATOM   22   C  CD1 . LEU A 1 3   ? -4.687  -11.918 -11.376 1.00 55.70 ? 509 LEU A CD1 1 
ATOM   23   C  CD2 . LEU A 1 3   ? -2.712  -13.207 -12.230 1.00 55.51 ? 509 LEU A CD2 1 
ATOM   24   N  N   . THR A 1 4   ? 0.327   -10.268 -10.517 1.00 52.10 ? 510 THR A N   1 
ATOM   25   C  CA  . THR A 1 4   ? 1.163   -9.101  -10.292 1.00 47.36 ? 510 THR A CA  1 
ATOM   26   C  C   . THR A 1 4   ? 1.393   -8.293  -11.574 1.00 45.69 ? 510 THR A C   1 
ATOM   27   O  O   . THR A 1 4   ? 1.225   -8.802  -12.689 1.00 39.57 ? 510 THR A O   1 
ATOM   28   C  CB  . THR A 1 4   ? 2.551   -9.526  -9.722  1.00 47.62 ? 510 THR A CB  1 
ATOM   29   O  OG1 . THR A 1 4   ? 3.359   -8.360  -9.460  1.00 44.09 ? 510 THR A OG1 1 
ATOM   30   C  CG2 . THR A 1 4   ? 3.266   -10.455 -10.707 1.00 42.62 ? 510 THR A CG2 1 
ATOM   31   N  N   . ASP A 1 5   ? 1.756   -7.020  -11.404 1.00 44.72 ? 511 ASP A N   1 
ATOM   32   C  CA  . ASP A 1 5   ? 2.084   -6.178  -12.553 1.00 44.78 ? 511 ASP A CA  1 
ATOM   33   C  C   . ASP A 1 5   ? 3.556   -6.486  -12.881 1.00 44.76 ? 511 ASP A C   1 
ATOM   34   O  O   . ASP A 1 5   ? 4.309   -6.979  -12.048 1.00 41.68 ? 511 ASP A O   1 
ATOM   35   C  CB  . ASP A 1 5   ? 1.936   -4.680  -12.232 1.00 44.45 ? 511 ASP A CB  1 
ATOM   36   C  CG  . ASP A 1 5   ? 0.486   -4.182  -12.293 1.00 45.69 ? 511 ASP A CG  1 
ATOM   37   O  OD1 . ASP A 1 5   ? 0.270   -3.016  -11.912 1.00 44.54 ? 511 ASP A OD1 1 
ATOM   38   O  OD2 . ASP A 1 5   ? -0.435  -4.923  -12.713 1.00 46.00 ? 511 ASP A OD2 1 
ATOM   39   N  N   . GLN A 1 6   ? 3.944   -6.223  -14.116 1.00 46.84 ? 512 GLN A N   1 
ATOM   40   C  CA  . GLN A 1 6   ? 5.308   -6.437  -14.564 1.00 47.19 ? 512 GLN A CA  1 
ATOM   41   C  C   . GLN A 1 6   ? 6.073   -5.145  -14.240 1.00 47.57 ? 512 GLN A C   1 
ATOM   42   O  O   . GLN A 1 6   ? 5.578   -4.040  -14.493 1.00 46.90 ? 512 GLN A O   1 
ATOM   43   C  CB  . GLN A 1 6   ? 5.307   -6.672  -16.080 1.00 47.46 ? 512 GLN A CB  1 
ATOM   44   C  CG  . GLN A 1 6   ? 5.544   -8.098  -16.521 1.00 50.75 ? 512 GLN A CG  1 
ATOM   45   C  CD  . GLN A 1 6   ? 4.793   -9.115  -15.681 1.00 51.01 ? 512 GLN A CD  1 
ATOM   46   O  OE1 . GLN A 1 6   ? 5.407   -9.899  -14.951 1.00 51.81 ? 512 GLN A OE1 1 
ATOM   47   N  NE2 . GLN A 1 6   ? 3.465   -9.113  -15.779 1.00 47.79 ? 512 GLN A NE2 1 
ATOM   48   N  N   . PRO A 1 7   ? 7.276   -5.254  -13.658 1.00 48.77 ? 513 PRO A N   1 
ATOM   49   C  CA  . PRO A 1 7   ? 7.947   -3.976  -13.392 1.00 49.23 ? 513 PRO A CA  1 
ATOM   50   C  C   . PRO A 1 7   ? 8.310   -3.167  -14.648 1.00 49.90 ? 513 PRO A C   1 
ATOM   51   O  O   . PRO A 1 7   ? 8.668   -3.723  -15.686 1.00 48.22 ? 513 PRO A O   1 
ATOM   52   C  CB  . PRO A 1 7   ? 9.178   -4.383  -12.570 1.00 47.91 ? 513 PRO A CB  1 
ATOM   53   C  CG  . PRO A 1 7   ? 9.373   -5.839  -12.890 1.00 48.47 ? 513 PRO A CG  1 
ATOM   54   C  CD  . PRO A 1 7   ? 7.962   -6.364  -12.975 1.00 48.82 ? 513 PRO A CD  1 
ATOM   55   N  N   . ILE A 1 8   ? 8.161   -1.851  -14.539 1.00 51.83 ? 514 ILE A N   1 
ATOM   56   C  CA  . ILE A 1 8   ? 8.492   -0.919  -15.601 1.00 55.25 ? 514 ILE A CA  1 
ATOM   57   C  C   . ILE A 1 8   ? 10.006  -0.995  -15.767 1.00 57.89 ? 514 ILE A C   1 
ATOM   58   O  O   . ILE A 1 8   ? 10.749  -0.900  -14.784 1.00 56.45 ? 514 ILE A O   1 
ATOM   59   C  CB  . ILE A 1 8   ? 8.149   0.504   -15.182 1.00 56.13 ? 514 ILE A CB  1 
ATOM   60   C  CG1 . ILE A 1 8   ? 6.642   0.646   -15.013 1.00 56.12 ? 514 ILE A CG1 1 
ATOM   61   C  CG2 . ILE A 1 8   ? 8.711   1.495   -16.181 1.00 57.69 ? 514 ILE A CG2 1 
ATOM   62   C  CD1 . ILE A 1 8   ? 6.252   1.943   -14.318 1.00 56.64 ? 514 ILE A CD1 1 
ATOM   63   N  N   . PRO A 1 9   ? 10.491  -1.149  -17.010 1.00 60.86 ? 515 PRO A N   1 
ATOM   64   C  CA  . PRO A 1 9   ? 11.940  -1.234  -17.231 1.00 63.54 ? 515 PRO A CA  1 
ATOM   65   C  C   . PRO A 1 9   ? 12.738  0.030   -16.842 1.00 65.52 ? 515 PRO A C   1 
ATOM   66   O  O   . PRO A 1 9   ? 13.788  -0.063  -16.206 1.00 66.10 ? 515 PRO A O   1 
ATOM   67   C  CB  . PRO A 1 9   ? 12.034  -1.573  -18.719 1.00 61.51 ? 515 PRO A CB  1 
ATOM   68   C  CG  . PRO A 1 9   ? 10.855  -0.866  -19.290 1.00 62.02 ? 515 PRO A CG  1 
ATOM   69   C  CD  . PRO A 1 9   ? 9.761   -1.186  -18.289 1.00 61.82 ? 515 PRO A CD  1 
ATOM   70   N  N   . ASP A 1 10  ? 12.228  1.205   -17.197 1.00 67.44 ? 516 ASP A N   1 
ATOM   71   C  CA  . ASP A 1 10  ? 12.914  2.457   -16.889 1.00 69.85 ? 516 ASP A CA  1 
ATOM   72   C  C   . ASP A 1 10  ? 12.244  3.245   -15.754 1.00 68.86 ? 516 ASP A C   1 
ATOM   73   O  O   . ASP A 1 10  ? 11.861  4.409   -15.938 1.00 69.75 ? 516 ASP A O   1 
ATOM   74   C  CB  . ASP A 1 10  ? 12.953  3.325   -18.149 1.00 74.39 ? 516 ASP A CB  1 
ATOM   75   C  CG  . ASP A 1 10  ? 11.556  3.726   -18.625 1.00 77.04 ? 516 ASP A CG  1 
ATOM   76   O  OD1 . ASP A 1 10  ? 10.747  2.826   -18.971 1.00 76.67 ? 516 ASP A OD1 1 
ATOM   77   O  OD2 . ASP A 1 10  ? 11.270  4.948   -18.641 1.00 79.07 ? 516 ASP A OD2 1 
ATOM   78   N  N   . ALA A 1 11  ? 12.113  2.636   -14.578 1.00 66.30 ? 517 ALA A N   1 
ATOM   79   C  CA  . ALA A 1 11  ? 11.454  3.326   -13.471 1.00 63.83 ? 517 ALA A CA  1 
ATOM   80   C  C   . ALA A 1 11  ? 12.294  4.421   -12.825 1.00 62.59 ? 517 ALA A C   1 
ATOM   81   O  O   . ALA A 1 11  ? 13.500  4.258   -12.625 1.00 62.14 ? 517 ALA A O   1 
ATOM   82   C  CB  . ALA A 1 11  ? 11.028  2.324   -12.413 1.00 61.49 ? 517 ALA A CB  1 
ATOM   83   N  N   . ASP A 1 12  ? 11.650  5.543   -12.511 1.00 60.80 ? 518 ASP A N   1 
ATOM   84   C  CA  . ASP A 1 12  ? 12.332  6.640   -11.836 1.00 58.26 ? 518 ASP A CA  1 
ATOM   85   C  C   . ASP A 1 12  ? 12.499  6.230   -10.374 1.00 56.61 ? 518 ASP A C   1 
ATOM   86   O  O   . ASP A 1 12  ? 13.578  6.368   -9.800  1.00 56.06 ? 518 ASP A O   1 
ATOM   87   C  CB  . ASP A 1 12  ? 11.516  7.938   -11.919 1.00 57.33 ? 518 ASP A CB  1 
ATOM   88   C  CG  . ASP A 1 12  ? 11.416  8.475   -13.336 1.00 59.56 ? 518 ASP A CG  1 
ATOM   89   O  OD1 . ASP A 1 12  ? 12.455  8.527   -14.029 1.00 62.33 ? 518 ASP A OD1 1 
ATOM   90   O  OD2 . ASP A 1 12  ? 10.308  8.854   -13.768 1.00 60.56 ? 518 ASP A OD2 1 
ATOM   91   N  N   . TYR A 1 13  ? 11.426  5.710   -9.782  1.00 54.87 ? 519 TYR A N   1 
ATOM   92   C  CA  . TYR A 1 13  ? 11.448  5.280   -8.387  1.00 52.65 ? 519 TYR A CA  1 
ATOM   93   C  C   . TYR A 1 13  ? 11.125  3.785   -8.252  1.00 51.42 ? 519 TYR A C   1 
ATOM   94   O  O   . TYR A 1 13  ? 10.376  3.225   -9.055  1.00 51.97 ? 519 TYR A O   1 
ATOM   95   C  CB  . TYR A 1 13  ? 10.422  6.077   -7.574  1.00 51.96 ? 519 TYR A CB  1 
ATOM   96   C  CG  . TYR A 1 13  ? 10.577  7.593   -7.614  1.00 53.33 ? 519 TYR A CG  1 
ATOM   97   C  CD1 . TYR A 1 13  ? 9.489   8.411   -7.929  1.00 52.05 ? 519 TYR A CD1 1 
ATOM   98   C  CD2 . TYR A 1 13  ? 11.795  8.210   -7.304  1.00 52.73 ? 519 TYR A CD2 1 
ATOM   99   C  CE1 . TYR A 1 13  ? 9.603   9.801   -7.933  1.00 54.03 ? 519 TYR A CE1 1 
ATOM   100  C  CE2 . TYR A 1 13  ? 11.925  9.605   -7.307  1.00 51.97 ? 519 TYR A CE2 1 
ATOM   101  C  CZ  . TYR A 1 13  ? 10.825  10.393  -7.622  1.00 54.99 ? 519 TYR A CZ  1 
ATOM   102  O  OH  . TYR A 1 13  ? 10.934  11.772  -7.638  1.00 55.96 ? 519 TYR A OH  1 
ATOM   103  N  N   . THR A 1 14  ? 11.720  3.147   -7.248  1.00 49.96 ? 520 THR A N   1 
ATOM   104  C  CA  . THR A 1 14  ? 11.470  1.738   -6.937  1.00 49.98 ? 520 THR A CA  1 
ATOM   105  C  C   . THR A 1 14  ? 11.244  1.730   -5.427  1.00 50.01 ? 520 THR A C   1 
ATOM   106  O  O   . THR A 1 14  ? 12.192  1.835   -4.652  1.00 51.12 ? 520 THR A O   1 
ATOM   107  C  CB  . THR A 1 14  ? 12.671  0.831   -7.290  1.00 48.28 ? 520 THR A CB  1 
ATOM   108  O  OG1 . THR A 1 14  ? 12.822  0.780   -8.713  1.00 49.84 ? 520 THR A OG1 1 
ATOM   109  C  CG2 . THR A 1 14  ? 12.451  -0.587  -6.771  1.00 46.32 ? 520 THR A CG2 1 
ATOM   110  N  N   . TRP A 1 15  ? 9.985   1.629   -5.009  1.00 49.71 ? 521 TRP A N   1 
ATOM   111  C  CA  . TRP A 1 15  ? 9.672   1.666   -3.591  1.00 49.62 ? 521 TRP A CA  1 
ATOM   112  C  C   . TRP A 1 15  ? 8.974   0.426   -3.055  1.00 50.49 ? 521 TRP A C   1 
ATOM   113  O  O   . TRP A 1 15  ? 8.443   -0.390  -3.807  1.00 51.49 ? 521 TRP A O   1 
ATOM   114  C  CB  . TRP A 1 15  ? 8.814   2.902   -3.282  1.00 47.51 ? 521 TRP A CB  1 
ATOM   115  C  CG  . TRP A 1 15  ? 9.501   4.223   -3.575  1.00 48.77 ? 521 TRP A CG  1 
ATOM   116  C  CD1 . TRP A 1 15  ? 10.852  4.460   -3.597  1.00 48.09 ? 521 TRP A CD1 1 
ATOM   117  C  CD2 . TRP A 1 15  ? 8.872   5.493   -3.830  1.00 47.61 ? 521 TRP A CD2 1 
ATOM   118  N  NE1 . TRP A 1 15  ? 11.099  5.789   -3.848  1.00 46.93 ? 521 TRP A NE1 1 
ATOM   119  C  CE2 . TRP A 1 15  ? 9.907   6.447   -3.995  1.00 46.82 ? 521 TRP A CE2 1 
ATOM   120  C  CE3 . TRP A 1 15  ? 7.538   5.917   -3.934  1.00 47.62 ? 521 TRP A CE3 1 
ATOM   121  C  CZ2 . TRP A 1 15  ? 9.651   7.802   -4.260  1.00 45.70 ? 521 TRP A CZ2 1 
ATOM   122  C  CZ3 . TRP A 1 15  ? 7.282   7.270   -4.200  1.00 48.10 ? 521 TRP A CZ3 1 
ATOM   123  C  CH2 . TRP A 1 15  ? 8.337   8.193   -4.359  1.00 47.39 ? 521 TRP A CH2 1 
ATOM   124  N  N   . TYR A 1 16  ? 8.991   0.294   -1.734  1.00 50.83 ? 522 TYR A N   1 
ATOM   125  C  CA  . TYR A 1 16  ? 8.337   -0.814  -1.048  1.00 49.28 ? 522 TYR A CA  1 
ATOM   126  C  C   . TYR A 1 16  ? 7.399   -0.175  -0.041  1.00 49.35 ? 522 TYR A C   1 
ATOM   127  O  O   . TYR A 1 16  ? 7.794   0.740   0.678   1.00 49.20 ? 522 TYR A O   1 
ATOM   128  C  CB  . TYR A 1 16  ? 9.371   -1.690  -0.340  1.00 47.71 ? 522 TYR A CB  1 
ATOM   129  C  CG  . TYR A 1 16  ? 10.454  -2.135  -1.285  1.00 47.76 ? 522 TYR A CG  1 
ATOM   130  C  CD1 . TYR A 1 16  ? 11.453  -1.246  -1.694  1.00 48.27 ? 522 TYR A CD1 1 
ATOM   131  C  CD2 . TYR A 1 16  ? 10.430  -3.407  -1.856  1.00 46.83 ? 522 TYR A CD2 1 
ATOM   132  C  CE1 . TYR A 1 16  ? 12.393  -1.611  -2.658  1.00 47.04 ? 522 TYR A CE1 1 
ATOM   133  C  CE2 . TYR A 1 16  ? 11.364  -3.781  -2.818  1.00 47.11 ? 522 TYR A CE2 1 
ATOM   134  C  CZ  . TYR A 1 16  ? 12.338  -2.878  -3.215  1.00 46.95 ? 522 TYR A CZ  1 
ATOM   135  O  OH  . TYR A 1 16  ? 13.232  -3.225  -4.196  1.00 48.14 ? 522 TYR A OH  1 
ATOM   136  N  N   . THR A 1 17  ? 6.148   -0.624  -0.015  1.00 50.50 ? 523 THR A N   1 
ATOM   137  C  CA  . THR A 1 17  ? 5.183   -0.076  0.934   1.00 52.29 ? 523 THR A CA  1 
ATOM   138  C  C   . THR A 1 17  ? 4.714   -1.158  1.894   1.00 53.91 ? 523 THR A C   1 
ATOM   139  O  O   . THR A 1 17  ? 4.795   -2.356  1.598   1.00 52.64 ? 523 THR A O   1 
ATOM   140  C  CB  . THR A 1 17  ? 3.946   0.539   0.222   1.00 51.38 ? 523 THR A CB  1 
ATOM   141  O  OG1 . THR A 1 17  ? 3.301   -0.458  -0.578  1.00 51.00 ? 523 THR A OG1 1 
ATOM   142  C  CG2 . THR A 1 17  ? 4.361   1.696   -0.659  1.00 49.48 ? 523 THR A CG2 1 
ATOM   143  N  N   . ASP A 1 18  ? 4.242   -0.730  3.057   1.00 57.52 ? 524 ASP A N   1 
ATOM   144  C  CA  . ASP A 1 18  ? 3.747   -1.672  4.042   1.00 61.14 ? 524 ASP A CA  1 
ATOM   145  C  C   . ASP A 1 18  ? 2.903   -0.958  5.070   1.00 62.72 ? 524 ASP A C   1 
ATOM   146  O  O   . ASP A 1 18  ? 3.146   0.202   5.411   1.00 61.29 ? 524 ASP A O   1 
ATOM   147  C  CB  . ASP A 1 18  ? 4.896   -2.391  4.757   1.00 63.94 ? 524 ASP A CB  1 
ATOM   148  C  CG  . ASP A 1 18  ? 4.498   -3.771  5.269   1.00 67.14 ? 524 ASP A CG  1 
ATOM   149  O  OD1 . ASP A 1 18  ? 3.384   -3.927  5.816   1.00 71.65 ? 524 ASP A OD1 1 
ATOM   150  O  OD2 . ASP A 1 18  ? 5.310   -4.710  5.128   1.00 70.29 ? 524 ASP A OD2 1 
ATOM   151  N  N   . GLY A 1 19  ? 1.889   -1.676  5.531   1.00 65.19 ? 525 GLY A N   1 
ATOM   152  C  CA  . GLY A 1 19  ? 0.997   -1.185  6.553   1.00 68.37 ? 525 GLY A CA  1 
ATOM   153  C  C   . GLY A 1 19  ? 1.124   -2.230  7.644   1.00 71.52 ? 525 GLY A C   1 
ATOM   154  O  O   . GLY A 1 19  ? 1.159   -3.440  7.359   1.00 70.96 ? 525 GLY A O   1 
ATOM   155  N  N   . SER A 1 20  ? 1.229   -1.771  8.885   1.00 74.23 ? 526 SER A N   1 
ATOM   156  C  CA  . SER A 1 20  ? 1.353   -2.678  10.017  1.00 76.96 ? 526 SER A CA  1 
ATOM   157  C  C   . SER A 1 20  ? 0.317   -2.305  11.072  1.00 78.28 ? 526 SER A C   1 
ATOM   158  O  O   . SER A 1 20  ? 0.153   -1.132  11.410  1.00 77.64 ? 526 SER A O   1 
ATOM   159  C  CB  . SER A 1 20  ? 2.766   -2.595  10.601  1.00 76.99 ? 526 SER A CB  1 
ATOM   160  O  OG  . SER A 1 20  ? 3.015   -3.662  11.499  1.00 77.93 ? 526 SER A OG  1 
ATOM   161  N  N   . SER A 1 21  ? -0.400  -3.305  11.572  1.00 80.71 ? 527 SER A N   1 
ATOM   162  C  CA  . SER A 1 21  ? -1.418  -3.077  12.593  1.00 83.40 ? 527 SER A CA  1 
ATOM   163  C  C   . SER A 1 21  ? -1.483  -4.268  13.543  1.00 85.74 ? 527 SER A C   1 
ATOM   164  O  O   . SER A 1 21  ? -1.660  -5.416  13.114  1.00 85.17 ? 527 SER A O   1 
ATOM   165  C  CB  . SER A 1 21  ? -2.783  -2.854  11.944  1.00 83.41 ? 527 SER A CB  1 
ATOM   166  O  OG  . SER A 1 21  ? -3.754  -2.519  12.919  1.00 83.68 ? 527 SER A OG  1 
ATOM   167  N  N   . PHE A 1 22  ? -1.345  -3.982  14.835  1.00 87.63 ? 528 PHE A N   1 
ATOM   168  C  CA  . PHE A 1 22  ? -1.348  -5.016  15.868  1.00 89.99 ? 528 PHE A CA  1 
ATOM   169  C  C   . PHE A 1 22  ? -1.803  -4.441  17.209  1.00 90.91 ? 528 PHE A C   1 
ATOM   170  O  O   . PHE A 1 22  ? -1.789  -3.223  17.414  1.00 91.20 ? 528 PHE A O   1 
ATOM   171  C  CB  . PHE A 1 22  ? 0.069   -5.578  16.016  1.00 91.07 ? 528 PHE A CB  1 
ATOM   172  C  CG  . PHE A 1 22  ? 1.116   -4.510  16.222  1.00 92.98 ? 528 PHE A CG  1 
ATOM   173  C  CD1 . PHE A 1 22  ? 1.147   -3.760  17.400  1.00 92.48 ? 528 PHE A CD1 1 
ATOM   174  C  CD2 . PHE A 1 22  ? 2.025   -4.205  15.210  1.00 93.03 ? 528 PHE A CD2 1 
ATOM   175  C  CE1 . PHE A 1 22  ? 2.058   -2.724  17.568  1.00 92.65 ? 528 PHE A CE1 1 
ATOM   176  C  CE2 . PHE A 1 22  ? 2.942   -3.168  15.367  1.00 92.85 ? 528 PHE A CE2 1 
ATOM   177  C  CZ  . PHE A 1 22  ? 2.957   -2.425  16.548  1.00 93.19 ? 528 PHE A CZ  1 
ATOM   178  N  N   . LEU A 1 23  ? -2.196  -5.318  18.126  1.00 91.79 ? 529 LEU A N   1 
ATOM   179  C  CA  . LEU A 1 23  ? -2.623  -4.866  19.444  1.00 92.24 ? 529 LEU A CA  1 
ATOM   180  C  C   . LEU A 1 23  ? -1.434  -4.920  20.401  1.00 92.57 ? 529 LEU A C   1 
ATOM   181  O  O   . LEU A 1 23  ? -0.864  -5.988  20.649  1.00 91.52 ? 529 LEU A O   1 
ATOM   182  C  CB  . LEU A 1 23  ? -3.776  -5.737  19.962  1.00 91.96 ? 529 LEU A CB  1 
ATOM   183  C  CG  . LEU A 1 23  ? -5.101  -5.562  19.210  1.00 92.63 ? 529 LEU A CG  1 
ATOM   184  C  CD1 . LEU A 1 23  ? -6.059  -6.690  19.552  1.00 92.16 ? 529 LEU A CD1 1 
ATOM   185  C  CD2 . LEU A 1 23  ? -5.712  -4.208  19.554  1.00 92.52 ? 529 LEU A CD2 1 
ATOM   186  N  N   . GLN A 1 24  ? -1.039  -3.757  20.908  1.00 93.28 ? 530 GLN A N   1 
ATOM   187  C  CA  . GLN A 1 24  ? 0.075   -3.692  21.843  1.00 94.41 ? 530 GLN A CA  1 
ATOM   188  C  C   . GLN A 1 24  ? -0.502  -3.932  23.231  1.00 95.05 ? 530 GLN A C   1 
ATOM   189  O  O   . GLN A 1 24  ? -0.211  -3.192  24.178  1.00 95.05 ? 530 GLN A O   1 
ATOM   190  C  CB  . GLN A 1 24  ? 0.759   -2.317  21.790  1.00 94.95 ? 530 GLN A CB  1 
ATOM   191  C  CG  . GLN A 1 24  ? 1.996   -2.211  22.687  1.00 94.77 ? 530 GLN A CG  1 
ATOM   192  C  CD  . GLN A 1 24  ? 3.139   -3.116  22.237  1.00 95.02 ? 530 GLN A CD  1 
ATOM   193  O  OE1 . GLN A 1 24  ? 2.924   -4.255  21.805  1.00 94.42 ? 530 GLN A OE1 1 
ATOM   194  N  NE2 . GLN A 1 24  ? 4.366   -2.614  22.354  1.00 94.14 ? 530 GLN A NE2 1 
ATOM   195  N  N   . GLU A 1 25  ? -1.331  -4.974  23.331  1.00 95.05 ? 531 GLU A N   1 
ATOM   196  C  CA  . GLU A 1 25  ? -1.991  -5.348  24.581  1.00 95.05 ? 531 GLU A CA  1 
ATOM   197  C  C   . GLU A 1 25  ? -3.126  -4.363  24.871  1.00 94.98 ? 531 GLU A C   1 
ATOM   198  O  O   . GLU A 1 25  ? -2.941  -3.341  25.541  1.00 93.96 ? 531 GLU A O   1 
ATOM   199  C  CB  . GLU A 1 25  ? -0.976  -5.367  25.733  1.00 95.05 ? 531 GLU A CB  1 
ATOM   200  C  CG  . GLU A 1 25  ? 0.294   -6.151  25.395  1.00 95.05 ? 531 GLU A CG  1 
ATOM   201  C  CD  . GLU A 1 25  ? -0.001  -7.593  24.995  1.00 95.05 ? 531 GLU A CD  1 
ATOM   202  O  OE1 . GLU A 1 25  ? 0.103   -8.485  25.872  1.00 95.05 ? 531 GLU A OE1 1 
ATOM   203  O  OE2 . GLU A 1 25  ? -0.346  -7.830  23.811  1.00 95.05 ? 531 GLU A OE2 1 
ATOM   204  N  N   . GLY A 1 26  ? -4.301  -4.681  24.334  1.00 95.05 ? 532 GLY A N   1 
ATOM   205  C  CA  . GLY A 1 26  ? -5.464  -3.835  24.527  1.00 95.05 ? 532 GLY A CA  1 
ATOM   206  C  C   . GLY A 1 26  ? -5.714  -2.912  23.353  1.00 95.05 ? 532 GLY A C   1 
ATOM   207  O  O   . GLY A 1 26  ? -6.720  -3.043  22.649  1.00 95.05 ? 532 GLY A O   1 
ATOM   208  N  N   . GLN A 1 27  ? -4.788  -1.981  23.132  1.00 95.05 ? 533 GLN A N   1 
ATOM   209  C  CA  . GLN A 1 27  ? -4.917  -1.011  22.045  1.00 94.64 ? 533 GLN A CA  1 
ATOM   210  C  C   . GLN A 1 27  ? -4.365  -1.470  20.690  1.00 93.50 ? 533 GLN A C   1 
ATOM   211  O  O   . GLN A 1 27  ? -3.404  -2.245  20.610  1.00 92.02 ? 533 GLN A O   1 
ATOM   212  C  CB  . GLN A 1 27  ? -4.256  0.310   22.451  1.00 94.69 ? 533 GLN A CB  1 
ATOM   213  C  CG  . GLN A 1 27  ? -4.827  0.916   23.729  1.00 94.82 ? 533 GLN A CG  1 
ATOM   214  C  CD  . GLN A 1 27  ? -4.182  2.246   24.082  1.00 95.05 ? 533 GLN A CD  1 
ATOM   215  O  OE1 . GLN A 1 27  ? -2.956  2.340   24.206  1.00 95.03 ? 533 GLN A OE1 1 
ATOM   216  N  NE2 . GLN A 1 27  ? -5.004  3.284   24.248  1.00 95.05 ? 533 GLN A NE2 1 
ATOM   217  N  N   . ARG A 1 28  ? -5.002  -0.968  19.631  1.00 93.03 ? 534 ARG A N   1 
ATOM   218  C  CA  . ARG A 1 28  ? -4.639  -1.269  18.244  1.00 92.04 ? 534 ARG A CA  1 
ATOM   219  C  C   . ARG A 1 28  ? -3.699  -0.177  17.728  1.00 91.31 ? 534 ARG A C   1 
ATOM   220  O  O   . ARG A 1 28  ? -4.069  1.003   17.684  1.00 91.75 ? 534 ARG A O   1 
ATOM   221  C  CB  . ARG A 1 28  ? -5.902  -1.302  17.365  1.00 91.54 ? 534 ARG A CB  1 
ATOM   222  C  CG  . ARG A 1 28  ? -5.722  -1.931  15.986  1.00 89.40 ? 534 ARG A CG  1 
ATOM   223  C  CD  . ARG A 1 28  ? -5.798  -3.452  16.073  1.00 88.18 ? 534 ARG A CD  1 
ATOM   224  N  NE  . ARG A 1 28  ? -5.410  -4.104  14.827  1.00 86.31 ? 534 ARG A NE  1 
ATOM   225  C  CZ  . ARG A 1 28  ? -5.277  -5.420  14.677  1.00 85.87 ? 534 ARG A CZ  1 
ATOM   226  N  NH1 . ARG A 1 28  ? -5.507  -6.234  15.698  1.00 85.43 ? 534 ARG A NH1 1 
ATOM   227  N  NH2 . ARG A 1 28  ? -4.897  -5.922  13.508  1.00 85.24 ? 534 ARG A NH2 1 
ATOM   228  N  N   . ARG A 1 29  ? -2.486  -0.574  17.347  1.00 89.90 ? 535 ARG A N   1 
ATOM   229  C  CA  . ARG A 1 29  ? -1.492  0.362   16.819  1.00 87.77 ? 535 ARG A CA  1 
ATOM   230  C  C   . ARG A 1 29  ? -1.204  0.085   15.337  1.00 85.29 ? 535 ARG A C   1 
ATOM   231  O  O   . ARG A 1 29  ? -0.957  -1.059  14.939  1.00 83.79 ? 535 ARG A O   1 
ATOM   232  C  CB  . ARG A 1 29  ? -0.194  0.277   17.637  1.00 89.23 ? 535 ARG A CB  1 
ATOM   233  C  CG  . ARG A 1 29  ? -0.276  0.931   19.011  1.00 89.98 ? 535 ARG A CG  1 
ATOM   234  C  CD  . ARG A 1 29  ? 1.041   0.812   19.770  1.00 91.75 ? 535 ARG A CD  1 
ATOM   235  N  NE  . ARG A 1 29  ? 1.068   1.688   20.941  1.00 93.39 ? 535 ARG A NE  1 
ATOM   236  C  CZ  . ARG A 1 29  ? 2.084   1.779   21.800  1.00 94.70 ? 535 ARG A CZ  1 
ATOM   237  N  NH1 . ARG A 1 29  ? 3.181   1.042   21.637  1.00 94.09 ? 535 ARG A NH1 1 
ATOM   238  N  NH2 . ARG A 1 29  ? 2.007   2.617   22.827  1.00 93.84 ? 535 ARG A NH2 1 
ATOM   239  N  N   . ALA A 1 30  ? -1.243  1.139   14.527  1.00 83.37 ? 536 ALA A N   1 
ATOM   240  C  CA  . ALA A 1 30  ? -0.997  1.014   13.094  1.00 81.92 ? 536 ALA A CA  1 
ATOM   241  C  C   . ALA A 1 30  ? 0.011   2.032   12.549  1.00 80.98 ? 536 ALA A C   1 
ATOM   242  O  O   . ALA A 1 30  ? 0.115   3.160   13.040  1.00 80.19 ? 536 ALA A O   1 
ATOM   243  C  CB  . ALA A 1 30  ? -2.312  1.137   12.335  1.00 81.96 ? 536 ALA A CB  1 
ATOM   244  N  N   . GLY A 1 31  ? 0.748   1.616   11.523  1.00 80.11 ? 537 GLY A N   1 
ATOM   245  C  CA  . GLY A 1 31  ? 1.735   2.485   10.907  1.00 77.31 ? 537 GLY A CA  1 
ATOM   246  C  C   . GLY A 1 31  ? 1.923   2.162   9.435   1.00 75.69 ? 537 GLY A C   1 
ATOM   247  O  O   . GLY A 1 31  ? 1.714   1.021   9.007   1.00 76.36 ? 537 GLY A O   1 
ATOM   248  N  N   . ALA A 1 32  ? 2.318   3.168   8.661   1.00 73.71 ? 538 ALA A N   1 
ATOM   249  C  CA  . ALA A 1 32  ? 2.537   3.004   7.224   1.00 71.07 ? 538 ALA A CA  1 
ATOM   250  C  C   . ALA A 1 32  ? 3.917   3.521   6.841   1.00 68.75 ? 538 ALA A C   1 
ATOM   251  O  O   . ALA A 1 32  ? 4.449   4.427   7.487   1.00 69.98 ? 538 ALA A O   1 
ATOM   252  C  CB  . ALA A 1 32  ? 1.462   3.764   6.439   1.00 70.15 ? 538 ALA A CB  1 
ATOM   253  N  N   . ALA A 1 33  ? 4.492   2.958   5.782   1.00 65.50 ? 539 ALA A N   1 
ATOM   254  C  CA  . ALA A 1 33  ? 5.810   3.384   5.332   1.00 62.06 ? 539 ALA A CA  1 
ATOM   255  C  C   . ALA A 1 33  ? 6.064   3.157   3.846   1.00 59.03 ? 539 ALA A C   1 
ATOM   256  O  O   . ALA A 1 33  ? 5.518   2.245   3.231   1.00 58.41 ? 539 ALA A O   1 
ATOM   257  C  CB  . ALA A 1 33  ? 6.897   2.677   6.149   1.00 61.77 ? 539 ALA A CB  1 
ATOM   258  N  N   . VAL A 1 34  ? 6.897   4.013   3.276   1.00 55.46 ? 540 VAL A N   1 
ATOM   259  C  CA  . VAL A 1 34  ? 7.282   3.910   1.882   1.00 52.11 ? 540 VAL A CA  1 
ATOM   260  C  C   . VAL A 1 34  ? 8.792   4.047   1.944   1.00 51.13 ? 540 VAL A C   1 
ATOM   261  O  O   . VAL A 1 34  ? 9.323   5.079   2.369   1.00 50.48 ? 540 VAL A O   1 
ATOM   262  C  CB  . VAL A 1 34  ? 6.683   5.047   1.023   1.00 52.51 ? 540 VAL A CB  1 
ATOM   263  C  CG1 . VAL A 1 34  ? 7.097   4.867   -0.445  1.00 50.46 ? 540 VAL A CG1 1 
ATOM   264  C  CG2 . VAL A 1 34  ? 5.172   5.043   1.145   1.00 49.65 ? 540 VAL A CG2 1 
ATOM   265  N  N   . THR A 1 35  ? 9.480   2.992   1.527   1.00 49.23 ? 541 THR A N   1 
ATOM   266  C  CA  . THR A 1 35  ? 10.930  2.969   1.577   1.00 48.62 ? 541 THR A CA  1 
ATOM   267  C  C   . THR A 1 35  ? 11.603  2.499   0.297   1.00 48.94 ? 541 THR A C   1 
ATOM   268  O  O   . THR A 1 35  ? 10.967  1.954   -0.607  1.00 48.64 ? 541 THR A O   1 
ATOM   269  C  CB  . THR A 1 35  ? 11.404  2.015   2.684   1.00 48.48 ? 541 THR A CB  1 
ATOM   270  O  OG1 . THR A 1 35  ? 11.166  0.663   2.275   1.00 44.98 ? 541 THR A OG1 1 
ATOM   271  C  CG2 . THR A 1 35  ? 10.646  2.267   3.974   1.00 48.58 ? 541 THR A CG2 1 
ATOM   272  N  N   . THR A 1 36  ? 12.905  2.730   0.225   1.00 48.83 ? 542 THR A N   1 
ATOM   273  C  CA  . THR A 1 36  ? 13.674  2.234   -0.895  1.00 50.56 ? 542 THR A CA  1 
ATOM   274  C  C   . THR A 1 36  ? 14.320  1.011   -0.267  1.00 53.59 ? 542 THR A C   1 
ATOM   275  O  O   . THR A 1 36  ? 13.824  0.476   0.726   1.00 52.09 ? 542 THR A O   1 
ATOM   276  C  CB  . THR A 1 36  ? 14.779  3.202   -1.368  1.00 49.65 ? 542 THR A CB  1 
ATOM   277  O  OG1 . THR A 1 36  ? 15.679  3.474   -0.286  1.00 50.32 ? 542 THR A OG1 1 
ATOM   278  C  CG2 . THR A 1 36  ? 14.171  4.499   -1.898  1.00 48.64 ? 542 THR A CG2 1 
ATOM   279  N  N   . GLU A 1 37  ? 15.437  0.581   -0.820  1.00 59.09 ? 543 GLU A N   1 
ATOM   280  C  CA  . GLU A 1 37  ? 16.117  -0.597  -0.314  1.00 63.97 ? 543 GLU A CA  1 
ATOM   281  C  C   . GLU A 1 37  ? 16.866  -0.283  0.983   1.00 65.14 ? 543 GLU A C   1 
ATOM   282  O  O   . GLU A 1 37  ? 17.104  -1.165  1.817   1.00 65.35 ? 543 GLU A O   1 
ATOM   283  C  CB  . GLU A 1 37  ? 17.085  -1.080  -1.387  1.00 67.72 ? 543 GLU A CB  1 
ATOM   284  C  CG  . GLU A 1 37  ? 17.569  -2.504  -1.247  1.00 74.00 ? 543 GLU A CG  1 
ATOM   285  C  CD  . GLU A 1 37  ? 18.396  -2.926  -2.452  1.00 77.03 ? 543 GLU A CD  1 
ATOM   286  O  OE1 . GLU A 1 37  ? 17.900  -2.755  -3.593  1.00 77.15 ? 543 GLU A OE1 1 
ATOM   287  O  OE2 . GLU A 1 37  ? 19.531  -3.423  -2.259  1.00 78.87 ? 543 GLU A OE2 1 
ATOM   288  N  N   . THR A 1 38  ? 17.209  0.991   1.156   1.00 66.06 ? 544 THR A N   1 
ATOM   289  C  CA  . THR A 1 38  ? 17.977  1.418   2.320   1.00 66.13 ? 544 THR A CA  1 
ATOM   290  C  C   . THR A 1 38  ? 17.462  2.652   3.056   1.00 65.84 ? 544 THR A C   1 
ATOM   291  O  O   . THR A 1 38  ? 17.866  2.896   4.182   1.00 66.51 ? 544 THR A O   1 
ATOM   292  C  CB  . THR A 1 38  ? 19.412  1.719   1.909   1.00 65.48 ? 544 THR A CB  1 
ATOM   293  O  OG1 . THR A 1 38  ? 19.410  2.874   1.063   1.00 66.85 ? 544 THR A OG1 1 
ATOM   294  C  CG2 . THR A 1 38  ? 20.010  0.541   1.138   1.00 63.68 ? 544 THR A CG2 1 
ATOM   295  N  N   . GLU A 1 39  ? 16.593  3.439   2.432   1.00 65.85 ? 545 GLU A N   1 
ATOM   296  C  CA  . GLU A 1 39  ? 16.072  4.637   3.087   1.00 65.12 ? 545 GLU A CA  1 
ATOM   297  C  C   . GLU A 1 39  ? 14.552  4.682   3.227   1.00 62.70 ? 545 GLU A C   1 
ATOM   298  O  O   . GLU A 1 39  ? 13.811  4.170   2.386   1.00 63.02 ? 545 GLU A O   1 
ATOM   299  C  CB  . GLU A 1 39  ? 16.549  5.885   2.346   1.00 68.42 ? 545 GLU A CB  1 
ATOM   300  C  CG  . GLU A 1 39  ? 18.051  6.100   2.441   1.00 77.46 ? 545 GLU A CG  1 
ATOM   301  C  CD  . GLU A 1 39  ? 18.559  7.226   1.546   1.00 82.12 ? 545 GLU A CD  1 
ATOM   302  O  OE1 . GLU A 1 39  ? 19.767  7.193   1.184   1.00 82.84 ? 545 GLU A OE1 1 
ATOM   303  O  OE2 . GLU A 1 39  ? 17.756  8.135   1.210   1.00 83.17 ? 545 GLU A OE2 1 
ATOM   304  N  N   . VAL A 1 40  ? 14.091  5.291   4.311   1.00 58.37 ? 546 VAL A N   1 
ATOM   305  C  CA  . VAL A 1 40  ? 12.666  5.430   4.537   1.00 55.09 ? 546 VAL A CA  1 
ATOM   306  C  C   . VAL A 1 40  ? 12.314  6.740   3.864   1.00 55.16 ? 546 VAL A C   1 
ATOM   307  O  O   . VAL A 1 40  ? 12.803  7.789   4.275   1.00 53.51 ? 546 VAL A O   1 
ATOM   308  C  CB  . VAL A 1 40  ? 12.336  5.552   6.029   1.00 52.50 ? 546 VAL A CB  1 
ATOM   309  C  CG1 . VAL A 1 40  ? 10.837  5.711   6.208   1.00 50.81 ? 546 VAL A CG1 1 
ATOM   310  C  CG2 . VAL A 1 40  ? 12.853  4.341   6.779   1.00 50.63 ? 546 VAL A CG2 1 
ATOM   311  N  N   . ILE A 1 41  ? 11.483  6.704   2.830   1.00 55.46 ? 547 ILE A N   1 
ATOM   312  C  CA  . ILE A 1 41  ? 11.157  7.958   2.171   1.00 56.68 ? 547 ILE A CA  1 
ATOM   313  C  C   . ILE A 1 41  ? 9.950   8.627   2.815   1.00 56.26 ? 547 ILE A C   1 
ATOM   314  O  O   . ILE A 1 41  ? 9.767   9.838   2.716   1.00 54.63 ? 547 ILE A O   1 
ATOM   315  C  CB  . ILE A 1 41  ? 10.967  7.784   0.622   1.00 58.27 ? 547 ILE A CB  1 
ATOM   316  C  CG1 . ILE A 1 41  ? 9.563   8.183   0.223   1.00 59.81 ? 547 ILE A CG1 1 
ATOM   317  C  CG2 . ILE A 1 41  ? 11.283  6.360   0.187   1.00 58.03 ? 547 ILE A CG2 1 
ATOM   318  C  CD1 . ILE A 1 41  ? 9.498   8.642   -1.175  1.00 64.25 ? 547 ILE A CD1 1 
ATOM   319  N  N   . TRP A 1 42  ? 9.142   7.831   3.502   1.00 56.86 ? 548 TRP A N   1 
ATOM   320  C  CA  . TRP A 1 42  ? 7.969   8.353   4.192   1.00 57.08 ? 548 TRP A CA  1 
ATOM   321  C  C   . TRP A 1 42  ? 7.469   7.323   5.197   1.00 57.42 ? 548 TRP A C   1 
ATOM   322  O  O   . TRP A 1 42  ? 7.422   6.125   4.914   1.00 57.12 ? 548 TRP A O   1 
ATOM   323  C  CB  . TRP A 1 42  ? 6.859   8.680   3.197   1.00 56.56 ? 548 TRP A CB  1 
ATOM   324  C  CG  . TRP A 1 42  ? 5.590   9.213   3.829   1.00 57.03 ? 548 TRP A CG  1 
ATOM   325  C  CD1 . TRP A 1 42  ? 5.240   10.530  4.007   1.00 56.38 ? 548 TRP A CD1 1 
ATOM   326  C  CD2 . TRP A 1 42  ? 4.477   8.438   4.301   1.00 55.24 ? 548 TRP A CD2 1 
ATOM   327  N  NE1 . TRP A 1 42  ? 3.977   10.618  4.549   1.00 55.76 ? 548 TRP A NE1 1 
ATOM   328  C  CE2 . TRP A 1 42  ? 3.487   9.350   4.741   1.00 56.92 ? 548 TRP A CE2 1 
ATOM   329  C  CE3 . TRP A 1 42  ? 4.218   7.061   4.392   1.00 54.27 ? 548 TRP A CE3 1 
ATOM   330  C  CZ2 . TRP A 1 42  ? 2.256   8.927   5.261   1.00 55.38 ? 548 TRP A CZ2 1 
ATOM   331  C  CZ3 . TRP A 1 42  ? 2.997   6.641   4.908   1.00 54.35 ? 548 TRP A CZ3 1 
ATOM   332  C  CH2 . TRP A 1 42  ? 2.032   7.572   5.334   1.00 55.09 ? 548 TRP A CH2 1 
ATOM   333  N  N   . ALA A 1 43  ? 7.116   7.803   6.382   1.00 58.26 ? 549 ALA A N   1 
ATOM   334  C  CA  . ALA A 1 43  ? 6.595   6.955   7.441   1.00 58.81 ? 549 ALA A CA  1 
ATOM   335  C  C   . ALA A 1 43  ? 5.697   7.840   8.274   1.00 60.32 ? 549 ALA A C   1 
ATOM   336  O  O   . ALA A 1 43  ? 5.978   9.032   8.460   1.00 60.04 ? 549 ALA A O   1 
ATOM   337  C  CB  . ALA A 1 43  ? 7.721   6.400   8.298   1.00 58.00 ? 549 ALA A CB  1 
ATOM   338  N  N   . ARG A 1 44  ? 4.605   7.263   8.761   1.00 62.15 ? 550 ARG A N   1 
ATOM   339  C  CA  . ARG A 1 44  ? 3.674   8.012   9.575   1.00 63.42 ? 550 ARG A CA  1 
ATOM   340  C  C   . ARG A 1 44  ? 2.995   7.082   10.561  1.00 66.38 ? 550 ARG A C   1 
ATOM   341  O  O   . ARG A 1 44  ? 2.628   5.954   10.221  1.00 66.40 ? 550 ARG A O   1 
ATOM   342  C  CB  . ARG A 1 44  ? 2.634   8.685   8.678   1.00 61.26 ? 550 ARG A CB  1 
ATOM   343  C  CG  . ARG A 1 44  ? 2.403   10.157  8.969   1.00 59.64 ? 550 ARG A CG  1 
ATOM   344  C  CD  . ARG A 1 44  ? 3.719   10.891  9.065   1.00 58.54 ? 550 ARG A CD  1 
ATOM   345  N  NE  . ARG A 1 44  ? 3.699   12.158  8.348   1.00 59.13 ? 550 ARG A NE  1 
ATOM   346  C  CZ  . ARG A 1 44  ? 4.723   12.605  7.624   1.00 60.04 ? 550 ARG A CZ  1 
ATOM   347  N  NH1 . ARG A 1 44  ? 5.835   11.879  7.530   1.00 57.68 ? 550 ARG A NH1 1 
ATOM   348  N  NH2 . ARG A 1 44  ? 4.637   13.766  6.984   1.00 59.10 ? 550 ARG A NH2 1 
ATOM   349  N  N   . ALA A 1 45  ? 2.865   7.546   11.798  1.00 69.88 ? 551 ALA A N   1 
ATOM   350  C  CA  . ALA A 1 45  ? 2.189   6.765   12.819  1.00 72.16 ? 551 ALA A CA  1 
ATOM   351  C  C   . ALA A 1 45  ? 0.709   6.958   12.477  1.00 73.83 ? 551 ALA A C   1 
ATOM   352  O  O   . ALA A 1 45  ? 0.277   8.081   12.186  1.00 73.69 ? 551 ALA A O   1 
ATOM   353  C  CB  . ALA A 1 45  ? 2.513   7.315   14.192  1.00 71.45 ? 551 ALA A CB  1 
ATOM   354  N  N   . LEU A 1 46  ? -0.058  5.871   12.495  1.00 75.83 ? 552 LEU A N   1 
ATOM   355  C  CA  . LEU A 1 46  ? -1.473  5.927   12.134  1.00 78.48 ? 552 LEU A CA  1 
ATOM   356  C  C   . LEU A 1 46  ? -2.475  5.950   13.293  1.00 80.49 ? 552 LEU A C   1 
ATOM   357  O  O   . LEU A 1 46  ? -2.178  5.497   14.404  1.00 80.65 ? 552 LEU A O   1 
ATOM   358  C  CB  . LEU A 1 46  ? -1.805  4.748   11.213  1.00 77.90 ? 552 LEU A CB  1 
ATOM   359  C  CG  . LEU A 1 46  ? -1.059  4.668   9.877   1.00 76.73 ? 552 LEU A CG  1 
ATOM   360  C  CD1 . LEU A 1 46  ? -1.411  3.374   9.166   1.00 75.02 ? 552 LEU A CD1 1 
ATOM   361  C  CD2 . LEU A 1 46  ? -1.420  5.869   9.021   1.00 75.92 ? 552 LEU A CD2 1 
ATOM   362  N  N   . PRO A 1 47  ? -3.688  6.480   13.035  1.00 82.11 ? 553 PRO A N   1 
ATOM   363  C  CA  . PRO A 1 47  ? -4.752  6.566   14.040  1.00 82.86 ? 553 PRO A CA  1 
ATOM   364  C  C   . PRO A 1 47  ? -4.996  5.194   14.650  1.00 83.71 ? 553 PRO A C   1 
ATOM   365  O  O   . PRO A 1 47  ? -4.977  4.180   13.944  1.00 82.58 ? 553 PRO A O   1 
ATOM   366  C  CB  . PRO A 1 47  ? -5.951  7.049   13.233  1.00 82.15 ? 553 PRO A CB  1 
ATOM   367  C  CG  . PRO A 1 47  ? -5.316  7.914   12.201  1.00 83.26 ? 553 PRO A CG  1 
ATOM   368  C  CD  . PRO A 1 47  ? -4.131  7.077   11.762  1.00 82.53 ? 553 PRO A CD  1 
ATOM   369  N  N   . ALA A 1 48  ? -5.223  5.173   15.961  1.00 85.03 ? 554 ALA A N   1 
ATOM   370  C  CA  . ALA A 1 48  ? -5.464  3.924   16.676  1.00 84.73 ? 554 ALA A CA  1 
ATOM   371  C  C   . ALA A 1 48  ? -6.687  3.211   16.109  1.00 84.58 ? 554 ALA A C   1 
ATOM   372  O  O   . ALA A 1 48  ? -7.697  3.845   15.784  1.00 84.59 ? 554 ALA A O   1 
ATOM   373  C  CB  . ALA A 1 48  ? -5.655  4.206   18.165  1.00 84.14 ? 554 ALA A CB  1 
ATOM   374  N  N   . GLY A 1 49  ? -6.584  1.892   15.977  1.00 84.12 ? 555 GLY A N   1 
ATOM   375  C  CA  . GLY A 1 49  ? -7.699  1.122   15.457  1.00 84.24 ? 555 GLY A CA  1 
ATOM   376  C  C   . GLY A 1 49  ? -7.627  0.822   13.973  1.00 83.35 ? 555 GLY A C   1 
ATOM   377  O  O   . GLY A 1 49  ? -8.284  -0.108  13.503  1.00 83.64 ? 555 GLY A O   1 
ATOM   378  N  N   . THR A 1 50  ? -6.839  1.607   13.237  1.00 82.05 ? 556 THR A N   1 
ATOM   379  C  CA  . THR A 1 50  ? -6.674  1.425   11.794  1.00 79.32 ? 556 THR A CA  1 
ATOM   380  C  C   . THR A 1 50  ? -6.331  -0.027  11.487  1.00 77.71 ? 556 THR A C   1 
ATOM   381  O  O   . THR A 1 50  ? -5.400  -0.589  12.066  1.00 76.92 ? 556 THR A O   1 
ATOM   382  C  CB  . THR A 1 50  ? -5.529  2.297   11.239  1.00 79.94 ? 556 THR A CB  1 
ATOM   383  O  OG1 . THR A 1 50  ? -5.757  3.671   11.576  1.00 79.45 ? 556 THR A OG1 1 
ATOM   384  C  CG2 . THR A 1 50  ? -5.435  2.142   9.723   1.00 78.53 ? 556 THR A CG2 1 
ATOM   385  N  N   . SER A 1 51  ? -7.083  -0.632  10.578  1.00 75.74 ? 557 SER A N   1 
ATOM   386  C  CA  . SER A 1 51  ? -6.840  -2.015  10.213  1.00 75.27 ? 557 SER A CA  1 
ATOM   387  C  C   . SER A 1 51  ? -5.564  -2.141  9.401   1.00 73.94 ? 557 SER A C   1 
ATOM   388  O  O   . SER A 1 51  ? -5.082  -1.163  8.829   1.00 73.27 ? 557 SER A O   1 
ATOM   389  C  CB  . SER A 1 51  ? -8.027  -2.568  9.419   1.00 76.76 ? 557 SER A CB  1 
ATOM   390  O  OG  . SER A 1 51  ? -8.759  -1.525  8.794   1.00 78.66 ? 557 SER A OG  1 
ATOM   391  N  N   . ALA A 1 52  ? -5.015  -3.350  9.365   1.00 72.83 ? 558 ALA A N   1 
ATOM   392  C  CA  . ALA A 1 52  ? -3.796  -3.610  8.618   1.00 72.98 ? 558 ALA A CA  1 
ATOM   393  C  C   . ALA A 1 52  ? -4.055  -3.348  7.131   1.00 73.02 ? 558 ALA A C   1 
ATOM   394  O  O   . ALA A 1 52  ? -3.175  -2.864  6.408   1.00 73.21 ? 558 ALA A O   1 
ATOM   395  C  CB  . ALA A 1 52  ? -3.350  -5.056  8.838   1.00 71.21 ? 558 ALA A CB  1 
ATOM   396  N  N   . GLN A 1 53  ? -5.270  -3.664  6.685   1.00 72.81 ? 559 GLN A N   1 
ATOM   397  C  CA  . GLN A 1 53  ? -5.655  -3.457  5.292   1.00 71.18 ? 559 GLN A CA  1 
ATOM   398  C  C   . GLN A 1 53  ? -5.702  -1.974  4.976   1.00 70.69 ? 559 GLN A C   1 
ATOM   399  O  O   . GLN A 1 53  ? -5.140  -1.529  3.978   1.00 71.09 ? 559 GLN A O   1 
ATOM   400  C  CB  . GLN A 1 53  ? -7.015  -4.098  5.009   1.00 69.68 ? 559 GLN A CB  1 
ATOM   401  C  CG  . GLN A 1 53  ? -6.994  -5.611  5.131   1.00 68.98 ? 559 GLN A CG  1 
ATOM   402  C  CD  . GLN A 1 53  ? -8.302  -6.265  4.716   1.00 68.61 ? 559 GLN A CD  1 
ATOM   403  O  OE1 . GLN A 1 53  ? -9.393  -5.726  4.950   1.00 67.18 ? 559 GLN A OE1 1 
ATOM   404  N  NE2 . GLN A 1 53  ? -8.198  -7.448  4.111   1.00 67.62 ? 559 GLN A NE2 1 
ATOM   405  N  N   . ARG A 1 54  ? -6.375  -1.208  5.826   1.00 70.95 ? 560 ARG A N   1 
ATOM   406  C  CA  . ARG A 1 54  ? -6.457  0.232   5.628   1.00 72.53 ? 560 ARG A CA  1 
ATOM   407  C  C   . ARG A 1 54  ? -5.046  0.836   5.629   1.00 71.77 ? 560 ARG A C   1 
ATOM   408  O  O   . ARG A 1 54  ? -4.760  1.764   4.869   1.00 72.22 ? 560 ARG A O   1 
ATOM   409  C  CB  . ARG A 1 54  ? -7.287  0.885   6.742   1.00 74.97 ? 560 ARG A CB  1 
ATOM   410  C  CG  . ARG A 1 54  ? -8.797  0.715   6.627   1.00 78.37 ? 560 ARG A CG  1 
ATOM   411  C  CD  . ARG A 1 54  ? -9.503  1.287   7.874   1.00 81.13 ? 560 ARG A CD  1 
ATOM   412  N  NE  . ARG A 1 54  ? -10.953 1.457   7.711   1.00 83.16 ? 560 ARG A NE  1 
ATOM   413  C  CZ  . ARG A 1 54  ? -11.525 2.209   6.769   1.00 82.19 ? 560 ARG A CZ  1 
ATOM   414  N  NH1 . ARG A 1 54  ? -10.769 2.858   5.896   1.00 82.69 ? 560 ARG A NH1 1 
ATOM   415  N  NH2 . ARG A 1 54  ? -12.847 2.327   6.703   1.00 80.51 ? 560 ARG A NH2 1 
ATOM   416  N  N   . ALA A 1 55  ? -4.170  0.308   6.486   1.00 70.22 ? 561 ALA A N   1 
ATOM   417  C  CA  . ALA A 1 55  ? -2.796  0.799   6.585   1.00 67.38 ? 561 ALA A CA  1 
ATOM   418  C  C   . ALA A 1 55  ? -2.021  0.450   5.321   1.00 66.39 ? 561 ALA A C   1 
ATOM   419  O  O   . ALA A 1 55  ? -1.234  1.255   4.818   1.00 64.90 ? 561 ALA A O   1 
ATOM   420  C  CB  . ALA A 1 55  ? -2.099  0.198   7.808   1.00 65.55 ? 561 ALA A CB  1 
ATOM   421  N  N   . GLU A 1 56  ? -2.241  -0.754  4.806   1.00 65.68 ? 562 GLU A N   1 
ATOM   422  C  CA  . GLU A 1 56  ? -1.542  -1.159  3.604   1.00 66.21 ? 562 GLU A CA  1 
ATOM   423  C  C   . GLU A 1 56  ? -1.986  -0.296  2.401   1.00 65.47 ? 562 GLU A C   1 
ATOM   424  O  O   . GLU A 1 56  ? -1.189  -0.020  1.500   1.00 65.42 ? 562 GLU A O   1 
ATOM   425  C  CB  . GLU A 1 56  ? -1.751  -2.661  3.352   1.00 68.27 ? 562 GLU A CB  1 
ATOM   426  C  CG  . GLU A 1 56  ? -0.431  -3.472  3.305   1.00 73.71 ? 562 GLU A CG  1 
ATOM   427  C  CD  . GLU A 1 56  ? -0.269  -4.448  4.475   1.00 77.69 ? 562 GLU A CD  1 
ATOM   428  O  OE1 . GLU A 1 56  ? -1.271  -5.122  4.814   1.00 81.55 ? 562 GLU A OE1 1 
ATOM   429  O  OE2 . GLU A 1 56  ? 0.851   -4.561  5.044   1.00 76.97 ? 562 GLU A OE2 1 
ATOM   430  N  N   . LEU A 1 57  ? -3.242  0.151   2.400   1.00 63.42 ? 563 LEU A N   1 
ATOM   431  C  CA  . LEU A 1 57  ? -3.737  1.000   1.317   1.00 61.76 ? 563 LEU A CA  1 
ATOM   432  C  C   . LEU A 1 57  ? -3.170  2.405   1.451   1.00 60.97 ? 563 LEU A C   1 
ATOM   433  O  O   . LEU A 1 57  ? -2.790  3.031   0.459   1.00 60.69 ? 563 LEU A O   1 
ATOM   434  C  CB  . LEU A 1 57  ? -5.263  1.112   1.335   1.00 60.93 ? 563 LEU A CB  1 
ATOM   435  C  CG  . LEU A 1 57  ? -6.139  -0.096  1.035   1.00 61.04 ? 563 LEU A CG  1 
ATOM   436  C  CD1 . LEU A 1 57  ? -7.593  0.350   1.063   1.00 61.02 ? 563 LEU A CD1 1 
ATOM   437  C  CD2 . LEU A 1 57  ? -5.787  -0.693  -0.309  1.00 60.64 ? 563 LEU A CD2 1 
ATOM   438  N  N   . ILE A 1 58  ? -3.144  2.903   2.683   1.00 59.95 ? 564 ILE A N   1 
ATOM   439  C  CA  . ILE A 1 58  ? -2.634  4.239   2.967   1.00 59.24 ? 564 ILE A CA  1 
ATOM   440  C  C   . ILE A 1 58  ? -1.184  4.357   2.495   1.00 58.33 ? 564 ILE A C   1 
ATOM   441  O  O   . ILE A 1 58  ? -0.801  5.344   1.865   1.00 57.82 ? 564 ILE A O   1 
ATOM   442  C  CB  . ILE A 1 58  ? -2.720  4.537   4.486   1.00 60.80 ? 564 ILE A CB  1 
ATOM   443  C  CG1 . ILE A 1 58  ? -4.196  4.640   4.897   1.00 60.99 ? 564 ILE A CG1 1 
ATOM   444  C  CG2 . ILE A 1 58  ? -1.923  5.817   4.837   1.00 59.42 ? 564 ILE A CG2 1 
ATOM   445  C  CD1 . ILE A 1 58  ? -4.427  4.648   6.403   1.00 61.25 ? 564 ILE A CD1 1 
ATOM   446  N  N   . ALA A 1 59  ? -0.394  3.336   2.805   1.00 56.58 ? 565 ALA A N   1 
ATOM   447  C  CA  . ALA A 1 59  ? 0.999   3.299   2.422   1.00 55.96 ? 565 ALA A CA  1 
ATOM   448  C  C   . ALA A 1 59  ? 1.087   3.442   0.904   1.00 56.24 ? 565 ALA A C   1 
ATOM   449  O  O   . ALA A 1 59  ? 1.734   4.361   0.383   1.00 57.01 ? 565 ALA A O   1 
ATOM   450  C  CB  . ALA A 1 59  ? 1.625   1.973   2.873   1.00 54.95 ? 565 ALA A CB  1 
ATOM   451  N  N   . LEU A 1 60  ? 0.422   2.528   0.204   1.00 53.70 ? 566 LEU A N   1 
ATOM   452  C  CA  . LEU A 1 60  ? 0.416   2.520   -1.248  1.00 51.91 ? 566 LEU A CA  1 
ATOM   453  C  C   . LEU A 1 60  ? -0.094  3.831   -1.851  1.00 52.14 ? 566 LEU A C   1 
ATOM   454  O  O   . LEU A 1 60  ? 0.508   4.364   -2.792  1.00 52.35 ? 566 LEU A O   1 
ATOM   455  C  CB  . LEU A 1 60  ? -0.424  1.345   -1.754  1.00 50.54 ? 566 LEU A CB  1 
ATOM   456  C  CG  . LEU A 1 60  ? -0.554  1.176   -3.264  1.00 48.28 ? 566 LEU A CG  1 
ATOM   457  C  CD1 . LEU A 1 60  ? 0.808   0.969   -3.873  1.00 45.67 ? 566 LEU A CD1 1 
ATOM   458  C  CD2 . LEU A 1 60  ? -1.459  0.006   -3.565  1.00 47.15 ? 566 LEU A CD2 1 
ATOM   459  N  N   . THR A 1 61  ? -1.199  4.356   -1.331  1.00 51.52 ? 567 THR A N   1 
ATOM   460  C  CA  . THR A 1 61  ? -1.722  5.609   -1.867  1.00 49.59 ? 567 THR A CA  1 
ATOM   461  C  C   . THR A 1 61  ? -0.645  6.674   -1.719  1.00 49.54 ? 567 THR A C   1 
ATOM   462  O  O   . THR A 1 61  ? -0.391  7.434   -2.645  1.00 49.59 ? 567 THR A O   1 
ATOM   463  C  CB  . THR A 1 61  ? -3.021  6.071   -1.132  1.00 49.95 ? 567 THR A CB  1 
ATOM   464  O  OG1 . THR A 1 61  ? -4.061  5.113   -1.358  1.00 48.27 ? 567 THR A OG1 1 
ATOM   465  C  CG2 . THR A 1 61  ? -3.489  7.447   -1.643  1.00 46.41 ? 567 THR A CG2 1 
ATOM   466  N  N   . GLN A 1 62  ? 0.004   6.706   -0.561  1.00 49.08 ? 568 GLN A N   1 
ATOM   467  C  CA  . GLN A 1 62  ? 1.058   7.682   -0.297  1.00 49.08 ? 568 GLN A CA  1 
ATOM   468  C  C   . GLN A 1 62  ? 2.199   7.609   -1.312  1.00 48.60 ? 568 GLN A C   1 
ATOM   469  O  O   . GLN A 1 62  ? 2.681   8.642   -1.785  1.00 47.45 ? 568 GLN A O   1 
ATOM   470  C  CB  . GLN A 1 62  ? 1.613   7.485   1.114   1.00 49.49 ? 568 GLN A CB  1 
ATOM   471  C  CG  . GLN A 1 62  ? 2.661   8.509   1.531   1.00 51.19 ? 568 GLN A CG  1 
ATOM   472  C  CD  . GLN A 1 62  ? 2.220   9.944   1.308   1.00 53.36 ? 568 GLN A CD  1 
ATOM   473  O  OE1 . GLN A 1 62  ? 1.034   10.281  1.440   1.00 53.83 ? 568 GLN A OE1 1 
ATOM   474  N  NE2 . GLN A 1 62  ? 3.181   10.807  0.978   1.00 52.19 ? 568 GLN A NE2 1 
ATOM   475  N  N   . ALA A 1 63  ? 2.637   6.392   -1.634  1.00 48.17 ? 569 ALA A N   1 
ATOM   476  C  CA  . ALA A 1 63  ? 3.708   6.203   -2.608  1.00 48.28 ? 569 ALA A CA  1 
ATOM   477  C  C   . ALA A 1 63  ? 3.274   6.767   -3.965  1.00 50.12 ? 569 ALA A C   1 
ATOM   478  O  O   . ALA A 1 63  ? 4.057   7.421   -4.655  1.00 49.96 ? 569 ALA A O   1 
ATOM   479  C  CB  . ALA A 1 63  ? 4.042   4.731   -2.745  1.00 45.63 ? 569 ALA A CB  1 
ATOM   480  N  N   . LEU A 1 64  ? 2.026   6.513   -4.347  1.00 50.91 ? 570 LEU A N   1 
ATOM   481  C  CA  . LEU A 1 64  ? 1.530   7.006   -5.620  1.00 50.68 ? 570 LEU A CA  1 
ATOM   482  C  C   . LEU A 1 64  ? 1.546   8.532   -5.645  1.00 51.46 ? 570 LEU A C   1 
ATOM   483  O  O   . LEU A 1 64  ? 1.947   9.143   -6.642  1.00 51.31 ? 570 LEU A O   1 
ATOM   484  C  CB  . LEU A 1 64  ? 0.111   6.498   -5.876  1.00 48.66 ? 570 LEU A CB  1 
ATOM   485  C  CG  . LEU A 1 64  ? -0.071  4.980   -5.944  1.00 48.98 ? 570 LEU A CG  1 
ATOM   486  C  CD1 . LEU A 1 64  ? -1.524  4.662   -6.280  1.00 48.58 ? 570 LEU A CD1 1 
ATOM   487  C  CD2 . LEU A 1 64  ? 0.858   4.388   -6.985  1.00 48.36 ? 570 LEU A CD2 1 
ATOM   488  N  N   . LYS A 1 65  ? 1.111   9.146   -4.546  1.00 52.55 ? 571 LYS A N   1 
ATOM   489  C  CA  . LYS A 1 65  ? 1.072   10.596  -4.465  1.00 52.63 ? 571 LYS A CA  1 
ATOM   490  C  C   . LYS A 1 65  ? 2.458   11.219  -4.596  1.00 52.35 ? 571 LYS A C   1 
ATOM   491  O  O   . LYS A 1 65  ? 2.613   12.260  -5.243  1.00 53.73 ? 571 LYS A O   1 
ATOM   492  C  CB  . LYS A 1 65  ? 0.423   11.040  -3.154  1.00 53.50 ? 571 LYS A CB  1 
ATOM   493  C  CG  . LYS A 1 65  ? -1.074  10.783  -3.094  1.00 57.51 ? 571 LYS A CG  1 
ATOM   494  C  CD  . LYS A 1 65  ? -1.700  11.345  -1.823  1.00 60.30 ? 571 LYS A CD  1 
ATOM   495  C  CE  . LYS A 1 65  ? -3.172  10.949  -1.720  1.00 62.82 ? 571 LYS A CE  1 
ATOM   496  N  NZ  . LYS A 1 65  ? -3.803  11.479  -0.477  1.00 65.87 ? 571 LYS A NZ  1 
ATOM   497  N  N   . MET A 1 66  ? 3.466   10.585  -4.001  1.00 50.04 ? 572 MET A N   1 
ATOM   498  C  CA  . MET A 1 66  ? 4.820   11.123  -4.062  1.00 48.55 ? 572 MET A CA  1 
ATOM   499  C  C   . MET A 1 66  ? 5.484   10.908  -5.413  1.00 47.83 ? 572 MET A C   1 
ATOM   500  O  O   . MET A 1 66  ? 6.425   11.618  -5.765  1.00 47.39 ? 572 MET A O   1 
ATOM   501  C  CB  . MET A 1 66  ? 5.680   10.514  -2.954  1.00 47.62 ? 572 MET A CB  1 
ATOM   502  C  CG  . MET A 1 66  ? 5.124   10.752  -1.568  1.00 46.42 ? 572 MET A CG  1 
ATOM   503  S  SD  . MET A 1 66  ? 6.211   10.182  -0.253  1.00 50.75 ? 572 MET A SD  1 
ATOM   504  C  CE  . MET A 1 66  ? 6.202   8.389   -0.522  1.00 47.02 ? 572 MET A CE  1 
ATOM   505  N  N   . ALA A 1 67  ? 4.987   9.933   -6.171  1.00 47.95 ? 573 ALA A N   1 
ATOM   506  C  CA  . ALA A 1 67  ? 5.539   9.628   -7.485  1.00 46.44 ? 573 ALA A CA  1 
ATOM   507  C  C   . ALA A 1 67  ? 4.799   10.333  -8.614  1.00 46.66 ? 573 ALA A C   1 
ATOM   508  O  O   . ALA A 1 67  ? 4.918   9.942   -9.771  1.00 46.41 ? 573 ALA A O   1 
ATOM   509  C  CB  . ALA A 1 67  ? 5.532   8.131   -7.716  1.00 44.50 ? 573 ALA A CB  1 
ATOM   510  N  N   . GLU A 1 68  ? 4.046   11.379  -8.289  1.00 48.16 ? 574 GLU A N   1 
ATOM   511  C  CA  . GLU A 1 68  ? 3.308   12.115  -9.313  1.00 50.92 ? 574 GLU A CA  1 
ATOM   512  C  C   . GLU A 1 68  ? 4.204   12.575  -10.465 1.00 52.04 ? 574 GLU A C   1 
ATOM   513  O  O   . GLU A 1 68  ? 5.245   13.198  -10.254 1.00 52.22 ? 574 GLU A O   1 
ATOM   514  C  CB  . GLU A 1 68  ? 2.609   13.323  -8.695  1.00 52.84 ? 574 GLU A CB  1 
ATOM   515  C  CG  . GLU A 1 68  ? 1.869   14.199  -9.692  1.00 56.27 ? 574 GLU A CG  1 
ATOM   516  C  CD  . GLU A 1 68  ? 0.883   15.142  -9.016  1.00 60.68 ? 574 GLU A CD  1 
ATOM   517  O  OE1 . GLU A 1 68  ? 0.891   15.220  -7.761  1.00 62.42 ? 574 GLU A OE1 1 
ATOM   518  O  OE2 . GLU A 1 68  ? 0.101   15.806  -9.738  1.00 60.80 ? 574 GLU A OE2 1 
ATOM   519  N  N   . GLY A 1 69  ? 3.795   12.253  -11.686 1.00 53.07 ? 575 GLY A N   1 
ATOM   520  C  CA  . GLY A 1 69  ? 4.561   12.654  -12.850 1.00 54.64 ? 575 GLY A CA  1 
ATOM   521  C  C   . GLY A 1 69  ? 5.802   11.824  -13.128 1.00 56.33 ? 575 GLY A C   1 
ATOM   522  O  O   . GLY A 1 69  ? 6.535   12.113  -14.073 1.00 56.85 ? 575 GLY A O   1 
ATOM   523  N  N   . LYS A 1 70  ? 6.036   10.791  -12.323 1.00 56.83 ? 576 LYS A N   1 
ATOM   524  C  CA  . LYS A 1 70  ? 7.203   9.936   -12.506 1.00 56.58 ? 576 LYS A CA  1 
ATOM   525  C  C   . LYS A 1 70  ? 6.785   8.502   -12.826 1.00 56.24 ? 576 LYS A C   1 
ATOM   526  O  O   . LYS A 1 70  ? 5.604   8.161   -12.760 1.00 55.86 ? 576 LYS A O   1 
ATOM   527  C  CB  . LYS A 1 70  ? 8.054   9.957   -11.238 1.00 58.25 ? 576 LYS A CB  1 
ATOM   528  C  CG  . LYS A 1 70  ? 8.529   11.336  -10.826 1.00 62.04 ? 576 LYS A CG  1 
ATOM   529  C  CD  . LYS A 1 70  ? 9.548   11.889  -11.816 1.00 66.54 ? 576 LYS A CD  1 
ATOM   530  C  CE  . LYS A 1 70  ? 10.030  13.278  -11.412 1.00 70.00 ? 576 LYS A CE  1 
ATOM   531  N  NZ  . LYS A 1 70  ? 11.052  13.824  -12.360 1.00 73.99 ? 576 LYS A NZ  1 
ATOM   532  N  N   . LYS A 1 71  ? 7.760   7.671   -13.188 1.00 56.71 ? 577 LYS A N   1 
ATOM   533  C  CA  . LYS A 1 71  ? 7.516   6.262   -13.502 1.00 56.83 ? 577 LYS A CA  1 
ATOM   534  C  C   . LYS A 1 71  ? 7.831   5.489   -12.230 1.00 54.59 ? 577 LYS A C   1 
ATOM   535  O  O   . LYS A 1 71  ? 8.966   5.519   -11.741 1.00 53.92 ? 577 LYS A O   1 
ATOM   536  C  CB  . LYS A 1 71  ? 8.420   5.799   -14.650 1.00 60.40 ? 577 LYS A CB  1 
ATOM   537  C  CG  . LYS A 1 71  ? 8.196   6.564   -15.953 1.00 64.43 ? 577 LYS A CG  1 
ATOM   538  C  CD  . LYS A 1 71  ? 8.928   5.922   -17.124 1.00 68.66 ? 577 LYS A CD  1 
ATOM   539  C  CE  . LYS A 1 71  ? 8.492   6.556   -18.454 1.00 73.48 ? 577 LYS A CE  1 
ATOM   540  N  NZ  . LYS A 1 71  ? 8.975   5.850   -19.697 1.00 73.11 ? 577 LYS A NZ  1 
ATOM   541  N  N   . LEU A 1 72  ? 6.830   4.794   -11.696 1.00 51.75 ? 578 LEU A N   1 
ATOM   542  C  CA  . LEU A 1 72  ? 7.004   4.078   -10.434 1.00 50.05 ? 578 LEU A CA  1 
ATOM   543  C  C   . LEU A 1 72  ? 6.797   2.572   -10.383 1.00 48.90 ? 578 LEU A C   1 
ATOM   544  O  O   . LEU A 1 72  ? 5.812   2.041   -10.882 1.00 49.71 ? 578 LEU A O   1 
ATOM   545  C  CB  . LEU A 1 72  ? 6.099   4.716   -9.368  1.00 47.33 ? 578 LEU A CB  1 
ATOM   546  C  CG  . LEU A 1 72  ? 5.977   3.982   -8.023  1.00 47.07 ? 578 LEU A CG  1 
ATOM   547  C  CD1 . LEU A 1 72  ? 7.316   4.054   -7.273  1.00 45.47 ? 578 LEU A CD1 1 
ATOM   548  C  CD2 . LEU A 1 72  ? 4.852   4.587   -7.186  1.00 43.07 ? 578 LEU A CD2 1 
ATOM   549  N  N   . ASN A 1 73  ? 7.749   1.893   -9.763  1.00 48.29 ? 579 ASN A N   1 
ATOM   550  C  CA  . ASN A 1 73  ? 7.658   0.457   -9.540  1.00 47.57 ? 579 ASN A CA  1 
ATOM   551  C  C   . ASN A 1 73  ? 7.520   0.381   -8.039  1.00 48.07 ? 579 ASN A C   1 
ATOM   552  O  O   . ASN A 1 73  ? 8.433   0.784   -7.314  1.00 49.34 ? 579 ASN A O   1 
ATOM   553  C  CB  . ASN A 1 73  ? 8.934   -0.279  -9.943  1.00 45.22 ? 579 ASN A CB  1 
ATOM   554  C  CG  . ASN A 1 73  ? 8.927   -0.697  -11.393 1.00 46.41 ? 579 ASN A CG  1 
ATOM   555  O  OD1 . ASN A 1 73  ? 7.861   -0.834  -12.009 1.00 43.97 ? 579 ASN A OD1 1 
ATOM   556  N  ND2 . ASN A 1 73  ? 10.117  -0.925  -11.948 1.00 45.49 ? 579 ASN A ND2 1 
ATOM   557  N  N   . VAL A 1 74  ? 6.382   -0.098  -7.561  1.00 48.24 ? 580 VAL A N   1 
ATOM   558  C  CA  . VAL A 1 74  ? 6.195   -0.193  -6.124  1.00 48.92 ? 580 VAL A CA  1 
ATOM   559  C  C   . VAL A 1 74  ? 5.793   -1.595  -5.724  1.00 49.84 ? 580 VAL A C   1 
ATOM   560  O  O   . VAL A 1 74  ? 4.899   -2.192  -6.322  1.00 50.40 ? 580 VAL A O   1 
ATOM   561  C  CB  . VAL A 1 74  ? 5.130   0.807   -5.614  1.00 49.19 ? 580 VAL A CB  1 
ATOM   562  C  CG1 . VAL A 1 74  ? 3.778   0.552   -6.305  1.00 47.51 ? 580 VAL A CG1 1 
ATOM   563  C  CG2 . VAL A 1 74  ? 5.011   0.694   -4.102  1.00 48.01 ? 580 VAL A CG2 1 
ATOM   564  N  N   . TYR A 1 75  ? 6.478   -2.115  -4.713  1.00 51.04 ? 581 TYR A N   1 
ATOM   565  C  CA  . TYR A 1 75  ? 6.217   -3.450  -4.207  1.00 51.58 ? 581 TYR A CA  1 
ATOM   566  C  C   . TYR A 1 75  ? 5.351   -3.366  -2.956  1.00 53.64 ? 581 TYR A C   1 
ATOM   567  O  O   . TYR A 1 75  ? 5.526   -2.469  -2.123  1.00 53.98 ? 581 TYR A O   1 
ATOM   568  C  CB  . TYR A 1 75  ? 7.536   -4.152  -3.886  1.00 48.29 ? 581 TYR A CB  1 
ATOM   569  C  CG  . TYR A 1 75  ? 8.413   -4.405  -5.096  1.00 48.00 ? 581 TYR A CG  1 
ATOM   570  C  CD1 . TYR A 1 75  ? 9.100   -3.363  -5.721  1.00 48.70 ? 581 TYR A CD1 1 
ATOM   571  C  CD2 . TYR A 1 75  ? 8.545   -5.689  -5.626  1.00 47.60 ? 581 TYR A CD2 1 
ATOM   572  C  CE1 . TYR A 1 75  ? 9.898   -3.597  -6.847  1.00 47.04 ? 581 TYR A CE1 1 
ATOM   573  C  CE2 . TYR A 1 75  ? 9.335   -5.935  -6.742  1.00 46.24 ? 581 TYR A CE2 1 
ATOM   574  C  CZ  . TYR A 1 75  ? 10.008  -4.888  -7.352  1.00 48.06 ? 581 TYR A CZ  1 
ATOM   575  O  OH  . TYR A 1 75  ? 10.789  -5.135  -8.470  1.00 49.27 ? 581 TYR A OH  1 
ATOM   576  N  N   . THR A 1 76  ? 4.412   -4.302  -2.840  1.00 55.89 ? 582 THR A N   1 
ATOM   577  C  CA  . THR A 1 76  ? 3.495   -4.365  -1.705  1.00 59.86 ? 582 THR A CA  1 
ATOM   578  C  C   . THR A 1 76  ? 3.591   -5.751  -1.029  1.00 60.64 ? 582 THR A C   1 
ATOM   579  O  O   . THR A 1 76  ? 3.438   -6.767  -1.706  1.00 61.40 ? 582 THR A O   1 
ATOM   580  C  CB  . THR A 1 76  ? 2.067   -4.128  -2.201  1.00 58.38 ? 582 THR A CB  1 
ATOM   581  O  OG1 . THR A 1 76  ? 1.151   -4.277  -1.112  1.00 63.86 ? 582 THR A OG1 1 
ATOM   582  C  CG2 . THR A 1 76  ? 1.726   -5.117  -3.294  1.00 57.52 ? 582 THR A CG2 1 
ATOM   583  N  N   . ASP A 1 77  ? 3.840   -5.819  0.283   1.00 61.70 ? 583 ASP A N   1 
ATOM   584  C  CA  . ASP A 1 77  ? 3.955   -7.143  0.904   1.00 65.04 ? 583 ASP A CA  1 
ATOM   585  C  C   . ASP A 1 77  ? 2.585   -7.762  1.064   1.00 67.51 ? 583 ASP A C   1 
ATOM   586  O  O   . ASP A 1 77  ? 2.447   -8.960  1.308   1.00 69.62 ? 583 ASP A O   1 
ATOM   587  C  CB  . ASP A 1 77  ? 4.802   -7.107  2.230   1.00 63.43 ? 583 ASP A CB  1 
ATOM   588  C  CG  . ASP A 1 77  ? 3.985   -7.000  3.544   1.00 62.69 ? 583 ASP A CG  1 
ATOM   589  O  OD1 . ASP A 1 77  ? 4.575   -7.373  4.606   1.00 62.65 ? 583 ASP A OD1 1 
ATOM   590  O  OD2 . ASP A 1 77  ? 2.819   -6.541  3.552   1.00 59.65 ? 583 ASP A OD2 1 
ATOM   591  N  N   . SER A 1 78  ? 1.574   -6.938  0.825   1.00 69.02 ? 584 SER A N   1 
ATOM   592  C  CA  . SER A 1 78  ? 0.182   -7.339  0.932   1.00 69.77 ? 584 SER A CA  1 
ATOM   593  C  C   . SER A 1 78  ? -0.444  -7.825  -0.371  1.00 70.37 ? 584 SER A C   1 
ATOM   594  O  O   . SER A 1 78  ? -0.183  -7.279  -1.441  1.00 71.10 ? 584 SER A O   1 
ATOM   595  C  CB  . SER A 1 78  ? -0.630  -6.161  1.452   1.00 71.14 ? 584 SER A CB  1 
ATOM   596  O  OG  . SER A 1 78  ? -2.009  -6.431  1.375   1.00 74.07 ? 584 SER A OG  1 
ATOM   597  N  N   . ARG A 1 79  ? -1.274  -8.858  -0.277  1.00 70.56 ? 585 ARG A N   1 
ATOM   598  C  CA  . ARG A 1 79  ? -1.979  -9.368  -1.448  1.00 68.99 ? 585 ARG A CA  1 
ATOM   599  C  C   . ARG A 1 79  ? -3.200  -8.450  -1.587  1.00 66.57 ? 585 ARG A C   1 
ATOM   600  O  O   . ARG A 1 79  ? -3.688  -8.187  -2.681  1.00 65.73 ? 585 ARG A O   1 
ATOM   601  C  CB  . ARG A 1 79  ? -2.451  -10.807 -1.219  1.00 71.88 ? 585 ARG A CB  1 
ATOM   602  C  CG  . ARG A 1 79  ? -3.202  -11.418 -2.405  1.00 76.27 ? 585 ARG A CG  1 
ATOM   603  C  CD  . ARG A 1 79  ? -4.214  -12.492 -1.971  1.00 81.90 ? 585 ARG A CD  1 
ATOM   604  N  NE  . ARG A 1 79  ? -5.263  -11.950 -1.093  1.00 88.38 ? 585 ARG A NE  1 
ATOM   605  C  CZ  . ARG A 1 79  ? -6.233  -11.111 -1.477  1.00 90.22 ? 585 ARG A CZ  1 
ATOM   606  N  NH1 . ARG A 1 79  ? -6.317  -10.700 -2.741  1.00 90.62 ? 585 ARG A NH1 1 
ATOM   607  N  NH2 . ARG A 1 79  ? -7.121  -10.665 -0.589  1.00 90.10 ? 585 ARG A NH2 1 
ATOM   608  N  N   . TYR A 1 80  ? -3.673  -7.955  -0.450  1.00 63.46 ? 586 TYR A N   1 
ATOM   609  C  CA  . TYR A 1 80  ? -4.828  -7.076  -0.408  1.00 60.31 ? 586 TYR A CA  1 
ATOM   610  C  C   . TYR A 1 80  ? -4.602  -5.797  -1.220  1.00 58.83 ? 586 TYR A C   1 
ATOM   611  O  O   . TYR A 1 80  ? -5.429  -5.432  -2.053  1.00 58.05 ? 586 TYR A O   1 
ATOM   612  C  CB  . TYR A 1 80  ? -5.163  -6.733  1.057   1.00 59.31 ? 586 TYR A CB  1 
ATOM   613  C  CG  . TYR A 1 80  ? -6.364  -5.828  1.232   1.00 57.73 ? 586 TYR A CG  1 
ATOM   614  C  CD1 . TYR A 1 80  ? -7.647  -6.264  0.895   1.00 56.62 ? 586 TYR A CD1 1 
ATOM   615  C  CD2 . TYR A 1 80  ? -6.209  -4.516  1.687   1.00 57.60 ? 586 TYR A CD2 1 
ATOM   616  C  CE1 . TYR A 1 80  ? -8.744  -5.414  1.000   1.00 57.92 ? 586 TYR A CE1 1 
ATOM   617  C  CE2 . TYR A 1 80  ? -7.302  -3.652  1.794   1.00 58.55 ? 586 TYR A CE2 1 
ATOM   618  C  CZ  . TYR A 1 80  ? -8.567  -4.105  1.449   1.00 60.10 ? 586 TYR A CZ  1 
ATOM   619  O  OH  . TYR A 1 80  ? -9.654  -3.252  1.550   1.00 61.75 ? 586 TYR A OH  1 
ATOM   620  N  N   . ALA A 1 81  ? -3.480  -5.124  -0.986  1.00 58.24 ? 587 ALA A N   1 
ATOM   621  C  CA  . ALA A 1 81  ? -3.169  -3.876  -1.687  1.00 57.12 ? 587 ALA A CA  1 
ATOM   622  C  C   . ALA A 1 81  ? -3.201  -4.026  -3.211  1.00 55.72 ? 587 ALA A C   1 
ATOM   623  O  O   . ALA A 1 81  ? -3.881  -3.265  -3.904  1.00 53.83 ? 587 ALA A O   1 
ATOM   624  C  CB  . ALA A 1 81  ? -1.806  -3.352  -1.241  1.00 56.73 ? 587 ALA A CB  1 
ATOM   625  N  N   . PHE A 1 82  ? -2.458  -4.996  -3.731  1.00 55.15 ? 588 PHE A N   1 
ATOM   626  C  CA  . PHE A 1 82  ? -2.441  -5.224  -5.169  1.00 54.64 ? 588 PHE A CA  1 
ATOM   627  C  C   . PHE A 1 82  ? -3.858  -5.510  -5.658  1.00 53.38 ? 588 PHE A C   1 
ATOM   628  O  O   . PHE A 1 82  ? -4.335  -4.900  -6.619  1.00 52.04 ? 588 PHE A O   1 
ATOM   629  C  CB  . PHE A 1 82  ? -1.522  -6.401  -5.524  1.00 56.18 ? 588 PHE A CB  1 
ATOM   630  C  CG  . PHE A 1 82  ? -1.595  -6.809  -6.967  1.00 57.77 ? 588 PHE A CG  1 
ATOM   631  C  CD1 . PHE A 1 82  ? -2.565  -7.708  -7.403  1.00 57.79 ? 588 PHE A CD1 1 
ATOM   632  C  CD2 . PHE A 1 82  ? -0.730  -6.242  -7.910  1.00 59.17 ? 588 PHE A CD2 1 
ATOM   633  C  CE1 . PHE A 1 82  ? -2.680  -8.033  -8.760  1.00 59.06 ? 588 PHE A CE1 1 
ATOM   634  C  CE2 . PHE A 1 82  ? -0.833  -6.559  -9.274  1.00 57.76 ? 588 PHE A CE2 1 
ATOM   635  C  CZ  . PHE A 1 82  ? -1.810  -7.453  -9.697  1.00 59.17 ? 588 PHE A CZ  1 
ATOM   636  N  N   . ALA A 1 83  ? -4.530  -6.433  -4.978  1.00 52.58 ? 589 ALA A N   1 
ATOM   637  C  CA  . ALA A 1 83  ? -5.895  -6.808  -5.340  1.00 52.47 ? 589 ALA A CA  1 
ATOM   638  C  C   . ALA A 1 83  ? -6.836  -5.603  -5.334  1.00 51.20 ? 589 ALA A C   1 
ATOM   639  O  O   . ALA A 1 83  ? -7.699  -5.478  -6.204  1.00 49.86 ? 589 ALA A O   1 
ATOM   640  C  CB  . ALA A 1 83  ? -6.414  -7.897  -4.392  1.00 49.97 ? 589 ALA A CB  1 
ATOM   641  N  N   . THR A 1 84  ? -6.659  -4.715  -4.360  1.00 50.39 ? 590 THR A N   1 
ATOM   642  C  CA  . THR A 1 84  ? -7.499  -3.532  -4.247  1.00 50.42 ? 590 THR A CA  1 
ATOM   643  C  C   . THR A 1 84  ? -7.268  -2.558  -5.392  1.00 50.16 ? 590 THR A C   1 
ATOM   644  O  O   . THR A 1 84  ? -8.206  -1.935  -5.870  1.00 50.42 ? 590 THR A O   1 
ATOM   645  C  CB  . THR A 1 84  ? -7.261  -2.813  -2.909  1.00 50.60 ? 590 THR A CB  1 
ATOM   646  O  OG1 . THR A 1 84  ? -7.545  -3.723  -1.844  1.00 51.94 ? 590 THR A OG1 1 
ATOM   647  C  CG2 . THR A 1 84  ? -8.166  -1.583  -2.770  1.00 50.06 ? 590 THR A CG2 1 
ATOM   648  N  N   . ALA A 1 85  ? -6.022  -2.432  -5.835  1.00 50.28 ? 591 ALA A N   1 
ATOM   649  C  CA  . ALA A 1 85  ? -5.705  -1.529  -6.933  1.00 49.73 ? 591 ALA A CA  1 
ATOM   650  C  C   . ALA A 1 85  ? -6.245  -2.088  -8.242  1.00 49.36 ? 591 ALA A C   1 
ATOM   651  O  O   . ALA A 1 85  ? -6.181  -1.429  -9.272  1.00 51.01 ? 591 ALA A O   1 
ATOM   652  C  CB  . ALA A 1 85  ? -4.195  -1.332  -7.035  1.00 48.58 ? 591 ALA A CB  1 
ATOM   653  N  N   . HIS A 1 86  ? -6.765  -3.310  -8.199  1.00 48.72 ? 592 HIS A N   1 
ATOM   654  C  CA  . HIS A 1 86  ? -7.314  -3.950  -9.387  1.00 48.06 ? 592 HIS A CA  1 
ATOM   655  C  C   . HIS A 1 86  ? -8.794  -4.348  -9.196  1.00 48.39 ? 592 HIS A C   1 
ATOM   656  O  O   . HIS A 1 86  ? -9.294  -5.315  -9.788  1.00 48.20 ? 592 HIS A O   1 
ATOM   657  C  CB  . HIS A 1 86  ? -6.458  -5.164  -9.779  1.00 46.04 ? 592 HIS A CB  1 
ATOM   658  C  CG  . HIS A 1 86  ? -5.152  -4.805  -10.425 1.00 46.73 ? 592 HIS A CG  1 
ATOM   659  N  ND1 . HIS A 1 86  ? -4.068  -4.333  -9.715  1.00 45.46 ? 592 HIS A ND1 1 
ATOM   660  C  CD2 . HIS A 1 86  ? -4.760  -4.840  -11.725 1.00 46.42 ? 592 HIS A CD2 1 
ATOM   661  C  CE1 . HIS A 1 86  ? -3.069  -4.093  -10.549 1.00 47.17 ? 592 HIS A CE1 1 
ATOM   662  N  NE2 . HIS A 1 86  ? -3.463  -4.390  -11.776 1.00 44.29 ? 592 HIS A NE2 1 
ATOM   663  N  N   . VAL A 1 87  ? -9.494  -3.581  -8.368  1.00 49.40 ? 593 VAL A N   1 
ATOM   664  C  CA  . VAL A 1 87  ? -10.914 -3.821  -8.129  1.00 51.06 ? 593 VAL A CA  1 
ATOM   665  C  C   . VAL A 1 87  ? -11.706 -3.164  -9.273  1.00 50.86 ? 593 VAL A C   1 
ATOM   666  O  O   . VAL A 1 87  ? -11.140 -2.464  -10.118 1.00 51.78 ? 593 VAL A O   1 
ATOM   667  C  CB  . VAL A 1 87  ? -11.376 -3.194  -6.785  1.00 51.34 ? 593 VAL A CB  1 
ATOM   668  C  CG1 . VAL A 1 87  ? -11.526 -1.669  -6.925  1.00 47.69 ? 593 VAL A CG1 1 
ATOM   669  C  CG2 . VAL A 1 87  ? -12.689 -3.830  -6.359  1.00 56.33 ? 593 VAL A CG2 1 
ATOM   670  N  N   . HIS A 1 88  ? -13.012 -3.384  -9.309  1.00 50.31 ? 594 HIS A N   1 
ATOM   671  C  CA  . HIS A 1 88  ? -13.817 -2.779  -10.350 1.00 47.34 ? 594 HIS A CA  1 
ATOM   672  C  C   . HIS A 1 88  ? -14.260 -1.406  -9.881  1.00 48.91 ? 594 HIS A C   1 
ATOM   673  O  O   . HIS A 1 88  ? -15.338 -1.240  -9.311  1.00 49.39 ? 594 HIS A O   1 
ATOM   674  C  CB  . HIS A 1 88  ? -15.014 -3.668  -10.678 1.00 44.70 ? 594 HIS A CB  1 
ATOM   675  C  CG  . HIS A 1 88  ? -14.659 -4.854  -11.523 1.00 41.97 ? 594 HIS A CG  1 
ATOM   676  N  ND1 . HIS A 1 88  ? -15.020 -4.957  -12.851 1.00 40.75 ? 594 HIS A ND1 1 
ATOM   677  C  CD2 . HIS A 1 88  ? -13.948 -5.971  -11.238 1.00 41.22 ? 594 HIS A CD2 1 
ATOM   678  C  CE1 . HIS A 1 88  ? -14.546 -6.086  -13.349 1.00 42.33 ? 594 HIS A CE1 1 
ATOM   679  N  NE2 . HIS A 1 88  ? -13.891 -6.720  -12.391 1.00 44.17 ? 594 HIS A NE2 1 
ATOM   680  N  N   . GLY A 1 89  ? -13.394 -0.424  -10.127 1.00 49.84 ? 595 GLY A N   1 
ATOM   681  C  CA  . GLY A 1 89  ? -13.661 0.949   -9.739  1.00 51.18 ? 595 GLY A CA  1 
ATOM   682  C  C   . GLY A 1 89  ? -15.087 1.400   -9.969  1.00 52.13 ? 595 GLY A C   1 
ATOM   683  O  O   . GLY A 1 89  ? -15.607 2.190   -9.199  1.00 53.82 ? 595 GLY A O   1 
ATOM   684  N  N   . GLU A 1 90  ? -15.719 0.909   -11.027 1.00 54.15 ? 596 GLU A N   1 
ATOM   685  C  CA  . GLU A 1 90  ? -17.096 1.280   -11.340 1.00 56.45 ? 596 GLU A CA  1 
ATOM   686  C  C   . GLU A 1 90  ? -18.030 1.178   -10.129 1.00 58.55 ? 596 GLU A C   1 
ATOM   687  O  O   . GLU A 1 90  ? -18.876 2.053   -9.921  1.00 59.11 ? 596 GLU A O   1 
ATOM   688  C  CB  . GLU A 1 90  ? -17.621 0.408   -12.481 1.00 55.47 ? 596 GLU A CB  1 
ATOM   689  C  CG  . GLU A 1 90  ? -17.285 0.930   -13.876 1.00 53.19 ? 596 GLU A CG  1 
ATOM   690  C  CD  . GLU A 1 90  ? -17.320 -0.176  -14.915 1.00 52.97 ? 596 GLU A CD  1 
ATOM   691  O  OE1 . GLU A 1 90  ? -17.411 0.117   -16.129 1.00 47.78 ? 596 GLU A OE1 1 
ATOM   692  O  OE2 . GLU A 1 90  ? -17.233 -1.348  -14.498 1.00 56.08 ? 596 GLU A OE2 1 
ATOM   693  N  N   . ILE A 1 91  ? -17.868 0.121   -9.332  1.00 59.77 ? 597 ILE A N   1 
ATOM   694  C  CA  . ILE A 1 91  ? -18.688 -0.070  -8.138  1.00 61.03 ? 597 ILE A CA  1 
ATOM   695  C  C   . ILE A 1 91  ? -18.537 1.079   -7.136  1.00 60.53 ? 597 ILE A C   1 
ATOM   696  O  O   . ILE A 1 91  ? -19.516 1.570   -6.578  1.00 61.71 ? 597 ILE A O   1 
ATOM   697  C  CB  . ILE A 1 91  ? -18.301 -1.350  -7.378  1.00 62.13 ? 597 ILE A CB  1 
ATOM   698  C  CG1 . ILE A 1 91  ? -18.537 -2.584  -8.239  1.00 61.48 ? 597 ILE A CG1 1 
ATOM   699  C  CG2 . ILE A 1 91  ? -19.108 -1.447  -6.085  1.00 64.34 ? 597 ILE A CG2 1 
ATOM   700  C  CD1 . ILE A 1 91  ? -17.975 -3.837  -7.581  1.00 61.01 ? 597 ILE A CD1 1 
ATOM   701  N  N   . TYR A 1 92  ? -17.307 1.504   -6.894  1.00 60.17 ? 598 TYR A N   1 
ATOM   702  C  CA  . TYR A 1 92  ? -17.074 2.559   -5.921  1.00 60.26 ? 598 TYR A CA  1 
ATOM   703  C  C   . TYR A 1 92  ? -17.501 3.934   -6.394  1.00 62.35 ? 598 TYR A C   1 
ATOM   704  O  O   . TYR A 1 92  ? -17.419 4.911   -5.639  1.00 62.44 ? 598 TYR A O   1 
ATOM   705  C  CB  . TYR A 1 92  ? -15.597 2.567   -5.509  1.00 56.72 ? 598 TYR A CB  1 
ATOM   706  C  CG  . TYR A 1 92  ? -15.147 1.231   -4.958  1.00 53.76 ? 598 TYR A CG  1 
ATOM   707  C  CD1 . TYR A 1 92  ? -14.903 0.156   -5.814  1.00 51.79 ? 598 TYR A CD1 1 
ATOM   708  C  CD2 . TYR A 1 92  ? -15.064 1.010   -3.572  1.00 51.50 ? 598 TYR A CD2 1 
ATOM   709  C  CE1 . TYR A 1 92  ? -14.599 -1.110  -5.313  1.00 50.55 ? 598 TYR A CE1 1 
ATOM   710  C  CE2 . TYR A 1 92  ? -14.763 -0.255  -3.059  1.00 48.97 ? 598 TYR A CE2 1 
ATOM   711  C  CZ  . TYR A 1 92  ? -14.537 -1.309  -3.935  1.00 49.35 ? 598 TYR A CZ  1 
ATOM   712  O  OH  . TYR A 1 92  ? -14.290 -2.572  -3.461  1.00 47.67 ? 598 TYR A OH  1 
ATOM   713  N  N   . ARG A 1 93  ? -17.993 4.009   -7.626  1.00 65.06 ? 599 ARG A N   1 
ATOM   714  C  CA  . ARG A 1 93  ? -18.405 5.290   -8.187  1.00 66.83 ? 599 ARG A CA  1 
ATOM   715  C  C   . ARG A 1 93  ? -19.884 5.452   -8.539  1.00 67.84 ? 599 ARG A C   1 
ATOM   716  O  O   . ARG A 1 93  ? -20.277 6.483   -9.082  1.00 67.83 ? 599 ARG A O   1 
ATOM   717  C  CB  . ARG A 1 93  ? -17.538 5.600   -9.404  1.00 67.46 ? 599 ARG A CB  1 
ATOM   718  C  CG  . ARG A 1 93  ? -16.091 5.884   -9.047  1.00 68.51 ? 599 ARG A CG  1 
ATOM   719  C  CD  . ARG A 1 93  ? -15.150 5.514   -10.178 1.00 69.56 ? 599 ARG A CD  1 
ATOM   720  N  NE  . ARG A 1 93  ? -13.813 6.038   -9.938  1.00 70.15 ? 599 ARG A NE  1 
ATOM   721  C  CZ  . ARG A 1 93  ? -12.706 5.544   -10.479 1.00 71.86 ? 599 ARG A CZ  1 
ATOM   722  N  NH1 . ARG A 1 93  ? -12.780 4.496   -11.298 1.00 71.28 ? 599 ARG A NH1 1 
ATOM   723  N  NH2 . ARG A 1 93  ? -11.524 6.101   -10.201 1.00 71.56 ? 599 ARG A NH2 1 
ATOM   724  N  N   . ARG A 1 94  ? -20.705 4.450   -8.236  1.00 69.08 ? 600 ARG A N   1 
ATOM   725  C  CA  . ARG A 1 94  ? -22.135 4.560   -8.510  1.00 71.23 ? 600 ARG A CA  1 
ATOM   726  C  C   . ARG A 1 94  ? -22.737 5.646   -7.616  1.00 72.47 ? 600 ARG A C   1 
ATOM   727  O  O   . ARG A 1 94  ? -22.054 6.213   -6.765  1.00 72.43 ? 600 ARG A O   1 
ATOM   728  C  CB  . ARG A 1 94  ? -22.835 3.230   -8.239  1.00 72.03 ? 600 ARG A CB  1 
ATOM   729  C  CG  . ARG A 1 94  ? -22.614 2.205   -9.315  1.00 75.76 ? 600 ARG A CG  1 
ATOM   730  C  CD  . ARG A 1 94  ? -23.023 0.821   -8.853  1.00 81.04 ? 600 ARG A CD  1 
ATOM   731  N  NE  . ARG A 1 94  ? -22.658 -0.194  -9.842  1.00 86.08 ? 600 ARG A NE  1 
ATOM   732  C  CZ  . ARG A 1 94  ? -22.604 -1.502  -9.596  1.00 88.62 ? 600 ARG A CZ  1 
ATOM   733  N  NH1 . ARG A 1 94  ? -22.893 -1.970  -8.385  1.00 89.56 ? 600 ARG A NH1 1 
ATOM   734  N  NH2 . ARG A 1 94  ? -22.257 -2.346  -10.564 1.00 89.27 ? 600 ARG A NH2 1 
ATOM   735  N  N   . ARG A 1 95  ? -24.012 5.950   -7.817  1.00 74.08 ? 601 ARG A N   1 
ATOM   736  C  CA  . ARG A 1 95  ? -24.660 6.955   -6.992  1.00 75.64 ? 601 ARG A CA  1 
ATOM   737  C  C   . ARG A 1 95  ? -24.907 6.299   -5.655  1.00 74.10 ? 601 ARG A C   1 
ATOM   738  O  O   . ARG A 1 95  ? -25.097 5.084   -5.579  1.00 74.45 ? 601 ARG A O   1 
ATOM   739  C  CB  . ARG A 1 95  ? -25.992 7.398   -7.608  1.00 80.12 ? 601 ARG A CB  1 
ATOM   740  C  CG  . ARG A 1 95  ? -25.826 8.234   -8.870  1.00 86.34 ? 601 ARG A CG  1 
ATOM   741  C  CD  . ARG A 1 95  ? -27.145 8.467   -9.591  1.00 90.06 ? 601 ARG A CD  1 
ATOM   742  N  NE  . ARG A 1 95  ? -26.919 8.893   -10.975 1.00 93.94 ? 601 ARG A NE  1 
ATOM   743  C  CZ  . ARG A 1 95  ? -26.277 8.165   -11.894 1.00 95.05 ? 601 ARG A CZ  1 
ATOM   744  N  NH1 . ARG A 1 95  ? -25.789 6.963   -11.587 1.00 95.05 ? 601 ARG A NH1 1 
ATOM   745  N  NH2 . ARG A 1 95  ? -26.123 8.640   -13.128 1.00 94.52 ? 601 ARG A NH2 1 
ATOM   746  N  N   . GLY A 1 96  ? -24.882 7.096   -4.597  1.00 72.05 ? 602 GLY A N   1 
ATOM   747  C  CA  . GLY A 1 96  ? -25.126 6.549   -3.279  1.00 70.00 ? 602 GLY A CA  1 
ATOM   748  C  C   . GLY A 1 96  ? -23.890 6.095   -2.530  1.00 68.19 ? 602 GLY A C   1 
ATOM   749  O  O   . GLY A 1 96  ? -22.773 6.129   -3.050  1.00 68.03 ? 602 GLY A O   1 
ATOM   750  N  N   . LEU A 1 97  ? -24.118 5.639   -1.302  1.00 65.54 ? 603 LEU A N   1 
ATOM   751  C  CA  . LEU A 1 97  ? -23.056 5.192   -0.410  1.00 62.18 ? 603 LEU A CA  1 
ATOM   752  C  C   . LEU A 1 97  ? -22.909 3.676   -0.328  1.00 60.93 ? 603 LEU A C   1 
ATOM   753  O  O   . LEU A 1 97  ? -21.826 3.170   -0.035  1.00 59.80 ? 603 LEU A O   1 
ATOM   754  C  CB  . LEU A 1 97  ? -23.338 5.731   0.994   1.00 60.65 ? 603 LEU A CB  1 
ATOM   755  C  CG  . LEU A 1 97  ? -23.861 7.169   1.080   1.00 60.19 ? 603 LEU A CG  1 
ATOM   756  C  CD1 . LEU A 1 97  ? -24.547 7.395   2.417   1.00 58.63 ? 603 LEU A CD1 1 
ATOM   757  C  CD2 . LEU A 1 97  ? -22.709 8.144   0.878   1.00 59.63 ? 603 LEU A CD2 1 
ATOM   758  N  N   . LEU A 1 98  ? -23.995 2.956   -0.597  1.00 60.07 ? 604 LEU A N   1 
ATOM   759  C  CA  . LEU A 1 98  ? -24.006 1.500   -0.471  1.00 60.52 ? 604 LEU A CA  1 
ATOM   760  C  C   . LEU A 1 98  ? -23.845 0.681   -1.743  1.00 61.73 ? 604 LEU A C   1 
ATOM   761  O  O   . LEU A 1 98  ? -23.885 1.206   -2.852  1.00 62.33 ? 604 LEU A O   1 
ATOM   762  C  CB  . LEU A 1 98  ? -25.308 1.073   0.208   1.00 60.25 ? 604 LEU A CB  1 
ATOM   763  C  CG  . LEU A 1 98  ? -25.882 2.074   1.214   1.00 59.13 ? 604 LEU A CG  1 
ATOM   764  C  CD1 . LEU A 1 98  ? -27.247 1.600   1.683   1.00 58.08 ? 604 LEU A CD1 1 
ATOM   765  C  CD2 . LEU A 1 98  ? -24.912 2.241   2.377   1.00 58.73 ? 604 LEU A CD2 1 
ATOM   766  N  N   . THR A 1 99  ? -23.667 -0.624  -1.560  1.00 63.32 ? 605 THR A N   1 
ATOM   767  C  CA  . THR A 1 99  ? -23.538 -1.552  -2.673  1.00 64.86 ? 605 THR A CA  1 
ATOM   768  C  C   . THR A 1 99  ? -24.926 -1.647  -3.310  1.00 67.21 ? 605 THR A C   1 
ATOM   769  O  O   . THR A 1 99  ? -25.865 -0.996  -2.847  1.00 66.46 ? 605 THR A O   1 
ATOM   770  C  CB  . THR A 1 99  ? -23.116 -2.955  -2.188  1.00 63.52 ? 605 THR A CB  1 
ATOM   771  O  OG1 . THR A 1 99  ? -24.137 -3.507  -1.342  1.00 62.07 ? 605 THR A OG1 1 
ATOM   772  C  CG2 . THR A 1 99  ? -21.816 -2.876  -1.422  1.00 62.21 ? 605 THR A CG2 1 
ATOM   773  N  N   . SER A 1 100 ? -25.062 -2.452  -4.362  1.00 69.92 ? 606 SER A N   1 
ATOM   774  C  CA  . SER A 1 100 ? -26.356 -2.597  -5.022  1.00 71.49 ? 606 SER A CA  1 
ATOM   775  C  C   . SER A 1 100 ? -27.361 -3.299  -4.099  1.00 72.44 ? 606 SER A C   1 
ATOM   776  O  O   . SER A 1 100 ? -28.523 -2.900  -4.022  1.00 72.19 ? 606 SER A O   1 
ATOM   777  C  CB  . SER A 1 100 ? -26.204 -3.354  -6.350  1.00 70.89 ? 606 SER A CB  1 
ATOM   778  O  OG  . SER A 1 100 ? -25.530 -4.588  -6.181  1.00 72.59 ? 606 SER A OG  1 
ATOM   779  N  N   . GLU A 1 101 ? -26.906 -4.322  -3.379  1.00 73.70 ? 607 GLU A N   1 
ATOM   780  C  CA  . GLU A 1 101 ? -27.775 -5.047  -2.456  1.00 74.47 ? 607 GLU A CA  1 
ATOM   781  C  C   . GLU A 1 101 ? -28.115 -4.177  -1.228  1.00 73.57 ? 607 GLU A C   1 
ATOM   782  O  O   . GLU A 1 101 ? -28.943 -4.554  -0.398  1.00 73.77 ? 607 GLU A O   1 
ATOM   783  C  CB  . GLU A 1 101 ? -27.118 -6.362  -1.991  1.00 77.41 ? 607 GLU A CB  1 
ATOM   784  C  CG  . GLU A 1 101 ? -26.280 -7.113  -3.043  1.00 80.08 ? 607 GLU A CG  1 
ATOM   785  C  CD  . GLU A 1 101 ? -24.880 -6.504  -3.223  1.00 83.50 ? 607 GLU A CD  1 
ATOM   786  O  OE1 . GLU A 1 101 ? -24.294 -6.053  -2.202  1.00 84.74 ? 607 GLU A OE1 1 
ATOM   787  O  OE2 . GLU A 1 101 ? -24.363 -6.489  -4.368  1.00 83.03 ? 607 GLU A OE2 1 
ATOM   788  N  N   . GLY A 1 102 ? -27.461 -3.025  -1.106  1.00 72.88 ? 608 GLY A N   1 
ATOM   789  C  CA  . GLY A 1 102 ? -27.744 -2.129  0.009   1.00 71.14 ? 608 GLY A CA  1 
ATOM   790  C  C   . GLY A 1 102 ? -26.839 -2.164  1.237   1.00 69.77 ? 608 GLY A C   1 
ATOM   791  O  O   . GLY A 1 102 ? -27.170 -1.561  2.264   1.00 69.06 ? 608 GLY A O   1 
ATOM   792  N  N   . ARG A 1 103 ? -25.703 -2.852  1.148   1.00 67.97 ? 609 ARG A N   1 
ATOM   793  C  CA  . ARG A 1 103 ? -24.782 -2.933  2.280   1.00 65.95 ? 609 ARG A CA  1 
ATOM   794  C  C   . ARG A 1 103 ? -23.728 -1.828  2.228   1.00 64.58 ? 609 ARG A C   1 
ATOM   795  O  O   . ARG A 1 103 ? -23.719 -1.007  1.312   1.00 64.71 ? 609 ARG A O   1 
ATOM   796  C  CB  . ARG A 1 103 ? -24.113 -4.311  2.324   1.00 65.05 ? 609 ARG A CB  1 
ATOM   797  C  CG  . ARG A 1 103 ? -25.112 -5.432  2.570   1.00 67.02 ? 609 ARG A CG  1 
ATOM   798  C  CD  . ARG A 1 103 ? -24.458 -6.799  2.702   1.00 68.81 ? 609 ARG A CD  1 
ATOM   799  N  NE  . ARG A 1 103 ? -25.435 -7.797  3.140   1.00 72.76 ? 609 ARG A NE  1 
ATOM   800  C  CZ  . ARG A 1 103 ? -25.136 -8.904  3.818   1.00 75.64 ? 609 ARG A CZ  1 
ATOM   801  N  NH1 . ARG A 1 103 ? -23.872 -9.173  4.140   1.00 76.38 ? 609 ARG A NH1 1 
ATOM   802  N  NH2 . ARG A 1 103 ? -26.101 -9.735  4.202   1.00 75.64 ? 609 ARG A NH2 1 
ATOM   803  N  N   . GLU A 1 104 ? -22.856 -1.789  3.230   1.00 62.68 ? 610 GLU A N   1 
ATOM   804  C  CA  . GLU A 1 104 ? -21.815 -0.774  3.256   1.00 60.76 ? 610 GLU A CA  1 
ATOM   805  C  C   . GLU A 1 104 ? -20.639 -1.276  2.440   1.00 59.83 ? 610 GLU A C   1 
ATOM   806  O  O   . GLU A 1 104 ? -20.398 -2.483  2.354   1.00 59.69 ? 610 GLU A O   1 
ATOM   807  C  CB  . GLU A 1 104 ? -21.352 -0.494  4.689   1.00 58.03 ? 610 GLU A CB  1 
ATOM   808  C  CG  . GLU A 1 104 ? -20.383 -1.522  5.257   1.00 55.37 ? 610 GLU A CG  1 
ATOM   809  C  CD  . GLU A 1 104 ? -21.055 -2.823  5.670   1.00 55.00 ? 610 GLU A CD  1 
ATOM   810  O  OE1 . GLU A 1 104 ? -22.302 -2.860  5.725   1.00 53.11 ? 610 GLU A OE1 1 
ATOM   811  O  OE2 . GLU A 1 104 ? -20.332 -3.807  5.958   1.00 52.61 ? 610 GLU A OE2 1 
ATOM   812  N  N   . ILE A 1 105 ? -19.905 -0.351  1.839   1.00 58.57 ? 611 ILE A N   1 
ATOM   813  C  CA  . ILE A 1 105 ? -18.747 -0.732  1.046   1.00 58.09 ? 611 ILE A CA  1 
ATOM   814  C  C   . ILE A 1 105 ? -17.463 -0.597  1.873   1.00 59.59 ? 611 ILE A C   1 
ATOM   815  O  O   . ILE A 1 105 ? -17.011 0.510   2.181   1.00 59.19 ? 611 ILE A O   1 
ATOM   816  C  CB  . ILE A 1 105 ? -18.655 0.133   -0.226  1.00 56.05 ? 611 ILE A CB  1 
ATOM   817  C  CG1 . ILE A 1 105 ? -19.868 -0.143  -1.119  1.00 51.92 ? 611 ILE A CG1 1 
ATOM   818  C  CG2 . ILE A 1 105 ? -17.356 -0.151  -0.965  1.00 54.33 ? 611 ILE A CG2 1 
ATOM   819  C  CD1 . ILE A 1 105 ? -20.067 0.886   -2.190  1.00 49.66 ? 611 ILE A CD1 1 
ATOM   820  N  N   . LYS A 1 106 ? -16.897 -1.744  2.233   1.00 61.18 ? 612 LYS A N   1 
ATOM   821  C  CA  . LYS A 1 106 ? -15.667 -1.827  3.020   1.00 63.51 ? 612 LYS A CA  1 
ATOM   822  C  C   . LYS A 1 106 ? -14.546 -0.903  2.503   1.00 64.50 ? 612 LYS A C   1 
ATOM   823  O  O   . LYS A 1 106 ? -14.106 -1.025  1.348   1.00 64.14 ? 612 LYS A O   1 
ATOM   824  C  CB  . LYS A 1 106 ? -15.191 -3.288  3.013   1.00 65.61 ? 612 LYS A CB  1 
ATOM   825  C  CG  . LYS A 1 106 ? -13.990 -3.617  3.887   1.00 69.09 ? 612 LYS A CG  1 
ATOM   826  C  CD  . LYS A 1 106 ? -13.568 -5.083  3.668   1.00 72.80 ? 612 LYS A CD  1 
ATOM   827  C  CE  . LYS A 1 106 ? -12.526 -5.555  4.688   1.00 74.95 ? 612 LYS A CE  1 
ATOM   828  N  NZ  . LYS A 1 106 ? -13.042 -5.473  6.103   1.00 75.80 ? 612 LYS A NZ  1 
ATOM   829  N  N   . ASN A 1 107 ? -14.089 0.006   3.369   1.00 64.45 ? 613 ASN A N   1 
ATOM   830  C  CA  . ASN A 1 107 ? -13.014 0.961   3.058   1.00 65.44 ? 613 ASN A CA  1 
ATOM   831  C  C   . ASN A 1 107 ? -13.296 1.801   1.823   1.00 65.78 ? 613 ASN A C   1 
ATOM   832  O  O   . ASN A 1 107 ? -12.373 2.135   1.075   1.00 66.59 ? 613 ASN A O   1 
ATOM   833  C  CB  . ASN A 1 107 ? -11.677 0.239   2.831   1.00 65.52 ? 613 ASN A CB  1 
ATOM   834  C  CG  . ASN A 1 107 ? -11.182 -0.494  4.063   1.00 66.18 ? 613 ASN A CG  1 
ATOM   835  O  OD1 . ASN A 1 107 ? -11.283 0.013   5.178   1.00 66.25 ? 613 ASN A OD1 1 
ATOM   836  N  ND2 . ASN A 1 107 ? -10.625 -1.689  3.865   1.00 65.70 ? 613 ASN A ND2 1 
ATOM   837  N  N   . LYS A 1 108 ? -14.558 2.159   1.613   1.00 65.18 ? 614 LYS A N   1 
ATOM   838  C  CA  . LYS A 1 108 ? -14.914 2.927   0.430   1.00 64.08 ? 614 LYS A CA  1 
ATOM   839  C  C   . LYS A 1 108 ? -14.066 4.170   0.187   1.00 63.65 ? 614 LYS A C   1 
ATOM   840  O  O   . LYS A 1 108 ? -13.577 4.381   -0.922  1.00 63.68 ? 614 LYS A O   1 
ATOM   841  C  CB  . LYS A 1 108 ? -16.391 3.316   0.467   1.00 62.54 ? 614 LYS A CB  1 
ATOM   842  C  CG  . LYS A 1 108 ? -16.894 3.815   -0.871  1.00 61.96 ? 614 LYS A CG  1 
ATOM   843  C  CD  . LYS A 1 108 ? -18.312 4.309   -0.784  1.00 62.76 ? 614 LYS A CD  1 
ATOM   844  C  CE  . LYS A 1 108 ? -18.765 4.891   -2.103  1.00 63.75 ? 614 LYS A CE  1 
ATOM   845  N  NZ  . LYS A 1 108 ? -19.911 5.822   -1.905  1.00 64.66 ? 614 LYS A NZ  1 
ATOM   846  N  N   . ASN A 1 109 ? -13.875 4.984   1.217   1.00 63.73 ? 615 ASN A N   1 
ATOM   847  C  CA  . ASN A 1 109 ? -13.110 6.219   1.075   1.00 64.93 ? 615 ASN A CA  1 
ATOM   848  C  C   . ASN A 1 109 ? -11.623 6.095   0.732   1.00 65.04 ? 615 ASN A C   1 
ATOM   849  O  O   . ASN A 1 109 ? -11.074 6.953   0.040   1.00 64.73 ? 615 ASN A O   1 
ATOM   850  C  CB  . ASN A 1 109 ? -13.297 7.077   2.325   1.00 66.56 ? 615 ASN A CB  1 
ATOM   851  C  CG  . ASN A 1 109 ? -14.564 7.918   2.267   1.00 67.62 ? 615 ASN A CG  1 
ATOM   852  O  OD1 . ASN A 1 109 ? -15.490 7.618   1.504   1.00 67.71 ? 615 ASN A OD1 1 
ATOM   853  N  ND2 . ASN A 1 109 ? -14.613 8.972   3.077   1.00 67.07 ? 615 ASN A ND2 1 
ATOM   854  N  N   . GLU A 1 110 ? -10.970 5.041   1.212   1.00 65.51 ? 616 GLU A N   1 
ATOM   855  C  CA  . GLU A 1 110 ? -9.554  4.823   0.914   1.00 64.05 ? 616 GLU A CA  1 
ATOM   856  C  C   . GLU A 1 110 ? -9.415  4.320   -0.503  1.00 62.60 ? 616 GLU A C   1 
ATOM   857  O  O   . GLU A 1 110 ? -8.568  4.793   -1.258  1.00 63.35 ? 616 GLU A O   1 
ATOM   858  C  CB  . GLU A 1 110 ? -8.939  3.786   1.852   1.00 65.59 ? 616 GLU A CB  1 
ATOM   859  C  CG  . GLU A 1 110 ? -8.682  4.308   3.235   1.00 68.49 ? 616 GLU A CG  1 
ATOM   860  C  CD  . GLU A 1 110 ? -9.956  4.667   3.944   1.00 70.48 ? 616 GLU A CD  1 
ATOM   861  O  OE1 . GLU A 1 110 ? -9.898  5.500   4.880   1.00 71.55 ? 616 GLU A OE1 1 
ATOM   862  O  OE2 . GLU A 1 110 ? -11.012 4.105   3.567   1.00 70.87 ? 616 GLU A OE2 1 
ATOM   863  N  N   . ILE A 1 111 ? -10.245 3.345   -0.851  1.00 60.16 ? 617 ILE A N   1 
ATOM   864  C  CA  . ILE A 1 111 ? -10.225 2.768   -2.182  1.00 58.36 ? 617 ILE A CA  1 
ATOM   865  C  C   . ILE A 1 111 ? -10.513 3.843   -3.229  1.00 57.63 ? 617 ILE A C   1 
ATOM   866  O  O   . ILE A 1 111 ? -9.918  3.855   -4.301  1.00 56.83 ? 617 ILE A O   1 
ATOM   867  C  CB  . ILE A 1 111 ? -11.239 1.611   -2.283  1.00 57.58 ? 617 ILE A CB  1 
ATOM   868  C  CG1 . ILE A 1 111 ? -10.773 0.463   -1.374  1.00 57.02 ? 617 ILE A CG1 1 
ATOM   869  C  CG2 . ILE A 1 111 ? -11.392 1.168   -3.735  1.00 55.82 ? 617 ILE A CG2 1 
ATOM   870  C  CD1 . ILE A 1 111 ? -11.674 -0.754  -1.352  1.00 55.11 ? 617 ILE A CD1 1 
ATOM   871  N  N   . LEU A 1 112 ? -11.414 4.759   -2.908  1.00 56.27 ? 618 LEU A N   1 
ATOM   872  C  CA  . LEU A 1 112 ? -11.737 5.828   -3.832  1.00 55.22 ? 618 LEU A CA  1 
ATOM   873  C  C   . LEU A 1 112 ? -10.499 6.704   -4.041  1.00 54.74 ? 618 LEU A C   1 
ATOM   874  O  O   . LEU A 1 112 ? -10.248 7.191   -5.147  1.00 56.28 ? 618 LEU A O   1 
ATOM   875  C  CB  . LEU A 1 112 ? -12.896 6.661   -3.276  1.00 54.91 ? 618 LEU A CB  1 
ATOM   876  C  CG  . LEU A 1 112 ? -14.158 6.872   -4.123  1.00 54.61 ? 618 LEU A CG  1 
ATOM   877  C  CD1 . LEU A 1 112 ? -14.348 5.739   -5.113  1.00 53.53 ? 618 LEU A CD1 1 
ATOM   878  C  CD2 . LEU A 1 112 ? -15.364 6.977   -3.180  1.00 54.69 ? 618 LEU A CD2 1 
ATOM   879  N  N   . ALA A 1 113 ? -9.723  6.900   -2.981  1.00 53.42 ? 619 ALA A N   1 
ATOM   880  C  CA  . ALA A 1 113 ? -8.519  7.720   -3.069  1.00 52.45 ? 619 ALA A CA  1 
ATOM   881  C  C   . ALA A 1 113 ? -7.419  6.942   -3.779  1.00 52.51 ? 619 ALA A C   1 
ATOM   882  O  O   . ALA A 1 113 ? -6.655  7.504   -4.564  1.00 53.24 ? 619 ALA A O   1 
ATOM   883  C  CB  . ALA A 1 113 ? -8.063  8.124   -1.690  1.00 49.78 ? 619 ALA A CB  1 
ATOM   884  N  N   . LEU A 1 114 ? -7.337  5.648   -3.500  1.00 52.10 ? 620 LEU A N   1 
ATOM   885  C  CA  . LEU A 1 114 ? -6.337  4.818   -4.140  1.00 52.85 ? 620 LEU A CA  1 
ATOM   886  C  C   . LEU A 1 114 ? -6.526  4.887   -5.649  1.00 54.65 ? 620 LEU A C   1 
ATOM   887  O  O   . LEU A 1 114 ? -5.565  5.076   -6.396  1.00 55.52 ? 620 LEU A O   1 
ATOM   888  C  CB  . LEU A 1 114 ? -6.454  3.360   -3.683  1.00 48.84 ? 620 LEU A CB  1 
ATOM   889  C  CG  . LEU A 1 114 ? -5.584  2.420   -4.522  1.00 47.29 ? 620 LEU A CG  1 
ATOM   890  C  CD1 . LEU A 1 114 ? -4.134  2.856   -4.468  1.00 45.57 ? 620 LEU A CD1 1 
ATOM   891  C  CD2 . LEU A 1 114 ? -5.715  1.010   -4.016  1.00 48.51 ? 620 LEU A CD2 1 
ATOM   892  N  N   . LEU A 1 115 ? -7.774  4.743   -6.087  1.00 56.77 ? 621 LEU A N   1 
ATOM   893  C  CA  . LEU A 1 115 ? -8.096  4.768   -7.505  1.00 57.05 ? 621 LEU A CA  1 
ATOM   894  C  C   . LEU A 1 115 ? -7.669  6.083   -8.157  1.00 59.01 ? 621 LEU A C   1 
ATOM   895  O  O   . LEU A 1 115 ? -7.129  6.074   -9.263  1.00 59.65 ? 621 LEU A O   1 
ATOM   896  C  CB  . LEU A 1 115 ? -9.590  4.507   -7.710  1.00 56.51 ? 621 LEU A CB  1 
ATOM   897  C  CG  . LEU A 1 115 ? -10.066 3.135   -7.201  1.00 55.67 ? 621 LEU A CG  1 
ATOM   898  C  CD1 . LEU A 1 115 ? -11.524 2.907   -7.572  1.00 54.53 ? 621 LEU A CD1 1 
ATOM   899  C  CD2 . LEU A 1 115 ? -9.193  2.039   -7.789  1.00 54.73 ? 621 LEU A CD2 1 
ATOM   900  N  N   . LYS A 1 116 ? -7.893  7.208   -7.484  1.00 59.89 ? 622 LYS A N   1 
ATOM   901  C  CA  . LYS A 1 116 ? -7.471  8.488   -8.043  1.00 60.34 ? 622 LYS A CA  1 
ATOM   902  C  C   . LYS A 1 116 ? -5.938  8.549   -8.078  1.00 58.54 ? 622 LYS A C   1 
ATOM   903  O  O   . LYS A 1 116 ? -5.335  8.859   -9.109  1.00 58.80 ? 622 LYS A O   1 
ATOM   904  C  CB  . LYS A 1 116 ? -7.995  9.652   -7.202  1.00 63.46 ? 622 LYS A CB  1 
ATOM   905  C  CG  . LYS A 1 116 ? -9.501  9.858   -7.234  1.00 70.07 ? 622 LYS A CG  1 
ATOM   906  C  CD  . LYS A 1 116 ? -9.900  11.067  -6.362  1.00 74.26 ? 622 LYS A CD  1 
ATOM   907  C  CE  . LYS A 1 116 ? -11.403 11.401  -6.436  1.00 76.50 ? 622 LYS A CE  1 
ATOM   908  N  NZ  . LYS A 1 116 ? -12.300 10.350  -5.861  1.00 76.96 ? 622 LYS A NZ  1 
ATOM   909  N  N   . ALA A 1 117 ? -5.312  8.241   -6.947  1.00 56.22 ? 623 ALA A N   1 
ATOM   910  C  CA  . ALA A 1 117 ? -3.860  8.279   -6.834  1.00 55.73 ? 623 ALA A CA  1 
ATOM   911  C  C   . ALA A 1 117 ? -3.147  7.492   -7.929  1.00 55.62 ? 623 ALA A C   1 
ATOM   912  O  O   . ALA A 1 117 ? -2.017  7.827   -8.304  1.00 55.27 ? 623 ALA A O   1 
ATOM   913  C  CB  . ALA A 1 117 ? -3.433  7.751   -5.471  1.00 55.57 ? 623 ALA A CB  1 
ATOM   914  N  N   . LEU A 1 118 ? -3.807  6.444   -8.424  1.00 54.20 ? 624 LEU A N   1 
ATOM   915  C  CA  . LEU A 1 118 ? -3.246  5.585   -9.466  1.00 52.28 ? 624 LEU A CA  1 
ATOM   916  C  C   . LEU A 1 118 ? -2.743  6.321   -10.696 1.00 51.25 ? 624 LEU A C   1 
ATOM   917  O  O   . LEU A 1 118 ? -1.765  5.902   -11.314 1.00 49.58 ? 624 LEU A O   1 
ATOM   918  C  CB  . LEU A 1 118 ? -4.275  4.548   -9.915  1.00 51.76 ? 624 LEU A CB  1 
ATOM   919  C  CG  . LEU A 1 118 ? -4.542  3.339   -9.027  1.00 50.49 ? 624 LEU A CG  1 
ATOM   920  C  CD1 . LEU A 1 118 ? -5.727  2.573   -9.583  1.00 52.87 ? 624 LEU A CD1 1 
ATOM   921  C  CD2 . LEU A 1 118 ? -3.318  2.464   -8.973  1.00 49.52 ? 624 LEU A CD2 1 
ATOM   922  N  N   . PHE A 1 119 ? -3.400  7.418   -11.057 1.00 51.38 ? 625 PHE A N   1 
ATOM   923  C  CA  . PHE A 1 119 ? -2.985  8.149   -12.246 1.00 52.44 ? 625 PHE A CA  1 
ATOM   924  C  C   . PHE A 1 119 ? -2.131  9.393   -12.029 1.00 51.04 ? 625 PHE A C   1 
ATOM   925  O  O   . PHE A 1 119 ? -1.950  10.202  -12.938 1.00 50.32 ? 625 PHE A O   1 
ATOM   926  C  CB  . PHE A 1 119 ? -4.217  8.451   -13.091 1.00 53.32 ? 625 PHE A CB  1 
ATOM   927  C  CG  . PHE A 1 119 ? -4.951  7.212   -13.509 1.00 55.04 ? 625 PHE A CG  1 
ATOM   928  C  CD1 . PHE A 1 119 ? -4.371  6.324   -14.414 1.00 55.17 ? 625 PHE A CD1 1 
ATOM   929  C  CD2 . PHE A 1 119 ? -6.184  6.888   -12.939 1.00 55.23 ? 625 PHE A CD2 1 
ATOM   930  C  CE1 . PHE A 1 119 ? -5.000  5.125   -14.743 1.00 57.23 ? 625 PHE A CE1 1 
ATOM   931  C  CE2 . PHE A 1 119 ? -6.832  5.697   -13.255 1.00 56.55 ? 625 PHE A CE2 1 
ATOM   932  C  CZ  . PHE A 1 119 ? -6.239  4.807   -14.160 1.00 58.97 ? 625 PHE A CZ  1 
ATOM   933  N  N   . LEU A 1 120 ? -1.598  9.542   -10.821 1.00 50.82 ? 626 LEU A N   1 
ATOM   934  C  CA  . LEU A 1 120 ? -0.723  10.661  -10.539 1.00 50.99 ? 626 LEU A CA  1 
ATOM   935  C  C   . LEU A 1 120 ? 0.618   10.289  -11.153 1.00 51.40 ? 626 LEU A C   1 
ATOM   936  O  O   . LEU A 1 120 ? 1.232   11.101  -11.838 1.00 51.86 ? 626 LEU A O   1 
ATOM   937  C  CB  . LEU A 1 120 ? -0.608  10.897  -9.034  1.00 51.20 ? 626 LEU A CB  1 
ATOM   938  C  CG  . LEU A 1 120 ? -1.900  11.455  -8.409  1.00 51.09 ? 626 LEU A CG  1 
ATOM   939  C  CD1 . LEU A 1 120 ? -1.804  11.484  -6.886  1.00 48.28 ? 626 LEU A CD1 1 
ATOM   940  C  CD2 . LEU A 1 120 ? -2.153  12.845  -8.963  1.00 48.67 ? 626 LEU A CD2 1 
ATOM   941  N  N   . PRO A 1 121 ? 1.084   9.048   -10.932 1.00 51.36 ? 627 PRO A N   1 
ATOM   942  C  CA  . PRO A 1 121 ? 2.368   8.654   -11.518 1.00 52.14 ? 627 PRO A CA  1 
ATOM   943  C  C   . PRO A 1 121 ? 2.245   8.628   -13.041 1.00 53.43 ? 627 PRO A C   1 
ATOM   944  O  O   . PRO A 1 121 ? 1.175   8.331   -13.583 1.00 52.61 ? 627 PRO A O   1 
ATOM   945  C  CB  . PRO A 1 121 ? 2.602   7.254   -10.947 1.00 51.64 ? 627 PRO A CB  1 
ATOM   946  C  CG  . PRO A 1 121 ? 1.863   7.269   -9.662  1.00 51.61 ? 627 PRO A CG  1 
ATOM   947  C  CD  . PRO A 1 121 ? 0.598   8.009   -10.006 1.00 52.06 ? 627 PRO A CD  1 
ATOM   948  N  N   . LYS A 1 122 ? 3.344   8.934   -13.727 1.00 56.51 ? 628 LYS A N   1 
ATOM   949  C  CA  . LYS A 1 122 ? 3.369   8.939   -15.189 1.00 59.25 ? 628 LYS A CA  1 
ATOM   950  C  C   . LYS A 1 122 ? 3.131   7.514   -15.701 1.00 58.87 ? 628 LYS A C   1 
ATOM   951  O  O   . LYS A 1 122 ? 2.360   7.298   -16.639 1.00 57.87 ? 628 LYS A O   1 
ATOM   952  C  CB  . LYS A 1 122 ? 4.724   9.470   -15.670 1.00 63.72 ? 628 LYS A CB  1 
ATOM   953  C  CG  . LYS A 1 122 ? 4.825   9.717   -17.165 1.00 69.19 ? 628 LYS A CG  1 
ATOM   954  C  CD  . LYS A 1 122 ? 6.049   10.554  -17.501 1.00 73.00 ? 628 LYS A CD  1 
ATOM   955  C  CE  . LYS A 1 122 ? 6.068   10.924  -18.976 1.00 76.32 ? 628 LYS A CE  1 
ATOM   956  N  NZ  . LYS A 1 122 ? 7.172   11.880  -19.293 1.00 77.69 ? 628 LYS A NZ  1 
ATOM   957  N  N   . ARG A 1 123 ? 3.805   6.549   -15.073 1.00 58.62 ? 629 ARG A N   1 
ATOM   958  C  CA  . ARG A 1 123 ? 3.676   5.137   -15.412 1.00 57.69 ? 629 ARG A CA  1 
ATOM   959  C  C   . ARG A 1 123 ? 3.712   4.390   -14.080 1.00 55.81 ? 629 ARG A C   1 
ATOM   960  O  O   . ARG A 1 123 ? 4.499   4.729   -13.194 1.00 55.43 ? 629 ARG A O   1 
ATOM   961  C  CB  . ARG A 1 123 ? 4.833   4.694   -16.318 1.00 60.90 ? 629 ARG A CB  1 
ATOM   962  C  CG  . ARG A 1 123 ? 4.669   3.297   -16.938 1.00 66.27 ? 629 ARG A CG  1 
ATOM   963  C  CD  . ARG A 1 123 ? 3.323   3.159   -17.646 1.00 70.07 ? 629 ARG A CD  1 
ATOM   964  N  NE  . ARG A 1 123 ? 3.146   1.914   -18.407 1.00 72.25 ? 629 ARG A NE  1 
ATOM   965  C  CZ  . ARG A 1 123 ? 3.949   1.499   -19.390 1.00 73.91 ? 629 ARG A CZ  1 
ATOM   966  N  NH1 . ARG A 1 123 ? 5.021   2.214   -19.742 1.00 75.28 ? 629 ARG A NH1 1 
ATOM   967  N  NH2 . ARG A 1 123 ? 3.648   0.393   -20.066 1.00 71.28 ? 629 ARG A NH2 1 
ATOM   968  N  N   . LEU A 1 124 ? 2.862   3.380   -13.925 1.00 52.95 ? 630 LEU A N   1 
ATOM   969  C  CA  . LEU A 1 124 ? 2.820   2.650   -12.658 1.00 49.94 ? 630 LEU A CA  1 
ATOM   970  C  C   . LEU A 1 124 ? 2.756   1.131   -12.747 1.00 49.63 ? 630 LEU A C   1 
ATOM   971  O  O   . LEU A 1 124 ? 2.095   0.576   -13.616 1.00 50.24 ? 630 LEU A O   1 
ATOM   972  C  CB  . LEU A 1 124 ? 1.632   3.133   -11.835 1.00 45.32 ? 630 LEU A CB  1 
ATOM   973  C  CG  . LEU A 1 124 ? 1.359   2.375   -10.544 1.00 43.54 ? 630 LEU A CG  1 
ATOM   974  C  CD1 . LEU A 1 124 ? 2.474   2.649   -9.548  1.00 42.08 ? 630 LEU A CD1 1 
ATOM   975  C  CD2 . LEU A 1 124 ? 0.001   2.802   -9.985  1.00 41.79 ? 630 LEU A CD2 1 
ATOM   976  N  N   . SER A 1 125 ? 3.455   0.472   -11.833 1.00 48.07 ? 631 SER A N   1 
ATOM   977  C  CA  . SER A 1 125 ? 3.463   -0.981  -11.737 1.00 47.80 ? 631 SER A CA  1 
ATOM   978  C  C   . SER A 1 125 ? 3.399   -1.312  -10.264 1.00 47.79 ? 631 SER A C   1 
ATOM   979  O  O   . SER A 1 125 ? 4.221   -0.837  -9.481  1.00 47.83 ? 631 SER A O   1 
ATOM   980  C  CB  . SER A 1 125 ? 4.740   -1.601  -12.319 1.00 48.30 ? 631 SER A CB  1 
ATOM   981  O  OG  . SER A 1 125 ? 4.620   -1.854  -13.710 1.00 47.52 ? 631 SER A OG  1 
ATOM   982  N  N   . ILE A 1 126 ? 2.410   -2.109  -9.883  1.00 48.64 ? 632 ILE A N   1 
ATOM   983  C  CA  . ILE A 1 126 ? 2.269   -2.525  -8.500  1.00 47.45 ? 632 ILE A CA  1 
ATOM   984  C  C   . ILE A 1 126 ? 2.668   -3.992  -8.478  1.00 47.94 ? 632 ILE A C   1 
ATOM   985  O  O   . ILE A 1 126 ? 1.918   -4.854  -8.918  1.00 48.90 ? 632 ILE A O   1 
ATOM   986  C  CB  . ILE A 1 126 ? 0.820   -2.323  -8.025  1.00 48.75 ? 632 ILE A CB  1 
ATOM   987  C  CG1 . ILE A 1 126 ? 0.493   -0.824  -8.057  1.00 45.34 ? 632 ILE A CG1 1 
ATOM   988  C  CG2 . ILE A 1 126 ? 0.634   -2.920  -6.626  1.00 46.05 ? 632 ILE A CG2 1 
ATOM   989  C  CD1 . ILE A 1 126 ? -0.946  -0.497  -7.817  1.00 45.10 ? 632 ILE A CD1 1 
ATOM   990  N  N   . ILE A 1 127 ? 3.878   -4.267  -8.005  1.00 48.26 ? 633 ILE A N   1 
ATOM   991  C  CA  . ILE A 1 127 ? 4.377   -5.635  -7.956  1.00 49.79 ? 633 ILE A CA  1 
ATOM   992  C  C   . ILE A 1 127 ? 4.080   -6.306  -6.622  1.00 51.71 ? 633 ILE A C   1 
ATOM   993  O  O   . ILE A 1 127 ? 4.244   -5.707  -5.558  1.00 51.60 ? 633 ILE A O   1 
ATOM   994  C  CB  . ILE A 1 127 ? 5.916   -5.700  -8.185  1.00 48.88 ? 633 ILE A CB  1 
ATOM   995  C  CG1 . ILE A 1 127 ? 6.295   -5.071  -9.523  1.00 46.74 ? 633 ILE A CG1 1 
ATOM   996  C  CG2 . ILE A 1 127 ? 6.386   -7.134  -8.163  1.00 48.76 ? 633 ILE A CG2 1 
ATOM   997  C  CD1 . ILE A 1 127 ? 6.743   -3.651  -9.395  1.00 45.77 ? 633 ILE A CD1 1 
ATOM   998  N  N   . HIS A 1 128 ? 3.614   -7.548  -6.692  1.00 54.88 ? 634 HIS A N   1 
ATOM   999  C  CA  . HIS A 1 128 ? 3.333   -8.346  -5.502  1.00 58.39 ? 634 HIS A CA  1 
ATOM   1000 C  C   . HIS A 1 128 ? 3.940   -9.703  -5.792  1.00 58.80 ? 634 HIS A C   1 
ATOM   1001 O  O   . HIS A 1 128 ? 3.333   -10.550 -6.447  1.00 60.17 ? 634 HIS A O   1 
ATOM   1002 C  CB  . HIS A 1 128 ? 1.833   -8.483  -5.245  1.00 60.33 ? 634 HIS A CB  1 
ATOM   1003 C  CG  . HIS A 1 128 ? 1.492   -9.505  -4.201  1.00 63.90 ? 634 HIS A CG  1 
ATOM   1004 N  ND1 . HIS A 1 128 ? 0.991   -10.756 -4.515  1.00 65.09 ? 634 HIS A ND1 1 
ATOM   1005 C  CD2 . HIS A 1 128 ? 1.577   -9.461  -2.848  1.00 62.75 ? 634 HIS A CD2 1 
ATOM   1006 C  CE1 . HIS A 1 128 ? 0.780   -11.432 -3.399  1.00 65.55 ? 634 HIS A CE1 1 
ATOM   1007 N  NE2 . HIS A 1 128 ? 1.128   -10.668 -2.374  1.00 64.82 ? 634 HIS A NE2 1 
ATOM   1008 N  N   . CYS A 1 129 ? 5.155   -9.884  -5.302  1.00 58.45 ? 635 CYS A N   1 
ATOM   1009 C  CA  . CYS A 1 129 ? 5.914   -11.098 -5.506  1.00 60.07 ? 635 CYS A CA  1 
ATOM   1010 C  C   . CYS A 1 129 ? 6.406   -11.632 -4.156  1.00 64.20 ? 635 CYS A C   1 
ATOM   1011 O  O   . CYS A 1 129 ? 7.491   -11.274 -3.705  1.00 65.04 ? 635 CYS A O   1 
ATOM   1012 C  CB  . CYS A 1 129 ? 7.084   -10.766 -6.423  1.00 56.21 ? 635 CYS A CB  1 
ATOM   1013 S  SG  . CYS A 1 129 ? 8.267   -12.062 -6.634  1.00 52.02 ? 635 CYS A SG  1 
ATOM   1014 N  N   . PRO A 1 130 ? 5.606   -12.490 -3.491  1.00 68.01 ? 636 PRO A N   1 
ATOM   1015 C  CA  . PRO A 1 130 ? 5.950   -13.080 -2.182  1.00 69.71 ? 636 PRO A CA  1 
ATOM   1016 C  C   . PRO A 1 130 ? 7.233   -13.921 -2.173  1.00 71.23 ? 636 PRO A C   1 
ATOM   1017 O  O   . PRO A 1 130 ? 7.963   -13.947 -1.179  1.00 70.87 ? 636 PRO A O   1 
ATOM   1018 C  CB  . PRO A 1 130 ? 4.718   -13.928 -1.844  1.00 69.66 ? 636 PRO A CB  1 
ATOM   1019 C  CG  . PRO A 1 130 ? 3.604   -13.241 -2.570  1.00 69.16 ? 636 PRO A CG  1 
ATOM   1020 C  CD  . PRO A 1 130 ? 4.250   -12.905 -3.902  1.00 69.08 ? 636 PRO A CD  1 
ATOM   1021 N  N   . GLY A 1 131 ? 7.492   -14.607 -3.285  1.00 72.78 ? 637 GLY A N   1 
ATOM   1022 C  CA  . GLY A 1 131 ? 8.665   -15.457 -3.391  1.00 74.50 ? 637 GLY A CA  1 
ATOM   1023 C  C   . GLY A 1 131 ? 10.000  -14.748 -3.252  1.00 76.37 ? 637 GLY A C   1 
ATOM   1024 O  O   . GLY A 1 131 ? 11.059  -15.387 -3.302  1.00 76.96 ? 637 GLY A O   1 
ATOM   1025 N  N   . HIS A 1 132 ? 9.964   -13.431 -3.084  1.00 76.59 ? 638 HIS A N   1 
ATOM   1026 C  CA  . HIS A 1 132 ? 11.189  -12.664 -2.945  1.00 77.16 ? 638 HIS A CA  1 
ATOM   1027 C  C   . HIS A 1 132 ? 11.163  -11.733 -1.745  1.00 77.61 ? 638 HIS A C   1 
ATOM   1028 O  O   . HIS A 1 132 ? 12.057  -10.911 -1.570  1.00 77.51 ? 638 HIS A O   1 
ATOM   1029 C  CB  . HIS A 1 132 ? 11.459  -11.884 -4.229  1.00 76.85 ? 638 HIS A CB  1 
ATOM   1030 C  CG  . HIS A 1 132 ? 12.017  -12.727 -5.333  1.00 76.95 ? 638 HIS A CG  1 
ATOM   1031 N  ND1 . HIS A 1 132 ? 11.975  -12.347 -6.656  1.00 78.42 ? 638 HIS A ND1 1 
ATOM   1032 C  CD2 . HIS A 1 132 ? 12.637  -13.929 -5.308  1.00 77.67 ? 638 HIS A CD2 1 
ATOM   1033 C  CE1 . HIS A 1 132 ? 12.543  -13.279 -7.401  1.00 77.66 ? 638 HIS A CE1 1 
ATOM   1034 N  NE2 . HIS A 1 132 ? 12.953  -14.250 -6.606  1.00 79.27 ? 638 HIS A NE2 1 
ATOM   1035 N  N   . GLN A 1 133 ? 10.136  -11.870 -0.915  1.00 79.13 ? 639 GLN A N   1 
ATOM   1036 C  CA  . GLN A 1 133 ? 10.023  -11.049 0.281   1.00 80.79 ? 639 GLN A CA  1 
ATOM   1037 C  C   . GLN A 1 133 ? 10.956  -11.595 1.363   1.00 81.95 ? 639 GLN A C   1 
ATOM   1038 O  O   . GLN A 1 133 ? 11.118  -10.988 2.426   1.00 82.45 ? 639 GLN A O   1 
ATOM   1039 C  CB  . GLN A 1 133 ? 8.577   -11.036 0.785   1.00 80.91 ? 639 GLN A CB  1 
ATOM   1040 C  CG  . GLN A 1 133 ? 7.613   -10.282 -0.121  1.00 81.08 ? 639 GLN A CG  1 
ATOM   1041 C  CD  . GLN A 1 133 ? 6.189   -10.298 0.402   1.00 81.63 ? 639 GLN A CD  1 
ATOM   1042 O  OE1 . GLN A 1 133 ? 5.289   -9.714  -0.198  1.00 82.79 ? 639 GLN A OE1 1 
ATOM   1043 N  NE2 . GLN A 1 133 ? 5.977   -10.971 1.524   1.00 81.33 ? 639 GLN A NE2 1 
ATOM   1044 N  N   . LYS A 1 134 ? 11.567  -12.747 1.080   1.00 82.73 ? 640 LYS A N   1 
ATOM   1045 C  CA  . LYS A 1 134 ? 12.511  -13.382 2.002   1.00 82.90 ? 640 LYS A CA  1 
ATOM   1046 C  C   . LYS A 1 134 ? 13.815  -13.717 1.273   1.00 82.75 ? 640 LYS A C   1 
ATOM   1047 O  O   . LYS A 1 134 ? 13.854  -13.789 0.039   1.00 82.59 ? 640 LYS A O   1 
ATOM   1048 C  CB  . LYS A 1 134 ? 11.905  -14.653 2.612   1.00 82.80 ? 640 LYS A CB  1 
ATOM   1049 C  CG  . LYS A 1 134 ? 10.650  -14.408 3.446   1.00 84.34 ? 640 LYS A CG  1 
ATOM   1050 C  CD  . LYS A 1 134 ? 10.889  -13.327 4.504   1.00 86.72 ? 640 LYS A CD  1 
ATOM   1051 C  CE  . LYS A 1 134 ? 9.642   -13.057 5.348   1.00 87.47 ? 640 LYS A CE  1 
ATOM   1052 N  NZ  . LYS A 1 134 ? 9.258   -14.231 6.191   1.00 87.60 ? 640 LYS A NZ  1 
ATOM   1053 N  N   . GLY A 1 135 ? 14.883  -13.916 2.039   1.00 82.86 ? 641 GLY A N   1 
ATOM   1054 C  CA  . GLY A 1 135 ? 16.170  -14.219 1.439   1.00 83.18 ? 641 GLY A CA  1 
ATOM   1055 C  C   . GLY A 1 135 ? 16.981  -12.941 1.364   1.00 83.29 ? 641 GLY A C   1 
ATOM   1056 O  O   . GLY A 1 135 ? 16.754  -12.020 2.150   1.00 82.84 ? 641 GLY A O   1 
ATOM   1057 N  N   . ASN A 1 136 ? 17.922  -12.865 0.429   1.00 83.97 ? 642 ASN A N   1 
ATOM   1058 C  CA  . ASN A 1 136 ? 18.721  -11.657 0.315   1.00 84.92 ? 642 ASN A CA  1 
ATOM   1059 C  C   . ASN A 1 136 ? 18.874  -11.154 -1.113  1.00 83.46 ? 642 ASN A C   1 
ATOM   1060 O  O   . ASN A 1 136 ? 19.826  -11.501 -1.821  1.00 84.19 ? 642 ASN A O   1 
ATOM   1061 C  CB  . ASN A 1 136 ? 20.098  -11.863 0.942   1.00 88.22 ? 642 ASN A CB  1 
ATOM   1062 C  CG  . ASN A 1 136 ? 20.566  -10.639 1.716   1.00 91.19 ? 642 ASN A CG  1 
ATOM   1063 O  OD1 . ASN A 1 136 ? 20.659  -9.535  1.166   1.00 92.40 ? 642 ASN A OD1 1 
ATOM   1064 N  ND2 . ASN A 1 136 ? 20.855  -10.828 3.003   1.00 91.70 ? 642 ASN A ND2 1 
ATOM   1065 N  N   . SER A 1 137 ? 17.913  -10.327 -1.515  1.00 81.09 ? 643 SER A N   1 
ATOM   1066 C  CA  . SER A 1 137 ? 17.868  -9.707  -2.836  1.00 76.67 ? 643 SER A CA  1 
ATOM   1067 C  C   . SER A 1 137 ? 17.391  -8.283  -2.574  1.00 74.37 ? 643 SER A C   1 
ATOM   1068 O  O   . SER A 1 137 ? 16.995  -7.960  -1.455  1.00 73.96 ? 643 SER A O   1 
ATOM   1069 C  CB  . SER A 1 137 ? 16.863  -10.438 -3.734  1.00 75.78 ? 643 SER A CB  1 
ATOM   1070 O  OG  . SER A 1 137 ? 15.584  -10.536 -3.114  1.00 72.69 ? 643 SER A OG  1 
ATOM   1071 N  N   . ALA A 1 138 ? 17.432  -7.430  -3.588  1.00 71.46 ? 644 ALA A N   1 
ATOM   1072 C  CA  . ALA A 1 138 ? 16.972  -6.061  -3.405  1.00 68.84 ? 644 ALA A CA  1 
ATOM   1073 C  C   . ALA A 1 138 ? 15.531  -6.059  -2.876  1.00 67.64 ? 644 ALA A C   1 
ATOM   1074 O  O   . ALA A 1 138 ? 15.146  -5.190  -2.093  1.00 67.04 ? 644 ALA A O   1 
ATOM   1075 C  CB  . ALA A 1 138 ? 17.046  -5.312  -4.720  1.00 67.77 ? 644 ALA A CB  1 
ATOM   1076 N  N   . GLU A 1 139 ? 14.746  -7.047  -3.302  1.00 66.40 ? 645 GLU A N   1 
ATOM   1077 C  CA  . GLU A 1 139 ? 13.349  -7.163  -2.893  1.00 65.82 ? 645 GLU A CA  1 
ATOM   1078 C  C   . GLU A 1 139 ? 13.166  -7.536  -1.430  1.00 65.39 ? 645 GLU A C   1 
ATOM   1079 O  O   . GLU A 1 139 ? 12.339  -6.950  -0.731  1.00 64.93 ? 645 GLU A O   1 
ATOM   1080 C  CB  . GLU A 1 139 ? 12.619  -8.201  -3.751  1.00 66.89 ? 645 GLU A CB  1 
ATOM   1081 C  CG  . GLU A 1 139 ? 12.343  -7.786  -5.188  1.00 66.38 ? 645 GLU A CG  1 
ATOM   1082 C  CD  . GLU A 1 139 ? 11.417  -8.764  -5.903  1.00 67.11 ? 645 GLU A CD  1 
ATOM   1083 O  OE1 . GLU A 1 139 ? 11.657  -9.022  -7.104  1.00 66.39 ? 645 GLU A OE1 1 
ATOM   1084 O  OE2 . GLU A 1 139 ? 10.447  -9.260  -5.270  1.00 66.28 ? 645 GLU A OE2 1 
ATOM   1085 N  N   . ALA A 1 140 ? 13.912  -8.537  -0.977  1.00 65.24 ? 646 ALA A N   1 
ATOM   1086 C  CA  . ALA A 1 140 ? 13.814  -8.976  0.411   1.00 64.66 ? 646 ALA A CA  1 
ATOM   1087 C  C   . ALA A 1 140 ? 14.271  -7.816  1.283   1.00 64.18 ? 646 ALA A C   1 
ATOM   1088 O  O   . ALA A 1 140 ? 13.665  -7.492  2.313   1.00 64.03 ? 646 ALA A O   1 
ATOM   1089 C  CB  . ALA A 1 140 ? 14.702  -10.182 0.630   1.00 64.35 ? 646 ALA A CB  1 
ATOM   1090 N  N   . ARG A 1 141 ? 15.350  -7.192  0.833   1.00 63.26 ? 647 ARG A N   1 
ATOM   1091 C  CA  . ARG A 1 141 ? 15.955  -6.062  1.503   1.00 63.27 ? 647 ARG A CA  1 
ATOM   1092 C  C   . ARG A 1 141 ? 14.882  -4.989  1.645   1.00 62.80 ? 647 ARG A C   1 
ATOM   1093 O  O   . ARG A 1 141 ? 14.602  -4.510  2.745   1.00 62.71 ? 647 ARG A O   1 
ATOM   1094 C  CB  . ARG A 1 141 ? 17.120  -5.560  0.649   1.00 63.67 ? 647 ARG A CB  1 
ATOM   1095 C  CG  . ARG A 1 141 ? 18.339  -5.102  1.412   1.00 65.49 ? 647 ARG A CG  1 
ATOM   1096 C  CD  . ARG A 1 141 ? 19.522  -5.039  0.473   1.00 66.76 ? 647 ARG A CD  1 
ATOM   1097 N  NE  . ARG A 1 141 ? 19.860  -6.375  -0.015  1.00 68.28 ? 647 ARG A NE  1 
ATOM   1098 C  CZ  . ARG A 1 141 ? 20.291  -6.642  -1.249  1.00 69.82 ? 647 ARG A CZ  1 
ATOM   1099 N  NH1 . ARG A 1 141 ? 20.438  -5.664  -2.139  1.00 68.93 ? 647 ARG A NH1 1 
ATOM   1100 N  NH2 . ARG A 1 141 ? 20.572  -7.894  -1.598  1.00 69.38 ? 647 ARG A NH2 1 
ATOM   1101 N  N   . GLY A 1 142 ? 14.270  -4.637  0.518   1.00 62.97 ? 648 GLY A N   1 
ATOM   1102 C  CA  . GLY A 1 142 ? 13.231  -3.624  0.509   1.00 60.80 ? 648 GLY A CA  1 
ATOM   1103 C  C   . GLY A 1 142 ? 11.984  -3.983  1.293   1.00 60.41 ? 648 GLY A C   1 
ATOM   1104 O  O   . GLY A 1 142 ? 11.337  -3.094  1.835   1.00 59.63 ? 648 GLY A O   1 
ATOM   1105 N  N   . ASN A 1 143 ? 11.629  -5.266  1.349   1.00 60.83 ? 649 ASN A N   1 
ATOM   1106 C  CA  . ASN A 1 143 ? 10.439  -5.672  2.091   1.00 63.33 ? 649 ASN A CA  1 
ATOM   1107 C  C   . ASN A 1 143 ? 10.686  -5.478  3.574   1.00 64.11 ? 649 ASN A C   1 
ATOM   1108 O  O   . ASN A 1 143 ? 9.805   -4.989  4.294   1.00 64.54 ? 649 ASN A O   1 
ATOM   1109 C  CB  . ASN A 1 143 ? 10.081  -7.147  1.839   1.00 65.91 ? 649 ASN A CB  1 
ATOM   1110 C  CG  . ASN A 1 143 ? 8.886   -7.627  2.702   1.00 68.66 ? 649 ASN A CG  1 
ATOM   1111 O  OD1 . ASN A 1 143 ? 7.724   -7.329  2.408   1.00 69.22 ? 649 ASN A OD1 1 
ATOM   1112 N  ND2 . ASN A 1 143 ? 9.186   -8.361  3.779   1.00 69.16 ? 649 ASN A ND2 1 
ATOM   1113 N  N   . ARG A 1 144 ? 11.884  -5.863  4.023   1.00 64.64 ? 650 ARG A N   1 
ATOM   1114 C  CA  . ARG A 1 144 ? 12.252  -5.745  5.434   1.00 65.29 ? 650 ARG A CA  1 
ATOM   1115 C  C   . ARG A 1 144 ? 12.294  -4.286  5.850   1.00 63.83 ? 650 ARG A C   1 
ATOM   1116 O  O   . ARG A 1 144 ? 11.759  -3.909  6.892   1.00 63.50 ? 650 ARG A O   1 
ATOM   1117 C  CB  . ARG A 1 144 ? 13.617  -6.393  5.699   1.00 66.51 ? 650 ARG A CB  1 
ATOM   1118 C  CG  . ARG A 1 144 ? 13.733  -7.830  5.207   1.00 68.82 ? 650 ARG A CG  1 
ATOM   1119 C  CD  . ARG A 1 144 ? 14.968  -8.539  5.766   1.00 69.09 ? 650 ARG A CD  1 
ATOM   1120 N  NE  . ARG A 1 144 ? 15.661  -9.335  4.749   1.00 69.13 ? 650 ARG A NE  1 
ATOM   1121 C  CZ  . ARG A 1 144 ? 16.723  -8.909  4.064   1.00 70.16 ? 650 ARG A CZ  1 
ATOM   1122 N  NH1 . ARG A 1 144 ? 17.216  -7.695  4.293   1.00 69.17 ? 650 ARG A NH1 1 
ATOM   1123 N  NH2 . ARG A 1 144 ? 17.286  -9.689  3.142   1.00 69.49 ? 650 ARG A NH2 1 
ATOM   1124 N  N   . MET A 1 145 ? 12.924  -3.464  5.020   1.00 62.86 ? 651 MET A N   1 
ATOM   1125 C  CA  . MET A 1 145 ? 13.042  -2.041  5.299   1.00 62.49 ? 651 MET A CA  1 
ATOM   1126 C  C   . MET A 1 145 ? 11.680  -1.385  5.516   1.00 62.91 ? 651 MET A C   1 
ATOM   1127 O  O   . MET A 1 145 ? 11.517  -0.540  6.404   1.00 61.66 ? 651 MET A O   1 
ATOM   1128 C  CB  . MET A 1 145 ? 13.767  -1.351  4.147   1.00 61.15 ? 651 MET A CB  1 
ATOM   1129 C  CG  . MET A 1 145 ? 14.148  0.097   4.426   1.00 63.67 ? 651 MET A CG  1 
ATOM   1130 S  SD  . MET A 1 145 ? 15.386  0.341   5.750   1.00 62.91 ? 651 MET A SD  1 
ATOM   1131 C  CE  . MET A 1 145 ? 15.135  2.092   6.090   1.00 61.89 ? 651 MET A CE  1 
ATOM   1132 N  N   . ALA A 1 146 ? 10.697  -1.786  4.713   1.00 63.59 ? 652 ALA A N   1 
ATOM   1133 C  CA  . ALA A 1 146 ? 9.356   -1.216  4.801   1.00 63.76 ? 652 ALA A CA  1 
ATOM   1134 C  C   . ALA A 1 146 ? 8.518   -1.808  5.923   1.00 64.36 ? 652 ALA A C   1 
ATOM   1135 O  O   . ALA A 1 146 ? 7.751   -1.093  6.579   1.00 62.95 ? 652 ALA A O   1 
ATOM   1136 C  CB  . ALA A 1 146 ? 8.630   -1.382  3.473   1.00 62.67 ? 652 ALA A CB  1 
ATOM   1137 N  N   . ASP A 1 147 ? 8.656   -3.110  6.143   1.00 66.23 ? 653 ASP A N   1 
ATOM   1138 C  CA  . ASP A 1 147 ? 7.878   -3.758  7.187   1.00 69.50 ? 653 ASP A CA  1 
ATOM   1139 C  C   . ASP A 1 147 ? 8.393   -3.268  8.542   1.00 69.91 ? 653 ASP A C   1 
ATOM   1140 O  O   . ASP A 1 147 ? 7.623   -3.110  9.495   1.00 69.44 ? 653 ASP A O   1 
ATOM   1141 C  CB  . ASP A 1 147 ? 7.976   -5.288  7.043   1.00 70.72 ? 653 ASP A CB  1 
ATOM   1142 C  CG  . ASP A 1 147 ? 6.832   -6.020  7.743   1.00 74.85 ? 653 ASP A CG  1 
ATOM   1143 O  OD1 . ASP A 1 147 ? 6.994   -6.248  8.971   1.00 75.72 ? 653 ASP A OD1 1 
ATOM   1144 O  OD2 . ASP A 1 147 ? 5.791   -6.353  7.078   1.00 72.00 ? 653 ASP A OD2 1 
ATOM   1145 N  N   . GLN A 1 148 ? 9.693   -2.980  8.594   1.00 70.63 ? 654 GLN A N   1 
ATOM   1146 C  CA  . GLN A 1 148 ? 10.346  -2.494  9.805   1.00 70.66 ? 654 GLN A CA  1 
ATOM   1147 C  C   . GLN A 1 148 ? 9.949   -1.051  10.113  1.00 70.12 ? 654 GLN A C   1 
ATOM   1148 O  O   . GLN A 1 148 ? 9.600   -0.725  11.247  1.00 69.80 ? 654 GLN A O   1 
ATOM   1149 C  CB  . GLN A 1 148 ? 11.867  -2.567  9.647   1.00 71.19 ? 654 GLN A CB  1 
ATOM   1150 C  CG  . GLN A 1 148 ? 12.636  -2.271  10.928  1.00 73.71 ? 654 GLN A CG  1 
ATOM   1151 C  CD  . GLN A 1 148 ? 14.118  -1.995  10.690  1.00 75.33 ? 654 GLN A CD  1 
ATOM   1152 O  OE1 . GLN A 1 148 ? 14.746  -2.623  9.831   1.00 76.18 ? 654 GLN A OE1 1 
ATOM   1153 N  NE2 . GLN A 1 148 ? 14.686  -1.064  11.461  1.00 73.10 ? 654 GLN A NE2 1 
ATOM   1154 N  N   . ALA A 1 149 ? 10.016  -0.190  9.102   1.00 70.28 ? 655 ALA A N   1 
ATOM   1155 C  CA  . ALA A 1 149 ? 9.673   1.221   9.270   1.00 70.29 ? 655 ALA A CA  1 
ATOM   1156 C  C   . ALA A 1 149 ? 8.215   1.416   9.674   1.00 70.85 ? 655 ALA A C   1 
ATOM   1157 O  O   . ALA A 1 149 ? 7.915   2.237   10.539  1.00 70.47 ? 655 ALA A O   1 
ATOM   1158 C  CB  . ALA A 1 149 ? 9.963   1.984   7.993   1.00 68.75 ? 655 ALA A CB  1 
ATOM   1159 N  N   . ALA A 1 150 ? 7.315   0.660   9.048   1.00 71.87 ? 656 ALA A N   1 
ATOM   1160 C  CA  . ALA A 1 150 ? 5.887   0.748   9.352   1.00 72.05 ? 656 ALA A CA  1 
ATOM   1161 C  C   . ALA A 1 150 ? 5.661   0.279   10.787  1.00 72.68 ? 656 ALA A C   1 
ATOM   1162 O  O   . ALA A 1 150 ? 4.969   0.936   11.575  1.00 73.13 ? 656 ALA A O   1 
ATOM   1163 C  CB  . ALA A 1 150 ? 5.091   -0.121  8.385   1.00 71.11 ? 656 ALA A CB  1 
ATOM   1164 N  N   . ARG A 1 151 ? 6.258   -0.865  11.111  1.00 73.56 ? 657 ARG A N   1 
ATOM   1165 C  CA  . ARG A 1 151 ? 6.169   -1.456  12.442  1.00 74.04 ? 657 ARG A CA  1 
ATOM   1166 C  C   . ARG A 1 151 ? 6.573   -0.419  13.505  1.00 72.91 ? 657 ARG A C   1 
ATOM   1167 O  O   . ARG A 1 151 ? 5.892   -0.257  14.523  1.00 72.23 ? 657 ARG A O   1 
ATOM   1168 C  CB  . ARG A 1 151 ? 7.093   -2.677  12.499  1.00 76.58 ? 657 ARG A CB  1 
ATOM   1169 C  CG  . ARG A 1 151 ? 6.545   -3.850  13.269  1.00 80.85 ? 657 ARG A CG  1 
ATOM   1170 C  CD  . ARG A 1 151 ? 6.810   -3.707  14.757  1.00 85.53 ? 657 ARG A CD  1 
ATOM   1171 N  NE  . ARG A 1 151 ? 5.793   -4.398  15.547  1.00 90.04 ? 657 ARG A NE  1 
ATOM   1172 C  CZ  . ARG A 1 151 ? 5.428   -5.667  15.372  1.00 91.91 ? 657 ARG A CZ  1 
ATOM   1173 N  NH1 . ARG A 1 151 ? 6.001   -6.408  14.427  1.00 92.53 ? 657 ARG A NH1 1 
ATOM   1174 N  NH2 . ARG A 1 151 ? 4.476   -6.193  16.136  1.00 92.79 ? 657 ARG A NH2 1 
ATOM   1175 N  N   . GLU A 1 152 ? 7.671   0.292   13.241  1.00 71.45 ? 658 GLU A N   1 
ATOM   1176 C  CA  . GLU A 1 152 ? 8.193   1.318   14.140  1.00 69.80 ? 658 GLU A CA  1 
ATOM   1177 C  C   . GLU A 1 152 ? 7.317   2.565   14.242  1.00 70.58 ? 658 GLU A C   1 
ATOM   1178 O  O   . GLU A 1 152 ? 7.244   3.182   15.299  1.00 71.33 ? 658 GLU A O   1 
ATOM   1179 C  CB  . GLU A 1 152 ? 9.598   1.736   13.700  1.00 67.70 ? 658 GLU A CB  1 
ATOM   1180 C  CG  . GLU A 1 152 ? 10.289  2.714   14.653  1.00 63.58 ? 658 GLU A CG  1 
ATOM   1181 C  CD  . GLU A 1 152 ? 11.690  3.099   14.194  1.00 62.76 ? 658 GLU A CD  1 
ATOM   1182 O  OE1 . GLU A 1 152 ? 12.424  2.202   13.699  1.00 59.88 ? 658 GLU A OE1 1 
ATOM   1183 O  OE2 . GLU A 1 152 ? 12.058  4.293   14.338  1.00 58.98 ? 658 GLU A OE2 1 
ATOM   1184 N  N   . ALA A 1 153 ? 6.666   2.955   13.153  1.00 71.44 ? 659 ALA A N   1 
ATOM   1185 C  CA  . ALA A 1 153 ? 5.817   4.143   13.197  1.00 73.94 ? 659 ALA A CA  1 
ATOM   1186 C  C   . ALA A 1 153 ? 4.616   3.887   14.106  1.00 75.37 ? 659 ALA A C   1 
ATOM   1187 O  O   . ALA A 1 153 ? 4.080   4.815   14.725  1.00 74.94 ? 659 ALA A O   1 
ATOM   1188 C  CB  . ALA A 1 153 ? 5.341   4.526   11.786  1.00 73.03 ? 659 ALA A CB  1 
ATOM   1189 N  N   . ALA A 1 154 ? 4.197   2.624   14.172  1.00 77.03 ? 660 ALA A N   1 
ATOM   1190 C  CA  . ALA A 1 154 ? 3.063   2.231   15.004  1.00 79.08 ? 660 ALA A CA  1 
ATOM   1191 C  C   . ALA A 1 154 ? 3.506   2.273   16.463  1.00 79.73 ? 660 ALA A C   1 
ATOM   1192 O  O   . ALA A 1 154 ? 2.854   2.896   17.315  1.00 79.89 ? 660 ALA A O   1 
ATOM   1193 C  CB  . ALA A 1 154 ? 2.598   0.817   14.633  1.00 77.87 ? 660 ALA A CB  1 
ATOM   1194 N  N   . MET A 1 155 ? 4.630   1.613   16.728  1.00 80.29 ? 661 MET A N   1 
ATOM   1195 C  CA  . MET A 1 155 ? 5.203   1.543   18.060  1.00 80.70 ? 661 MET A CA  1 
ATOM   1196 C  C   . MET A 1 155 ? 5.409   2.919   18.661  1.00 79.41 ? 661 MET A C   1 
ATOM   1197 O  O   . MET A 1 155 ? 5.535   3.043   19.875  1.00 80.87 ? 661 MET A O   1 
ATOM   1198 C  CB  . MET A 1 155 ? 6.548   0.832   18.022  1.00 83.70 ? 661 MET A CB  1 
ATOM   1199 C  CG  . MET A 1 155 ? 6.791   -0.043  19.219  1.00 88.07 ? 661 MET A CG  1 
ATOM   1200 S  SD  . MET A 1 155 ? 5.747   -1.505  19.087  1.00 93.12 ? 661 MET A SD  1 
ATOM   1201 C  CE  . MET A 1 155 ? 4.190   -0.906  19.826  1.00 92.73 ? 661 MET A CE  1 
ATOM   1202 N  N   . LYS A 1 156 ? 5.458   3.942   17.812  1.00 77.36 ? 662 LYS A N   1 
ATOM   1203 C  CA  . LYS A 1 156 ? 5.656   5.318   18.265  1.00 76.09 ? 662 LYS A CA  1 
ATOM   1204 C  C   . LYS A 1 156 ? 4.402   6.159   18.058  1.00 76.28 ? 662 LYS A C   1 
ATOM   1205 O  O   . LYS A 1 156 ? 4.469   7.390   17.966  1.00 74.94 ? 662 LYS A O   1 
ATOM   1206 C  CB  . LYS A 1 156 ? 6.821   5.972   17.510  1.00 75.91 ? 662 LYS A CB  1 
ATOM   1207 C  CG  . LYS A 1 156 ? 8.160   5.282   17.675  1.00 72.90 ? 662 LYS A CG  1 
ATOM   1208 C  CD  . LYS A 1 156 ? 9.257   6.108   17.051  1.00 73.18 ? 662 LYS A CD  1 
ATOM   1209 C  CE  . LYS A 1 156 ? 10.603  5.415   17.179  1.00 73.57 ? 662 LYS A CE  1 
ATOM   1210 N  NZ  . LYS A 1 156 ? 11.706  6.200   16.550  1.00 74.06 ? 662 LYS A NZ  1 
ATOM   1211 N  N   . ALA A 1 157 ? 3.259   5.486   17.979  1.00 76.85 ? 663 ALA A N   1 
ATOM   1212 C  CA  . ALA A 1 157 ? 1.984   6.156   17.767  1.00 77.68 ? 663 ALA A CA  1 
ATOM   1213 C  C   . ALA A 1 157 ? 1.728   7.265   18.789  1.00 77.75 ? 663 ALA A C   1 
ATOM   1214 O  O   . ALA A 1 157 ? 1.747   7.030   20.002  1.00 77.96 ? 663 ALA A O   1 
ATOM   1215 C  CB  . ALA A 1 157 ? 0.861   5.130   17.804  1.00 79.26 ? 663 ALA A CB  1 
HETATM 1216 CD CD  . CD  B 2 .   ? -2.389  -4.133  -13.543 0.50 17.50 ? 701 CD  A CD  1 
HETATM 1217 CD CD  . CD  C 2 .   ? 7.453   -12.717 -9.064  1.00 53.39 ? 702 CD  A CD  1 
HETATM 1218 CD CD  . CD  D 2 .   ? 10.256  -10.922 -7.579  1.00 57.32 ? 703 CD  A CD  1 
HETATM 1219 CD CD  . CD  E 2 .   ? 19.551  9.220   0.613   0.60 67.13 ? 704 CD  A CD  1 
HETATM 1220 MG MG  . MG  F 3 .   ? 2.076   -5.805  5.247   1.00 26.90 ? 705 MG  A MG  1 
# 
